data_7ZGW
#
_entry.id   7ZGW
#
_cell.length_a   79.468
_cell.length_b   95.492
_cell.length_c   94.536
_cell.angle_alpha   90.000
_cell.angle_beta   92.052
_cell.angle_gamma   90.000
#
_symmetry.space_group_name_H-M   'P 1 21 1'
#
loop_
_entity.id
_entity.type
_entity.pdbx_description
1 polymer 'Serratia NucC'
2 water water
#
_entity_poly.entity_id   1
_entity_poly.type   'polypeptide(L)'
_entity_poly.pdbx_seq_one_letter_code
;KEEKLTMTNQAKKLSRINGREFLKQSFNLQQQLLASQLNLSRTITHDGTMGEVNESYFLSIIRQYLPERYSVDRGVVVDS
EGQTSDQIDAVIFDRHYTPTLLDQQGHRFIPAEAVYAVLEVKPTINKTYLEYAADKAASVRKLYRTSTVIKNIYGTAKPV
EHFPIVAGIVAIDVEWQDGLGKAFTENLQAVSSDENRKLDCGLAVSGACFDSYDEEIKIRSGENALIFFLFRLLGKLQSL
GTVPAIDWRVYIDSLE
;
_entity_poly.pdbx_strand_id   A,B,D,C,E,F
#
# COMPACT_ATOMS: atom_id res chain seq x y z
N ASN A 18 -5.13 -21.05 -24.71
CA ASN A 18 -3.69 -20.83 -24.83
C ASN A 18 -3.26 -19.40 -24.50
N GLY A 19 -1.97 -19.12 -24.72
CA GLY A 19 -1.41 -17.87 -24.23
C GLY A 19 -1.93 -16.67 -24.99
N ARG A 20 -2.08 -16.81 -26.31
CA ARG A 20 -2.54 -15.66 -27.09
C ARG A 20 -3.99 -15.36 -26.79
N GLU A 21 -4.81 -16.40 -26.67
CA GLU A 21 -6.21 -16.20 -26.28
C GLU A 21 -6.32 -15.56 -24.91
N PHE A 22 -5.48 -15.99 -23.95
CA PHE A 22 -5.53 -15.36 -22.62
C PHE A 22 -5.08 -13.90 -22.68
N LEU A 23 -4.11 -13.60 -23.54
CA LEU A 23 -3.69 -12.22 -23.71
C LEU A 23 -4.84 -11.37 -24.22
N LYS A 24 -5.50 -11.83 -25.27
CA LYS A 24 -6.64 -11.10 -25.84
C LYS A 24 -7.73 -10.88 -24.79
N GLN A 25 -8.07 -11.92 -24.04
CA GLN A 25 -9.18 -11.80 -23.08
C GLN A 25 -8.81 -10.92 -21.90
N SER A 26 -7.56 -11.00 -21.44
CA SER A 26 -7.13 -10.13 -20.36
C SER A 26 -7.32 -8.66 -20.71
N PHE A 27 -7.09 -8.27 -21.97
CA PHE A 27 -7.30 -6.88 -22.36
C PHE A 27 -8.73 -6.61 -22.80
N ASN A 28 -9.34 -7.51 -23.57
CA ASN A 28 -10.69 -7.23 -24.05
C ASN A 28 -11.68 -7.18 -22.89
N LEU A 29 -11.51 -8.04 -21.88
CA LEU A 29 -12.48 -7.97 -20.77
C LEU A 29 -12.30 -6.67 -19.99
N GLN A 30 -11.08 -6.15 -19.91
CA GLN A 30 -10.86 -4.85 -19.28
C GLN A 30 -11.42 -3.72 -20.14
N GLN A 31 -11.34 -3.87 -21.47
CA GLN A 31 -11.98 -2.93 -22.38
C GLN A 31 -13.48 -2.88 -22.12
N GLN A 32 -14.12 -4.04 -21.95
CA GLN A 32 -15.54 -4.07 -21.65
C GLN A 32 -15.84 -3.44 -20.29
N LEU A 33 -15.00 -3.70 -19.28
CA LEU A 33 -15.23 -3.10 -17.96
C LEU A 33 -15.11 -1.58 -18.04
N LEU A 34 -14.13 -1.12 -18.78
CA LEU A 34 -13.90 0.31 -18.95
C LEU A 34 -15.07 0.93 -19.70
N ALA A 35 -15.53 0.28 -20.78
CA ALA A 35 -16.69 0.78 -21.54
C ALA A 35 -17.91 0.89 -20.66
N SER A 36 -18.13 -0.12 -19.82
CA SER A 36 -19.31 -0.11 -18.98
C SER A 36 -19.32 1.10 -18.05
N GLN A 37 -18.21 1.33 -17.36
CA GLN A 37 -18.10 2.41 -16.37
C GLN A 37 -18.14 3.79 -17.01
N LEU A 38 -17.44 3.95 -18.13
CA LEU A 38 -17.44 5.25 -18.81
C LEU A 38 -18.80 5.59 -19.40
N ASN A 39 -19.52 4.57 -19.91
CA ASN A 39 -20.88 4.79 -20.37
C ASN A 39 -21.77 5.22 -19.23
N LEU A 40 -21.63 4.58 -18.07
CA LEU A 40 -22.43 5.01 -16.94
C LEU A 40 -22.11 6.46 -16.58
N SER A 41 -20.83 6.80 -16.53
CA SER A 41 -20.43 8.13 -16.09
C SER A 41 -20.92 9.19 -17.06
N ARG A 42 -20.84 8.89 -18.35
CA ARG A 42 -21.34 9.84 -19.35
C ARG A 42 -22.82 10.11 -19.16
N THR A 43 -23.61 9.07 -18.91
CA THR A 43 -25.02 9.29 -18.65
C THR A 43 -25.24 10.12 -17.39
N ILE A 44 -24.52 9.80 -16.31
CA ILE A 44 -24.83 10.43 -15.04
C ILE A 44 -24.34 11.88 -14.98
N THR A 45 -23.39 12.25 -15.82
CA THR A 45 -22.93 13.63 -15.91
C THR A 45 -23.66 14.42 -16.98
N HIS A 46 -24.71 13.84 -17.56
CA HIS A 46 -25.44 14.42 -18.68
C HIS A 46 -24.49 14.82 -19.80
N ASP A 47 -23.74 13.81 -20.26
CA ASP A 47 -22.84 13.94 -21.41
C ASP A 47 -21.75 14.97 -21.14
N GLY A 48 -21.16 14.88 -19.95
CA GLY A 48 -20.07 15.75 -19.59
C GLY A 48 -20.44 17.22 -19.54
N THR A 49 -21.68 17.54 -19.22
CA THR A 49 -22.12 18.92 -19.03
C THR A 49 -22.26 19.33 -17.56
N MET A 50 -22.84 18.46 -16.72
CA MET A 50 -23.01 18.68 -15.28
C MET A 50 -21.86 18.08 -14.46
N GLY A 51 -20.91 17.44 -15.10
CA GLY A 51 -19.77 16.85 -14.43
C GLY A 51 -18.81 16.34 -15.49
N GLU A 52 -17.63 15.99 -15.04
CA GLU A 52 -16.57 15.46 -15.89
C GLU A 52 -16.76 13.95 -15.95
N VAL A 53 -16.66 13.38 -17.15
CA VAL A 53 -16.62 11.91 -17.27
C VAL A 53 -15.54 11.39 -16.34
N ASN A 54 -15.86 10.37 -15.53
CA ASN A 54 -14.96 9.93 -14.46
C ASN A 54 -13.81 9.09 -15.03
N GLU A 55 -12.58 9.59 -14.91
CA GLU A 55 -11.40 8.97 -15.50
C GLU A 55 -10.77 7.89 -14.63
N SER A 56 -11.38 7.54 -13.49
CA SER A 56 -10.72 6.68 -12.51
C SER A 56 -10.41 5.28 -13.02
N TYR A 57 -11.37 4.65 -13.73
CA TYR A 57 -11.13 3.31 -14.27
C TYR A 57 -10.05 3.35 -15.34
N PHE A 58 -10.05 4.40 -16.16
CA PHE A 58 -9.03 4.50 -17.20
C PHE A 58 -7.65 4.68 -16.56
N LEU A 59 -7.54 5.58 -15.57
CA LEU A 59 -6.27 5.76 -14.86
C LEU A 59 -5.77 4.45 -14.27
N SER A 60 -6.64 3.68 -13.62
CA SER A 60 -6.13 2.45 -12.98
C SER A 60 -5.60 1.46 -14.02
N ILE A 61 -6.26 1.35 -15.17
CA ILE A 61 -5.86 0.39 -16.19
C ILE A 61 -4.54 0.82 -16.85
N ILE A 62 -4.41 2.09 -17.22
CA ILE A 62 -3.19 2.49 -17.92
C ILE A 62 -2.01 2.50 -16.94
N ARG A 63 -2.24 2.83 -15.68
CA ARG A 63 -1.22 2.72 -14.65
C ARG A 63 -0.76 1.27 -14.48
N GLN A 64 -1.71 0.35 -14.44
CA GLN A 64 -1.38 -1.06 -14.30
C GLN A 64 -0.59 -1.54 -15.51
N TYR A 65 -1.02 -1.17 -16.72
CA TYR A 65 -0.34 -1.61 -17.93
C TYR A 65 1.07 -1.05 -18.06
N LEU A 66 1.23 0.26 -17.87
CA LEU A 66 2.50 0.85 -18.26
C LEU A 66 3.66 0.39 -17.38
N PRO A 67 4.86 0.28 -17.96
CA PRO A 67 6.06 0.10 -17.14
C PRO A 67 6.12 1.12 -15.99
N GLU A 68 6.73 0.68 -14.88
CA GLU A 68 6.78 1.50 -13.68
C GLU A 68 7.59 2.77 -13.87
N ARG A 69 8.39 2.84 -14.92
CA ARG A 69 9.09 4.10 -15.18
C ARG A 69 8.11 5.22 -15.51
N TYR A 70 6.86 4.88 -15.86
CA TYR A 70 5.84 5.89 -16.14
C TYR A 70 4.86 5.98 -14.96
N SER A 71 4.56 7.22 -14.56
CA SER A 71 3.50 7.52 -13.63
C SER A 71 2.38 8.19 -14.40
N VAL A 72 1.16 8.08 -13.87
CA VAL A 72 -0.02 8.64 -14.52
C VAL A 72 -0.97 9.16 -13.45
N ASP A 73 -1.46 10.38 -13.63
CA ASP A 73 -2.48 10.91 -12.72
C ASP A 73 -3.12 12.15 -13.32
N ARG A 74 -4.27 12.53 -12.74
CA ARG A 74 -4.86 13.84 -12.97
C ARG A 74 -3.90 14.89 -12.47
N GLY A 75 -3.83 16.01 -13.16
CA GLY A 75 -3.04 17.10 -12.61
C GLY A 75 -2.99 18.33 -13.49
N VAL A 76 -2.03 19.18 -13.14
CA VAL A 76 -1.75 20.41 -13.85
C VAL A 76 -0.24 20.52 -14.03
N VAL A 77 0.19 20.95 -15.21
CA VAL A 77 1.61 21.03 -15.52
C VAL A 77 2.08 22.44 -15.27
N VAL A 78 3.31 22.58 -14.74
CA VAL A 78 3.88 23.89 -14.41
C VAL A 78 5.28 23.96 -14.98
N ASP A 79 5.71 25.16 -15.34
CA ASP A 79 7.10 25.32 -15.77
C ASP A 79 7.86 26.27 -14.84
N SER A 80 9.16 26.40 -15.09
CA SER A 80 10.02 27.14 -14.18
C SER A 80 9.78 28.64 -14.27
N GLU A 81 9.04 29.09 -15.28
CA GLU A 81 8.67 30.49 -15.41
C GLU A 81 7.33 30.81 -14.74
N GLY A 82 6.74 29.83 -14.06
CA GLY A 82 5.48 30.00 -13.40
C GLY A 82 4.25 29.82 -14.27
N GLN A 83 4.41 29.53 -15.56
CA GLN A 83 3.23 29.27 -16.39
C GLN A 83 2.65 27.91 -16.05
N THR A 84 1.32 27.81 -16.13
CA THR A 84 0.64 26.54 -15.88
C THR A 84 -0.23 26.19 -17.08
N SER A 85 -0.38 24.88 -17.29
CA SER A 85 -1.31 24.36 -18.28
C SER A 85 -2.73 24.40 -17.71
N ASP A 86 -3.68 23.99 -18.54
CA ASP A 86 -5.02 23.62 -18.10
C ASP A 86 -4.94 22.34 -17.23
N GLN A 87 -6.04 22.04 -16.53
CA GLN A 87 -6.16 20.75 -15.85
C GLN A 87 -6.19 19.63 -16.91
N ILE A 88 -5.53 18.51 -16.60
CA ILE A 88 -5.41 17.38 -17.50
C ILE A 88 -5.92 16.14 -16.78
N ASP A 89 -6.75 15.35 -17.47
CA ASP A 89 -7.28 14.11 -16.87
C ASP A 89 -6.21 13.06 -16.59
N ALA A 90 -5.26 12.86 -17.51
CA ALA A 90 -4.24 11.80 -17.38
C ALA A 90 -2.92 12.29 -17.95
N VAL A 91 -2.05 12.77 -17.07
CA VAL A 91 -0.67 13.10 -17.42
C VAL A 91 0.21 11.88 -17.23
N ILE A 92 1.00 11.53 -18.25
CA ILE A 92 2.00 10.47 -18.10
C ILE A 92 3.33 11.17 -17.85
N PHE A 93 3.98 10.87 -16.75
CA PHE A 93 5.14 11.65 -16.35
C PHE A 93 6.14 10.82 -15.56
N ASP A 94 7.31 11.42 -15.37
CA ASP A 94 8.36 10.79 -14.61
C ASP A 94 8.32 11.17 -13.14
N ARG A 95 8.51 10.16 -12.29
CA ARG A 95 8.81 10.35 -10.87
C ARG A 95 10.11 9.67 -10.41
N HIS A 96 10.84 8.96 -11.28
CA HIS A 96 12.06 8.27 -10.83
C HIS A 96 13.25 9.23 -10.67
N TYR A 97 13.33 10.24 -11.54
CA TYR A 97 14.42 11.21 -11.57
C TYR A 97 13.95 12.61 -11.19
N THR A 98 12.64 12.84 -11.19
CA THR A 98 11.97 14.12 -11.01
C THR A 98 11.44 14.29 -9.59
N PRO A 99 11.64 15.44 -8.95
CA PRO A 99 11.06 15.66 -7.63
C PRO A 99 9.54 15.78 -7.73
N THR A 100 8.91 15.55 -6.60
CA THR A 100 7.48 15.76 -6.43
C THR A 100 7.31 17.11 -5.76
N LEU A 101 6.31 17.87 -6.17
CA LEU A 101 6.09 19.17 -5.57
C LEU A 101 5.12 19.10 -4.39
N LEU A 102 5.25 18.06 -3.57
CA LEU A 102 4.48 17.87 -2.33
C LEU A 102 2.97 17.89 -2.57
N ASP A 103 2.54 17.04 -3.48
CA ASP A 103 1.14 16.85 -3.81
C ASP A 103 0.70 15.45 -3.36
N GLN A 104 -0.54 15.11 -3.68
CA GLN A 104 -1.13 13.82 -3.34
C GLN A 104 -1.79 13.21 -4.56
N GLN A 105 -2.05 11.89 -4.50
CA GLN A 105 -2.74 11.22 -5.60
C GLN A 105 -4.06 11.89 -5.91
N GLY A 106 -4.34 12.05 -7.19
CA GLY A 106 -5.58 12.62 -7.67
C GLY A 106 -5.44 14.06 -8.14
N HIS A 107 -4.36 14.77 -7.76
CA HIS A 107 -4.12 16.13 -8.30
C HIS A 107 -2.63 16.42 -8.18
N ARG A 108 -1.90 16.14 -9.23
CA ARG A 108 -0.46 16.33 -9.23
C ARG A 108 -0.13 17.68 -9.84
N PHE A 109 0.94 18.26 -9.33
CA PHE A 109 1.48 19.56 -9.74
C PHE A 109 2.83 19.21 -10.38
N ILE A 110 2.87 19.10 -11.70
CA ILE A 110 3.91 18.34 -12.40
C ILE A 110 4.81 19.29 -13.18
N PRO A 111 6.12 19.25 -12.97
CA PRO A 111 7.02 20.07 -13.83
C PRO A 111 6.99 19.64 -15.29
N ALA A 112 7.04 20.62 -16.19
CA ALA A 112 6.87 20.31 -17.60
C ALA A 112 7.96 19.38 -18.13
N GLU A 113 9.18 19.50 -17.62
CA GLU A 113 10.27 18.63 -18.08
C GLU A 113 10.05 17.17 -17.76
N ALA A 114 9.07 16.86 -16.92
CA ALA A 114 8.81 15.46 -16.54
C ALA A 114 7.72 14.79 -17.35
N VAL A 115 7.07 15.51 -18.25
CA VAL A 115 5.88 15.02 -18.94
C VAL A 115 6.24 14.27 -20.23
N TYR A 116 5.70 13.07 -20.37
CA TYR A 116 5.71 12.30 -21.60
C TYR A 116 4.48 12.54 -22.47
N ALA A 117 3.30 12.54 -21.86
CA ALA A 117 2.06 12.50 -22.62
C ALA A 117 0.95 13.09 -21.76
N VAL A 118 -0.09 13.56 -22.46
CA VAL A 118 -1.32 14.01 -21.85
C VAL A 118 -2.48 13.40 -22.60
N LEU A 119 -3.47 12.94 -21.85
CA LEU A 119 -4.66 12.32 -22.38
C LEU A 119 -5.88 12.91 -21.66
N GLU A 120 -6.87 13.28 -22.44
CA GLU A 120 -8.12 13.83 -21.97
C GLU A 120 -9.20 12.76 -22.12
N VAL A 121 -10.01 12.59 -21.08
CA VAL A 121 -11.10 11.60 -21.08
C VAL A 121 -12.42 12.36 -21.18
N LYS A 122 -13.17 12.12 -22.24
CA LYS A 122 -14.28 12.99 -22.62
C LYS A 122 -15.45 12.17 -23.14
N PRO A 123 -16.62 12.81 -23.33
CA PRO A 123 -17.82 12.04 -23.69
C PRO A 123 -17.72 11.32 -25.02
N THR A 124 -17.21 11.97 -26.05
CA THR A 124 -17.25 11.40 -27.38
C THR A 124 -16.11 12.01 -28.18
N ILE A 125 -15.70 11.32 -29.23
CA ILE A 125 -14.78 11.87 -30.20
C ILE A 125 -15.65 12.51 -31.28
N ASN A 126 -15.54 13.84 -31.38
CA ASN A 126 -16.21 14.65 -32.40
C ASN A 126 -15.41 15.94 -32.55
N LYS A 127 -15.88 16.83 -33.41
CA LYS A 127 -15.11 18.05 -33.67
C LYS A 127 -14.92 18.84 -32.38
N THR A 128 -16.00 19.00 -31.61
CA THR A 128 -15.98 19.80 -30.39
C THR A 128 -14.91 19.29 -29.42
N TYR A 129 -14.93 17.99 -29.14
CA TYR A 129 -13.99 17.49 -28.13
C TYR A 129 -12.59 17.28 -28.70
N LEU A 130 -12.44 17.04 -30.00
CA LEU A 130 -11.10 17.10 -30.60
C LEU A 130 -10.48 18.47 -30.42
N GLU A 131 -11.23 19.53 -30.70
CA GLU A 131 -10.73 20.89 -30.54
C GLU A 131 -10.43 21.22 -29.09
N TYR A 132 -11.30 20.79 -28.19
CA TYR A 132 -11.06 20.96 -26.77
C TYR A 132 -9.77 20.26 -26.33
N ALA A 133 -9.58 19.01 -26.76
CA ALA A 133 -8.42 18.23 -26.34
C ALA A 133 -7.15 18.80 -26.93
N ALA A 134 -7.22 19.29 -28.17
CA ALA A 134 -6.07 19.94 -28.79
C ALA A 134 -5.71 21.24 -28.07
N ASP A 135 -6.72 21.99 -27.61
CA ASP A 135 -6.46 23.17 -26.80
C ASP A 135 -5.77 22.80 -25.48
N LYS A 136 -6.20 21.72 -24.82
CA LYS A 136 -5.52 21.23 -23.62
C LYS A 136 -4.08 20.86 -23.91
N ALA A 137 -3.86 20.14 -25.00
CA ALA A 137 -2.51 19.73 -25.39
C ALA A 137 -1.63 20.95 -25.61
N ALA A 138 -2.17 21.98 -26.28
CA ALA A 138 -1.39 23.21 -26.48
C ALA A 138 -1.04 23.89 -25.16
N SER A 139 -1.93 23.84 -24.17
CA SER A 139 -1.64 24.51 -22.90
C SER A 139 -0.47 23.86 -22.19
N VAL A 140 -0.20 22.60 -22.48
CA VAL A 140 0.96 21.88 -21.96
C VAL A 140 2.18 22.09 -22.86
N ARG A 141 2.03 21.94 -24.18
CA ARG A 141 3.22 22.00 -25.05
C ARG A 141 3.79 23.42 -25.15
N LYS A 142 3.00 24.45 -24.83
CA LYS A 142 3.53 25.82 -24.83
C LYS A 142 4.40 26.14 -23.63
N LEU A 143 4.38 25.33 -22.60
CA LEU A 143 5.20 25.57 -21.42
C LEU A 143 6.68 25.45 -21.75
N TYR A 144 7.49 26.17 -21.00
CA TYR A 144 8.93 26.17 -21.19
C TYR A 144 9.57 24.98 -20.49
N ARG A 145 10.37 24.23 -21.23
CA ARG A 145 11.17 23.13 -20.70
C ARG A 145 12.64 23.51 -20.79
N THR A 146 13.32 23.54 -19.64
CA THR A 146 14.68 24.06 -19.63
C THR A 146 15.63 23.07 -20.27
N SER A 147 16.68 23.61 -20.89
CA SER A 147 17.78 22.77 -21.37
C SER A 147 19.01 22.91 -20.47
N THR A 148 18.88 23.66 -19.36
CA THR A 148 19.97 23.84 -18.41
C THR A 148 20.27 22.53 -17.69
N VAL A 149 21.56 22.22 -17.57
CA VAL A 149 22.03 21.03 -16.86
C VAL A 149 23.12 21.44 -15.88
N ILE A 150 23.31 20.61 -14.86
CA ILE A 150 24.40 20.88 -13.94
C ILE A 150 25.71 20.55 -14.66
N LYS A 151 26.77 21.27 -14.33
CA LYS A 151 28.05 20.97 -14.97
C LYS A 151 27.88 21.05 -16.49
N ASN A 152 27.56 22.26 -16.95
CA ASN A 152 27.26 22.48 -18.36
C ASN A 152 28.48 22.95 -19.17
N ILE A 153 29.62 22.30 -19.00
CA ILE A 153 30.82 22.77 -19.68
C ILE A 153 30.74 22.44 -21.17
N TYR A 154 30.95 23.44 -22.02
CA TYR A 154 30.90 23.21 -23.46
C TYR A 154 31.78 22.03 -23.86
N GLY A 155 31.21 21.12 -24.66
CA GLY A 155 32.00 20.03 -25.21
C GLY A 155 32.04 18.76 -24.37
N THR A 156 31.36 18.74 -23.21
CA THR A 156 31.48 17.60 -22.30
C THR A 156 30.25 16.71 -22.35
N ALA A 157 29.17 17.20 -22.97
CA ALA A 157 27.94 16.45 -23.09
C ALA A 157 27.14 16.96 -24.29
N LYS A 158 26.30 16.07 -24.79
CA LYS A 158 25.30 16.40 -25.80
C LYS A 158 24.29 17.38 -25.22
N PRO A 159 23.96 18.49 -25.90
CA PRO A 159 22.91 19.36 -25.38
C PRO A 159 21.60 18.61 -25.22
N VAL A 160 20.82 19.02 -24.21
CA VAL A 160 19.50 18.43 -24.03
C VAL A 160 18.67 18.67 -25.27
N GLU A 161 17.95 17.65 -25.71
CA GLU A 161 17.03 17.76 -26.83
C GLU A 161 15.68 17.22 -26.39
N HIS A 162 14.74 18.13 -26.13
CA HIS A 162 13.42 17.74 -25.66
C HIS A 162 12.63 17.07 -26.77
N PHE A 163 11.81 16.08 -26.41
CA PHE A 163 10.99 15.43 -27.43
C PHE A 163 9.60 16.04 -27.42
N PRO A 164 8.83 15.84 -28.49
CA PRO A 164 7.45 16.36 -28.51
C PRO A 164 6.59 15.54 -27.57
N ILE A 165 5.85 16.23 -26.72
CA ILE A 165 4.90 15.56 -25.85
C ILE A 165 3.77 14.96 -26.68
N VAL A 166 3.40 13.75 -26.35
CA VAL A 166 2.29 13.03 -26.96
C VAL A 166 0.97 13.49 -26.35
N ALA A 167 -0.05 13.69 -27.19
CA ALA A 167 -1.36 14.08 -26.70
C ALA A 167 -2.45 13.24 -27.36
N GLY A 168 -3.49 12.96 -26.60
CA GLY A 168 -4.56 12.13 -27.11
C GLY A 168 -5.87 12.29 -26.36
N ILE A 169 -6.90 11.59 -26.85
CA ILE A 169 -8.26 11.72 -26.36
C ILE A 169 -8.81 10.32 -26.17
N VAL A 170 -9.45 10.12 -25.02
CA VAL A 170 -10.12 8.86 -24.68
C VAL A 170 -11.59 9.21 -24.50
N ALA A 171 -12.46 8.44 -25.15
CA ALA A 171 -13.87 8.74 -25.07
C ALA A 171 -14.72 7.48 -25.12
N ILE A 172 -16.03 7.66 -24.92
CA ILE A 172 -16.97 6.53 -24.91
C ILE A 172 -17.13 5.97 -26.32
N ASP A 173 -17.36 6.86 -27.28
CA ASP A 173 -17.67 6.43 -28.64
C ASP A 173 -17.25 7.54 -29.59
N VAL A 174 -17.59 7.36 -30.86
CA VAL A 174 -17.23 8.25 -31.96
C VAL A 174 -18.55 8.77 -32.53
N GLU A 175 -18.71 10.09 -32.58
CA GLU A 175 -20.00 10.66 -32.97
C GLU A 175 -20.26 10.64 -34.49
N TRP A 176 -19.21 10.78 -35.31
CA TRP A 176 -19.43 10.88 -36.74
C TRP A 176 -20.15 9.66 -37.33
N GLN A 177 -20.94 9.93 -38.37
CA GLN A 177 -21.67 8.88 -39.07
C GLN A 177 -20.77 7.75 -39.57
N ASP A 178 -19.56 8.07 -40.02
CA ASP A 178 -18.66 7.04 -40.53
C ASP A 178 -17.68 6.53 -39.50
N GLY A 179 -17.87 6.84 -38.22
CA GLY A 179 -16.85 6.46 -37.25
C GLY A 179 -15.58 7.27 -37.50
N LEU A 180 -14.42 6.59 -37.37
CA LEU A 180 -13.12 7.20 -37.65
C LEU A 180 -12.81 7.18 -39.15
N GLY A 181 -13.71 7.79 -39.90
CA GLY A 181 -13.57 7.92 -41.33
C GLY A 181 -13.17 9.30 -41.82
N LYS A 182 -13.77 9.69 -42.93
CA LYS A 182 -13.28 10.83 -43.70
C LYS A 182 -13.40 12.13 -42.91
N ALA A 183 -14.57 12.39 -42.32
CA ALA A 183 -14.73 13.64 -41.58
C ALA A 183 -13.80 13.65 -40.39
N PHE A 184 -13.63 12.49 -39.75
CA PHE A 184 -12.74 12.42 -38.61
C PHE A 184 -11.32 12.78 -39.01
N THR A 185 -10.82 12.17 -40.08
CA THR A 185 -9.41 12.42 -40.43
C THR A 185 -9.22 13.86 -40.90
N GLU A 186 -10.22 14.45 -41.56
CA GLU A 186 -10.11 15.85 -41.96
C GLU A 186 -10.02 16.75 -40.72
N ASN A 187 -10.89 16.51 -39.73
CA ASN A 187 -10.84 17.24 -38.47
C ASN A 187 -9.52 17.06 -37.74
N LEU A 188 -9.06 15.81 -37.63
CA LEU A 188 -7.78 15.55 -36.97
C LEU A 188 -6.64 16.31 -37.62
N GLN A 189 -6.57 16.26 -38.96
CA GLN A 189 -5.49 16.94 -39.66
C GLN A 189 -5.57 18.44 -39.45
N ALA A 190 -6.78 18.98 -39.37
CA ALA A 190 -6.93 20.42 -39.19
C ALA A 190 -6.43 20.86 -37.81
N VAL A 191 -6.89 20.21 -36.73
CA VAL A 191 -6.37 20.62 -35.43
C VAL A 191 -4.87 20.37 -35.37
N SER A 192 -4.38 19.34 -36.09
CA SER A 192 -3.00 18.92 -35.92
C SER A 192 -2.03 19.69 -36.84
N SER A 193 -2.53 20.63 -37.64
CA SER A 193 -1.64 21.45 -38.45
C SER A 193 -0.78 22.40 -37.61
N ASP A 194 -1.13 22.61 -36.34
CA ASP A 194 -0.34 23.37 -35.39
C ASP A 194 0.33 22.37 -34.45
N GLU A 195 1.68 22.35 -34.41
CA GLU A 195 2.34 21.29 -33.65
C GLU A 195 1.95 21.29 -32.18
N ASN A 196 1.62 22.48 -31.65
CA ASN A 196 1.21 22.61 -30.25
C ASN A 196 -0.11 21.91 -30.00
N ARG A 197 -0.96 21.83 -31.03
CA ARG A 197 -2.32 21.31 -30.89
C ARG A 197 -2.49 19.86 -31.36
N LYS A 198 -1.45 19.27 -31.93
CA LYS A 198 -1.52 17.92 -32.49
C LYS A 198 -2.05 16.89 -31.52
N LEU A 199 -2.96 16.07 -32.00
CA LEU A 199 -3.45 14.91 -31.26
C LEU A 199 -2.89 13.68 -31.94
N ASP A 200 -1.95 13.02 -31.24
CA ASP A 200 -1.24 11.87 -31.77
C ASP A 200 -2.10 10.62 -31.78
N CYS A 201 -3.08 10.53 -30.89
CA CYS A 201 -3.74 9.26 -30.67
C CYS A 201 -5.08 9.42 -29.96
N GLY A 202 -5.90 8.37 -30.05
CA GLY A 202 -7.16 8.36 -29.35
C GLY A 202 -7.74 6.96 -29.25
N LEU A 203 -8.67 6.83 -28.31
CA LEU A 203 -9.33 5.57 -28.00
C LEU A 203 -10.79 5.83 -27.75
N ALA A 204 -11.66 5.12 -28.45
CA ALA A 204 -13.07 5.08 -28.16
C ALA A 204 -13.37 3.69 -27.58
N VAL A 205 -13.76 3.63 -26.33
CA VAL A 205 -13.88 2.33 -25.67
C VAL A 205 -15.03 1.50 -26.22
N SER A 206 -15.92 2.09 -27.04
CA SER A 206 -16.85 1.30 -27.85
C SER A 206 -16.13 0.33 -28.79
N GLY A 207 -14.85 0.60 -29.09
CA GLY A 207 -14.02 -0.30 -29.87
C GLY A 207 -13.34 0.30 -31.09
N ALA A 208 -12.69 1.45 -30.95
CA ALA A 208 -11.90 1.99 -32.05
C ALA A 208 -10.74 2.79 -31.47
N CYS A 209 -9.60 2.75 -32.16
CA CYS A 209 -8.48 3.58 -31.80
C CYS A 209 -7.77 4.06 -33.04
N PHE A 210 -6.98 5.13 -32.86
CA PHE A 210 -6.18 5.66 -33.93
C PHE A 210 -4.86 6.21 -33.39
N ASP A 211 -3.90 6.32 -34.31
CA ASP A 211 -2.74 7.12 -34.02
C ASP A 211 -2.08 7.54 -35.32
N SER A 212 -1.24 8.54 -35.19
CA SER A 212 -0.39 9.04 -36.27
C SER A 212 1.07 8.78 -35.97
N TYR A 213 1.38 7.75 -35.16
CA TYR A 213 2.78 7.53 -34.77
C TYR A 213 3.65 7.21 -35.97
N ASP A 214 3.06 6.61 -37.01
CA ASP A 214 3.80 6.27 -38.22
C ASP A 214 3.46 7.21 -39.37
N GLU A 215 3.03 8.42 -39.03
CA GLU A 215 2.64 9.47 -39.98
C GLU A 215 1.26 9.17 -40.57
N GLU A 216 1.14 8.09 -41.34
CA GLU A 216 -0.16 7.62 -41.76
C GLU A 216 -1.06 7.48 -40.53
N ILE A 217 -2.33 7.83 -40.68
CA ILE A 217 -3.29 7.65 -39.60
C ILE A 217 -3.69 6.18 -39.61
N LYS A 218 -3.37 5.47 -38.54
CA LYS A 218 -3.66 4.05 -38.46
C LYS A 218 -4.83 3.85 -37.49
N ILE A 219 -5.84 3.15 -37.97
CA ILE A 219 -7.08 2.93 -37.24
C ILE A 219 -7.30 1.45 -37.02
N ARG A 220 -7.72 1.10 -35.79
CA ARG A 220 -8.13 -0.25 -35.43
C ARG A 220 -9.54 -0.20 -34.87
N SER A 221 -10.27 -1.31 -35.00
CA SER A 221 -11.64 -1.36 -34.54
C SER A 221 -11.90 -2.74 -33.96
N GLY A 222 -12.78 -2.81 -32.96
CA GLY A 222 -13.26 -4.08 -32.47
C GLY A 222 -12.74 -4.45 -31.09
N GLU A 223 -12.72 -5.76 -30.83
CA GLU A 223 -12.40 -6.28 -29.50
C GLU A 223 -10.99 -5.94 -29.01
N ASN A 224 -10.04 -5.67 -29.92
CA ASN A 224 -8.66 -5.42 -29.53
C ASN A 224 -8.33 -3.94 -29.55
N ALA A 225 -9.33 -3.06 -29.54
CA ALA A 225 -9.02 -1.64 -29.56
C ALA A 225 -8.15 -1.22 -28.37
N LEU A 226 -8.46 -1.70 -27.16
CA LEU A 226 -7.69 -1.31 -25.98
C LEU A 226 -6.25 -1.82 -26.07
N ILE A 227 -6.07 -3.11 -26.37
CA ILE A 227 -4.71 -3.63 -26.40
C ILE A 227 -3.89 -2.92 -27.47
N PHE A 228 -4.51 -2.57 -28.61
CA PHE A 228 -3.77 -1.85 -29.65
C PHE A 228 -3.40 -0.47 -29.17
N PHE A 229 -4.37 0.24 -28.62
CA PHE A 229 -4.12 1.58 -28.12
C PHE A 229 -2.95 1.59 -27.14
N LEU A 230 -2.96 0.63 -26.20
CA LEU A 230 -1.97 0.66 -25.12
C LEU A 230 -0.59 0.24 -25.63
N PHE A 231 -0.51 -0.82 -26.43
CA PHE A 231 0.79 -1.24 -26.94
C PHE A 231 1.36 -0.22 -27.94
N ARG A 232 0.50 0.36 -28.77
CA ARG A 232 1.00 1.38 -29.69
C ARG A 232 1.49 2.60 -28.92
N LEU A 233 0.77 3.01 -27.86
CA LEU A 233 1.21 4.13 -27.04
C LEU A 233 2.53 3.82 -26.36
N LEU A 234 2.67 2.61 -25.81
CA LEU A 234 3.95 2.24 -25.22
C LEU A 234 5.07 2.29 -26.25
N GLY A 235 4.81 1.81 -27.47
CA GLY A 235 5.86 1.83 -28.48
C GLY A 235 6.31 3.26 -28.77
N LYS A 236 5.36 4.18 -28.87
CA LYS A 236 5.69 5.59 -29.07
C LYS A 236 6.47 6.15 -27.89
N LEU A 237 5.98 5.93 -26.67
CA LEU A 237 6.71 6.35 -25.48
C LEU A 237 8.12 5.81 -25.47
N GLN A 238 8.27 4.51 -25.70
CA GLN A 238 9.59 3.91 -25.65
C GLN A 238 10.53 4.58 -26.66
N SER A 239 10.01 4.93 -27.83
CA SER A 239 10.85 5.61 -28.81
C SER A 239 11.32 6.98 -28.34
N LEU A 240 10.65 7.61 -27.36
CA LEU A 240 11.09 8.91 -26.90
C LEU A 240 12.26 8.83 -25.93
N GLY A 241 12.41 7.71 -25.26
CA GLY A 241 13.40 7.59 -24.23
C GLY A 241 12.95 8.28 -22.96
N THR A 242 13.84 8.25 -21.98
CA THR A 242 13.57 8.87 -20.70
C THR A 242 13.66 10.39 -20.83
N VAL A 243 12.84 11.07 -20.06
CA VAL A 243 12.92 12.53 -20.01
C VAL A 243 14.36 12.93 -19.71
N PRO A 244 14.85 13.97 -20.37
CA PRO A 244 16.24 14.38 -20.19
C PRO A 244 16.46 14.91 -18.79
N ALA A 245 17.58 14.54 -18.22
CA ALA A 245 17.94 15.03 -16.89
C ALA A 245 18.36 16.51 -16.98
N ILE A 246 17.72 17.37 -16.20
CA ILE A 246 18.00 18.79 -16.27
C ILE A 246 18.21 19.31 -14.85
N ASP A 247 18.58 20.57 -14.76
CA ASP A 247 18.87 21.19 -13.47
C ASP A 247 17.57 21.73 -12.87
N TRP A 248 17.03 20.99 -11.92
CA TRP A 248 15.79 21.39 -11.27
C TRP A 248 15.89 22.71 -10.53
N ARG A 249 17.10 23.20 -10.27
CA ARG A 249 17.21 24.46 -9.55
C ARG A 249 16.71 25.65 -10.36
N VAL A 250 16.44 25.48 -11.66
CA VAL A 250 15.76 26.54 -12.39
C VAL A 250 14.43 26.88 -11.74
N TYR A 251 13.81 25.93 -11.03
CA TYR A 251 12.54 26.22 -10.37
C TYR A 251 12.70 27.12 -9.15
N ILE A 252 13.90 27.26 -8.59
CA ILE A 252 14.12 28.15 -7.45
C ILE A 252 14.92 29.38 -7.81
N ASP A 253 15.44 29.48 -9.03
CA ASP A 253 16.43 30.53 -9.32
C ASP A 253 15.80 31.91 -9.22
N SER A 254 14.49 32.01 -9.43
CA SER A 254 13.79 33.29 -9.41
C SER A 254 13.34 33.73 -8.02
N LEU A 255 13.40 32.85 -7.02
CA LEU A 255 12.88 33.16 -5.69
C LEU A 255 13.94 33.84 -4.84
N ASN B 18 28.40 -6.09 16.94
CA ASN B 18 29.20 -5.88 15.74
C ASN B 18 28.29 -5.99 14.50
N GLY B 19 28.57 -5.19 13.49
CA GLY B 19 27.74 -5.21 12.29
C GLY B 19 27.80 -6.55 11.57
N ARG B 20 28.92 -7.25 11.65
CA ARG B 20 29.01 -8.51 10.91
C ARG B 20 28.15 -9.58 11.56
N GLU B 21 28.12 -9.60 12.89
CA GLU B 21 27.28 -10.57 13.58
C GLU B 21 25.80 -10.26 13.36
N PHE B 22 25.43 -8.98 13.33
CA PHE B 22 24.04 -8.66 13.10
C PHE B 22 23.64 -9.04 11.68
N LEU B 23 24.53 -8.84 10.71
CA LEU B 23 24.30 -9.33 9.35
C LEU B 23 24.06 -10.83 9.34
N LYS B 24 24.94 -11.60 9.96
CA LYS B 24 24.80 -13.05 9.99
C LYS B 24 23.47 -13.46 10.64
N GLN B 25 23.15 -12.87 11.79
CA GLN B 25 21.94 -13.23 12.52
C GLN B 25 20.69 -12.83 11.78
N SER B 26 20.68 -11.64 11.18
CA SER B 26 19.52 -11.23 10.40
C SER B 26 19.19 -12.30 9.37
N PHE B 27 20.20 -12.78 8.64
CA PHE B 27 19.92 -13.73 7.58
C PHE B 27 19.71 -15.14 8.15
N ASN B 28 20.46 -15.54 9.18
CA ASN B 28 20.28 -16.90 9.66
C ASN B 28 18.94 -17.06 10.38
N LEU B 29 18.48 -16.02 11.09
CA LEU B 29 17.16 -16.11 11.71
C LEU B 29 16.07 -16.19 10.66
N GLN B 30 16.25 -15.52 9.52
CA GLN B 30 15.27 -15.65 8.44
C GLN B 30 15.34 -17.04 7.82
N GLN B 31 16.54 -17.63 7.76
CA GLN B 31 16.69 -18.99 7.27
C GLN B 31 15.92 -19.96 8.15
N GLN B 32 16.07 -19.80 9.46
CA GLN B 32 15.34 -20.65 10.39
C GLN B 32 13.84 -20.47 10.26
N LEU B 33 13.40 -19.21 10.10
CA LEU B 33 11.98 -18.93 9.91
C LEU B 33 11.45 -19.60 8.66
N LEU B 34 12.20 -19.50 7.56
CA LEU B 34 11.74 -20.11 6.32
C LEU B 34 11.75 -21.63 6.44
N ALA B 35 12.80 -22.18 7.07
CA ALA B 35 12.85 -23.62 7.28
C ALA B 35 11.64 -24.07 8.08
N SER B 36 11.26 -23.28 9.08
CA SER B 36 10.15 -23.65 9.94
C SER B 36 8.84 -23.67 9.18
N GLN B 37 8.61 -22.66 8.33
CA GLN B 37 7.39 -22.58 7.53
C GLN B 37 7.34 -23.68 6.48
N LEU B 38 8.45 -23.91 5.78
CA LEU B 38 8.49 -25.00 4.80
C LEU B 38 8.42 -26.37 5.47
N ASN B 39 8.98 -26.50 6.68
CA ASN B 39 8.85 -27.75 7.43
C ASN B 39 7.37 -28.02 7.72
N LEU B 40 6.63 -27.01 8.18
CA LEU B 40 5.19 -27.20 8.39
C LEU B 40 4.49 -27.55 7.09
N SER B 41 4.77 -26.81 6.00
CA SER B 41 4.09 -27.06 4.74
C SER B 41 4.36 -28.50 4.28
N ARG B 42 5.61 -28.95 4.41
CA ARG B 42 5.93 -30.34 4.13
C ARG B 42 5.00 -31.29 4.89
N THR B 43 4.89 -31.08 6.20
CA THR B 43 4.12 -31.99 7.03
C THR B 43 2.64 -31.95 6.67
N ILE B 44 2.12 -30.75 6.44
CA ILE B 44 0.71 -30.56 6.08
C ILE B 44 0.39 -31.17 4.73
N THR B 45 1.32 -31.10 3.78
CA THR B 45 1.09 -31.63 2.43
C THR B 45 1.54 -33.08 2.27
N HIS B 46 1.95 -33.74 3.35
CA HIS B 46 2.55 -35.07 3.29
C HIS B 46 3.65 -35.11 2.22
N ASP B 47 4.65 -34.25 2.44
CA ASP B 47 5.82 -34.13 1.56
C ASP B 47 5.40 -33.85 0.13
N GLY B 48 4.48 -32.92 -0.05
CA GLY B 48 4.05 -32.52 -1.38
C GLY B 48 3.17 -33.52 -2.10
N THR B 49 2.64 -34.53 -1.41
CA THR B 49 1.78 -35.53 -2.05
C THR B 49 0.30 -35.20 -1.96
N MET B 50 -0.11 -34.29 -1.07
CA MET B 50 -1.50 -33.83 -0.96
C MET B 50 -1.52 -32.30 -1.04
N GLY B 51 -0.94 -31.77 -2.10
CA GLY B 51 -0.79 -30.35 -2.27
C GLY B 51 0.66 -29.97 -2.46
N GLU B 52 0.88 -28.78 -3.00
CA GLU B 52 2.24 -28.29 -3.20
C GLU B 52 2.70 -27.55 -1.96
N VAL B 53 4.00 -27.62 -1.71
CA VAL B 53 4.62 -26.81 -0.67
C VAL B 53 4.33 -25.34 -0.95
N ASN B 54 4.05 -24.57 0.10
CA ASN B 54 3.61 -23.17 -0.08
C ASN B 54 4.83 -22.27 -0.31
N GLU B 55 4.99 -21.79 -1.55
CA GLU B 55 6.12 -20.93 -1.96
C GLU B 55 6.05 -19.50 -1.42
N SER B 56 4.93 -19.08 -0.86
CA SER B 56 4.77 -17.64 -0.66
C SER B 56 5.65 -17.10 0.46
N TYR B 57 6.07 -17.90 1.45
CA TYR B 57 7.03 -17.34 2.39
C TYR B 57 8.40 -17.18 1.75
N PHE B 58 8.78 -18.07 0.84
CA PHE B 58 10.02 -17.82 0.14
C PHE B 58 9.92 -16.56 -0.71
N LEU B 59 8.81 -16.39 -1.43
CA LEU B 59 8.61 -15.19 -2.24
C LEU B 59 8.80 -13.92 -1.40
N SER B 60 8.17 -13.86 -0.23
CA SER B 60 8.23 -12.62 0.55
C SER B 60 9.67 -12.29 0.93
N ILE B 61 10.46 -13.31 1.29
CA ILE B 61 11.85 -13.06 1.67
C ILE B 61 12.69 -12.63 0.48
N ILE B 62 12.60 -13.34 -0.65
CA ILE B 62 13.48 -12.95 -1.74
C ILE B 62 13.04 -11.59 -2.32
N ARG B 63 11.75 -11.31 -2.25
CA ARG B 63 11.25 -9.98 -2.65
C ARG B 63 11.80 -8.88 -1.74
N GLN B 64 11.82 -9.14 -0.44
CA GLN B 64 12.39 -8.16 0.49
C GLN B 64 13.87 -7.93 0.20
N TYR B 65 14.62 -8.99 -0.08
CA TYR B 65 16.06 -8.88 -0.26
C TYR B 65 16.41 -8.16 -1.55
N LEU B 66 15.76 -8.52 -2.66
CA LEU B 66 16.30 -8.12 -3.96
C LEU B 66 16.19 -6.61 -4.18
N PRO B 67 17.17 -6.03 -4.90
CA PRO B 67 17.03 -4.64 -5.34
C PRO B 67 15.72 -4.44 -6.09
N GLU B 68 15.16 -3.25 -5.92
CA GLU B 68 13.85 -2.90 -6.49
C GLU B 68 13.83 -2.93 -8.00
N ARG B 69 14.99 -2.94 -8.69
CA ARG B 69 14.97 -3.20 -10.13
C ARG B 69 14.35 -4.55 -10.48
N TYR B 70 14.32 -5.49 -9.54
CA TYR B 70 13.78 -6.82 -9.77
C TYR B 70 12.40 -6.95 -9.12
N SER B 71 11.50 -7.58 -9.84
CA SER B 71 10.19 -7.96 -9.32
C SER B 71 10.20 -9.47 -9.21
N VAL B 72 9.47 -9.99 -8.23
CA VAL B 72 9.41 -11.46 -8.08
C VAL B 72 8.01 -11.87 -7.71
N ASP B 73 7.53 -12.92 -8.38
CA ASP B 73 6.19 -13.42 -8.09
C ASP B 73 6.01 -14.76 -8.78
N ARG B 74 4.95 -15.43 -8.34
CA ARG B 74 4.43 -16.65 -8.96
C ARG B 74 3.67 -16.30 -10.23
N GLY B 75 3.81 -17.13 -11.25
CA GLY B 75 3.05 -16.93 -12.47
C GLY B 75 3.48 -17.84 -13.60
N VAL B 76 3.11 -17.40 -14.80
CA VAL B 76 3.34 -18.10 -16.05
C VAL B 76 4.05 -17.13 -16.96
N VAL B 77 5.04 -17.63 -17.69
CA VAL B 77 5.75 -16.85 -18.72
C VAL B 77 5.08 -17.12 -20.06
N VAL B 78 4.94 -16.08 -20.86
CA VAL B 78 4.29 -16.18 -22.18
C VAL B 78 5.22 -15.51 -23.19
N ASP B 79 5.11 -15.93 -24.45
CA ASP B 79 5.87 -15.28 -25.50
C ASP B 79 4.93 -14.77 -26.60
N SER B 80 5.54 -14.03 -27.53
CA SER B 80 4.74 -13.33 -28.53
C SER B 80 4.19 -14.25 -29.60
N GLU B 81 4.60 -15.51 -29.61
CA GLU B 81 3.96 -16.53 -30.45
C GLU B 81 2.78 -17.21 -29.76
N GLY B 82 2.47 -16.84 -28.53
CA GLY B 82 1.33 -17.40 -27.83
C GLY B 82 1.66 -18.58 -26.96
N GLN B 83 2.92 -19.01 -26.93
CA GLN B 83 3.28 -20.18 -26.14
C GLN B 83 3.45 -19.76 -24.69
N THR B 84 3.24 -20.70 -23.77
CA THR B 84 3.37 -20.40 -22.36
C THR B 84 4.27 -21.44 -21.72
N SER B 85 4.88 -21.04 -20.62
CA SER B 85 5.61 -21.95 -19.76
C SER B 85 4.62 -22.70 -18.87
N ASP B 86 5.17 -23.58 -18.03
CA ASP B 86 4.44 -24.16 -16.92
C ASP B 86 4.32 -23.12 -15.82
N GLN B 87 3.50 -23.39 -14.80
CA GLN B 87 3.46 -22.46 -13.68
C GLN B 87 4.81 -22.47 -12.94
N ILE B 88 5.29 -21.28 -12.60
CA ILE B 88 6.55 -21.08 -11.93
C ILE B 88 6.31 -20.45 -10.56
N ASP B 89 6.98 -20.99 -9.52
CA ASP B 89 6.75 -20.52 -8.17
C ASP B 89 7.26 -19.09 -7.97
N ALA B 90 8.45 -18.81 -8.51
CA ALA B 90 9.10 -17.51 -8.29
C ALA B 90 9.82 -17.14 -9.58
N VAL B 91 9.22 -16.23 -10.36
CA VAL B 91 9.84 -15.62 -11.53
C VAL B 91 10.44 -14.30 -11.06
N ILE B 92 11.70 -14.06 -11.41
CA ILE B 92 12.33 -12.78 -11.18
C ILE B 92 12.35 -12.06 -12.52
N PHE B 93 11.76 -10.87 -12.56
CA PHE B 93 11.47 -10.25 -13.84
C PHE B 93 11.50 -8.72 -13.71
N ASP B 94 11.46 -8.06 -14.85
CA ASP B 94 11.42 -6.61 -14.87
C ASP B 94 10.00 -6.07 -14.98
N ARG B 95 9.75 -4.99 -14.22
CA ARG B 95 8.56 -4.16 -14.35
C ARG B 95 8.88 -2.68 -14.62
N HIS B 96 10.14 -2.28 -14.54
CA HIS B 96 10.45 -0.85 -14.69
C HIS B 96 10.35 -0.41 -16.16
N TYR B 97 10.72 -1.30 -17.09
CA TYR B 97 10.70 -1.01 -18.51
C TYR B 97 9.67 -1.83 -19.26
N THR B 98 9.05 -2.79 -18.62
CA THR B 98 8.24 -3.79 -19.25
C THR B 98 6.78 -3.57 -18.89
N PRO B 99 5.85 -3.67 -19.84
CA PRO B 99 4.43 -3.54 -19.48
C PRO B 99 3.97 -4.74 -18.69
N THR B 100 2.86 -4.55 -18.00
CA THR B 100 2.10 -5.62 -17.37
C THR B 100 0.97 -6.04 -18.28
N LEU B 101 0.71 -7.35 -18.34
CA LEU B 101 -0.42 -7.85 -19.11
C LEU B 101 -1.70 -7.93 -18.29
N LEU B 102 -1.92 -6.91 -17.45
CA LEU B 102 -3.12 -6.71 -16.66
C LEU B 102 -3.40 -7.93 -15.79
N ASP B 103 -2.38 -8.33 -15.04
CA ASP B 103 -2.45 -9.47 -14.15
C ASP B 103 -2.53 -8.99 -12.69
N GLN B 104 -2.33 -9.92 -11.75
CA GLN B 104 -2.52 -9.66 -10.33
C GLN B 104 -1.45 -10.41 -9.52
N GLN B 105 -1.15 -9.89 -8.32
CA GLN B 105 -0.23 -10.58 -7.43
C GLN B 105 -0.65 -12.03 -7.21
N GLY B 106 0.34 -12.94 -7.21
CA GLY B 106 0.12 -14.37 -7.07
C GLY B 106 -0.11 -15.11 -8.38
N HIS B 107 -0.55 -14.42 -9.45
CA HIS B 107 -0.71 -15.04 -10.76
C HIS B 107 -0.32 -14.04 -11.85
N ARG B 108 0.98 -13.88 -12.03
CA ARG B 108 1.48 -13.03 -13.10
C ARG B 108 1.51 -13.77 -14.43
N PHE B 109 1.43 -12.99 -15.50
CA PHE B 109 1.41 -13.49 -16.88
C PHE B 109 2.50 -12.65 -17.56
N ILE B 110 3.71 -13.18 -17.62
CA ILE B 110 4.91 -12.35 -17.77
C ILE B 110 5.50 -12.56 -19.15
N PRO B 111 5.74 -11.50 -19.92
CA PRO B 111 6.46 -11.65 -21.18
C PRO B 111 7.86 -12.22 -20.97
N ALA B 112 8.26 -13.11 -21.89
CA ALA B 112 9.51 -13.86 -21.75
C ALA B 112 10.73 -12.96 -21.76
N GLU B 113 10.70 -11.91 -22.58
CA GLU B 113 11.78 -10.94 -22.64
C GLU B 113 12.01 -10.22 -21.33
N ALA B 114 11.09 -10.30 -20.37
CA ALA B 114 11.25 -9.63 -19.10
C ALA B 114 11.86 -10.50 -18.02
N VAL B 115 12.17 -11.75 -18.31
CA VAL B 115 12.52 -12.70 -17.26
C VAL B 115 14.03 -12.74 -17.05
N TYR B 116 14.44 -12.62 -15.79
CA TYR B 116 15.81 -12.84 -15.39
C TYR B 116 16.07 -14.27 -14.91
N ALA B 117 15.15 -14.82 -14.13
CA ALA B 117 15.38 -16.07 -13.40
C ALA B 117 14.05 -16.70 -13.04
N VAL B 118 14.09 -18.03 -12.84
CA VAL B 118 12.94 -18.78 -12.37
C VAL B 118 13.43 -19.75 -11.30
N LEU B 119 12.65 -19.89 -10.26
CA LEU B 119 12.94 -20.78 -9.12
C LEU B 119 11.70 -21.54 -8.75
N GLU B 120 11.87 -22.84 -8.50
CA GLU B 120 10.79 -23.71 -8.11
C GLU B 120 11.00 -24.12 -6.66
N VAL B 121 9.96 -24.04 -5.85
CA VAL B 121 10.01 -24.52 -4.46
C VAL B 121 9.46 -25.93 -4.43
N LYS B 122 10.26 -26.87 -3.96
CA LYS B 122 9.94 -28.30 -3.98
C LYS B 122 10.11 -28.88 -2.59
N PRO B 123 9.57 -30.08 -2.34
CA PRO B 123 9.67 -30.64 -0.99
C PRO B 123 11.10 -30.90 -0.55
N THR B 124 11.97 -31.29 -1.47
CA THR B 124 13.31 -31.72 -1.13
C THR B 124 14.14 -31.71 -2.39
N ILE B 125 15.46 -31.66 -2.21
CA ILE B 125 16.40 -31.84 -3.31
C ILE B 125 16.69 -33.34 -3.45
N ASN B 126 16.16 -33.94 -4.51
CA ASN B 126 16.46 -35.31 -4.86
C ASN B 126 16.37 -35.40 -6.38
N LYS B 127 16.54 -36.61 -6.91
CA LYS B 127 16.56 -36.72 -8.36
C LYS B 127 15.21 -36.31 -8.96
N THR B 128 14.12 -36.76 -8.35
CA THR B 128 12.79 -36.49 -8.88
C THR B 128 12.54 -34.99 -8.96
N TYR B 129 12.88 -34.26 -7.91
CA TYR B 129 12.54 -32.84 -7.88
C TYR B 129 13.55 -31.96 -8.61
N LEU B 130 14.83 -32.36 -8.70
CA LEU B 130 15.72 -31.71 -9.66
C LEU B 130 15.17 -31.83 -11.07
N GLU B 131 14.71 -33.03 -11.45
CA GLU B 131 14.19 -33.20 -12.81
C GLU B 131 12.94 -32.37 -13.00
N TYR B 132 12.10 -32.27 -11.96
CA TYR B 132 10.88 -31.48 -12.08
C TYR B 132 11.19 -30.00 -12.21
N ALA B 133 12.13 -29.50 -11.39
CA ALA B 133 12.53 -28.09 -11.51
C ALA B 133 13.16 -27.81 -12.86
N ALA B 134 13.95 -28.74 -13.36
CA ALA B 134 14.55 -28.60 -14.69
C ALA B 134 13.49 -28.58 -15.78
N ASP B 135 12.44 -29.40 -15.65
CA ASP B 135 11.41 -29.37 -16.68
C ASP B 135 10.68 -28.03 -16.68
N LYS B 136 10.44 -27.47 -15.49
CA LYS B 136 9.86 -26.13 -15.40
C LYS B 136 10.77 -25.10 -16.06
N ALA B 137 12.07 -25.18 -15.78
CA ALA B 137 13.02 -24.21 -16.34
C ALA B 137 13.00 -24.27 -17.86
N ALA B 138 12.96 -25.49 -18.40
CA ALA B 138 12.97 -25.67 -19.83
C ALA B 138 11.72 -25.12 -20.47
N SER B 139 10.59 -25.21 -19.78
CA SER B 139 9.34 -24.67 -20.31
C SER B 139 9.37 -23.16 -20.42
N VAL B 140 10.24 -22.50 -19.66
CA VAL B 140 10.49 -21.06 -19.82
C VAL B 140 11.55 -20.78 -20.87
N ARG B 141 12.66 -21.53 -20.84
CA ARG B 141 13.77 -21.22 -21.75
C ARG B 141 13.42 -21.53 -23.20
N LYS B 142 12.44 -22.41 -23.45
CA LYS B 142 12.09 -22.73 -24.83
C LYS B 142 11.27 -21.62 -25.49
N LEU B 143 10.76 -20.69 -24.70
CA LEU B 143 9.94 -19.59 -25.22
C LEU B 143 10.77 -18.62 -26.06
N TYR B 144 10.10 -18.03 -27.04
CA TYR B 144 10.74 -17.15 -28.01
C TYR B 144 10.87 -15.75 -27.43
N ARG B 145 12.08 -15.19 -27.49
CA ARG B 145 12.31 -13.80 -27.06
C ARG B 145 12.69 -12.97 -28.28
N THR B 146 11.92 -11.92 -28.54
CA THR B 146 12.14 -11.14 -29.76
C THR B 146 13.42 -10.33 -29.67
N SER B 147 14.01 -10.09 -30.83
CA SER B 147 15.09 -9.14 -30.98
C SER B 147 14.65 -7.90 -31.71
N THR B 148 13.36 -7.79 -32.04
CA THR B 148 12.85 -6.57 -32.69
C THR B 148 12.95 -5.39 -31.73
N VAL B 149 13.44 -4.25 -32.23
CA VAL B 149 13.74 -3.09 -31.39
C VAL B 149 13.11 -1.87 -32.03
N ILE B 150 12.72 -0.92 -31.20
CA ILE B 150 12.00 0.27 -31.62
C ILE B 150 13.00 1.29 -32.15
N LYS B 151 12.70 1.91 -33.27
CA LYS B 151 13.54 3.00 -33.73
C LYS B 151 13.25 4.25 -32.91
N ASN B 152 14.29 5.06 -32.70
CA ASN B 152 14.12 6.34 -32.03
C ASN B 152 13.59 7.36 -33.02
N ILE B 153 13.48 8.62 -32.58
CA ILE B 153 12.91 9.65 -33.40
C ILE B 153 13.73 9.87 -34.67
N TYR B 154 15.00 9.46 -34.69
CA TYR B 154 15.83 9.62 -35.89
C TYR B 154 15.85 8.38 -36.78
N GLY B 155 15.07 7.34 -36.48
CA GLY B 155 15.05 6.17 -37.32
C GLY B 155 16.06 5.11 -36.95
N THR B 156 16.67 5.20 -35.77
CA THR B 156 17.76 4.32 -35.37
C THR B 156 17.39 3.48 -34.16
N ALA B 157 17.58 2.18 -34.28
CA ALA B 157 17.33 1.24 -33.19
C ALA B 157 18.65 0.60 -32.76
N LYS B 158 18.83 0.46 -31.45
CA LYS B 158 20.02 -0.20 -30.95
C LYS B 158 19.79 -1.71 -30.93
N PRO B 159 20.53 -2.51 -31.70
CA PRO B 159 20.37 -3.97 -31.59
C PRO B 159 20.59 -4.44 -30.16
N VAL B 160 19.95 -5.56 -29.82
CA VAL B 160 20.06 -6.16 -28.50
C VAL B 160 20.46 -7.62 -28.64
N GLU B 161 20.96 -8.19 -27.55
CA GLU B 161 21.19 -9.62 -27.47
C GLU B 161 20.70 -10.08 -26.10
N HIS B 162 20.14 -11.27 -26.06
CA HIS B 162 19.52 -11.81 -24.87
C HIS B 162 20.52 -12.61 -24.08
N PHE B 163 20.30 -12.68 -22.76
CA PHE B 163 21.15 -13.53 -21.94
C PHE B 163 20.40 -14.81 -21.59
N PRO B 164 21.10 -15.84 -21.13
CA PRO B 164 20.40 -17.05 -20.70
C PRO B 164 19.70 -16.83 -19.39
N ILE B 165 18.50 -17.37 -19.30
CA ILE B 165 17.73 -17.25 -18.08
C ILE B 165 18.33 -18.17 -17.03
N VAL B 166 18.39 -17.67 -15.77
CA VAL B 166 18.85 -18.42 -14.61
C VAL B 166 17.69 -19.26 -14.05
N ALA B 167 17.98 -20.50 -13.63
CA ALA B 167 16.96 -21.34 -13.01
C ALA B 167 17.52 -22.05 -11.78
N GLY B 168 16.64 -22.29 -10.81
CA GLY B 168 17.07 -22.98 -9.61
C GLY B 168 15.94 -23.66 -8.86
N ILE B 169 16.32 -24.25 -7.74
CA ILE B 169 15.44 -25.05 -6.92
C ILE B 169 15.60 -24.63 -5.48
N VAL B 170 14.49 -24.54 -4.77
CA VAL B 170 14.47 -24.22 -3.35
C VAL B 170 13.69 -25.33 -2.66
N ALA B 171 14.25 -25.88 -1.57
CA ALA B 171 13.54 -26.92 -0.82
C ALA B 171 13.91 -26.86 0.66
N ILE B 172 13.21 -27.63 1.49
CA ILE B 172 13.56 -27.59 2.91
C ILE B 172 14.91 -28.29 3.15
N ASP B 173 15.17 -29.41 2.48
CA ASP B 173 16.35 -30.22 2.81
C ASP B 173 16.81 -31.02 1.60
N VAL B 174 17.83 -31.84 1.81
CA VAL B 174 18.39 -32.67 0.76
C VAL B 174 18.17 -34.11 1.17
N GLU B 175 17.65 -34.91 0.25
CA GLU B 175 17.29 -36.28 0.59
C GLU B 175 18.50 -37.20 0.70
N TRP B 176 19.54 -36.96 -0.10
CA TRP B 176 20.71 -37.81 -0.10
C TRP B 176 21.44 -37.73 1.25
N GLN B 177 21.92 -38.89 1.68
CA GLN B 177 22.55 -39.01 3.00
C GLN B 177 23.73 -38.06 3.16
N ASP B 178 24.54 -37.91 2.12
CA ASP B 178 25.71 -37.03 2.12
C ASP B 178 25.39 -35.60 1.67
N GLY B 179 24.12 -35.21 1.70
CA GLY B 179 23.74 -33.86 1.30
C GLY B 179 24.07 -33.56 -0.15
N LEU B 180 24.60 -32.37 -0.38
CA LEU B 180 25.04 -31.95 -1.71
C LEU B 180 26.43 -32.53 -1.95
N GLY B 181 26.47 -33.87 -2.07
CA GLY B 181 27.70 -34.62 -2.25
C GLY B 181 27.77 -35.25 -3.61
N LYS B 182 28.28 -36.50 -3.69
CA LYS B 182 28.62 -37.09 -4.98
C LYS B 182 27.37 -37.37 -5.81
N ALA B 183 26.36 -38.01 -5.21
CA ALA B 183 25.15 -38.32 -5.99
C ALA B 183 24.47 -37.04 -6.46
N PHE B 184 24.38 -36.06 -5.57
CA PHE B 184 23.76 -34.81 -5.96
C PHE B 184 24.49 -34.21 -7.14
N THR B 185 25.82 -34.16 -7.05
CA THR B 185 26.61 -33.53 -8.10
C THR B 185 26.42 -34.21 -9.45
N GLU B 186 26.45 -35.55 -9.47
CA GLU B 186 26.22 -36.28 -10.71
C GLU B 186 24.84 -36.02 -11.26
N ASN B 187 23.84 -35.95 -10.39
CA ASN B 187 22.50 -35.68 -10.87
C ASN B 187 22.37 -34.26 -11.38
N LEU B 188 23.02 -33.30 -10.71
CA LEU B 188 22.93 -31.93 -11.19
C LEU B 188 23.61 -31.78 -12.54
N GLN B 189 24.77 -32.43 -12.70
CA GLN B 189 25.46 -32.44 -13.98
C GLN B 189 24.60 -33.10 -15.05
N ALA B 190 23.94 -34.22 -14.72
CA ALA B 190 23.12 -34.92 -15.71
C ALA B 190 21.95 -34.08 -16.16
N VAL B 191 21.25 -33.43 -15.22
CA VAL B 191 20.13 -32.57 -15.59
C VAL B 191 20.64 -31.41 -16.44
N SER B 192 21.79 -30.87 -16.08
CA SER B 192 22.25 -29.59 -16.59
C SER B 192 23.05 -29.73 -17.87
N SER B 193 23.23 -30.95 -18.38
CA SER B 193 23.94 -31.17 -19.63
C SER B 193 23.13 -30.68 -20.81
N ASP B 194 21.82 -30.51 -20.64
CA ASP B 194 20.95 -29.83 -21.59
C ASP B 194 20.73 -28.42 -21.08
N GLU B 195 21.19 -27.44 -21.86
CA GLU B 195 21.12 -26.05 -21.41
C GLU B 195 19.71 -25.61 -21.12
N ASN B 196 18.73 -26.16 -21.83
CA ASN B 196 17.35 -25.78 -21.54
C ASN B 196 16.98 -26.13 -20.11
N ARG B 197 17.55 -27.21 -19.59
CA ARG B 197 17.16 -27.78 -18.31
C ARG B 197 18.13 -27.41 -17.20
N LYS B 198 19.21 -26.70 -17.51
CA LYS B 198 20.24 -26.40 -16.52
C LYS B 198 19.67 -25.76 -15.27
N LEU B 199 20.05 -26.29 -14.12
CA LEU B 199 19.74 -25.65 -12.85
C LEU B 199 21.03 -24.98 -12.36
N ASP B 200 21.04 -23.65 -12.45
CA ASP B 200 22.21 -22.87 -12.10
C ASP B 200 22.48 -22.83 -10.61
N CYS B 201 21.44 -22.99 -9.77
CA CYS B 201 21.58 -22.69 -8.35
C CYS B 201 20.47 -23.37 -7.56
N GLY B 202 20.69 -23.46 -6.24
CA GLY B 202 19.65 -23.99 -5.39
C GLY B 202 19.95 -23.78 -3.94
N LEU B 203 18.89 -23.91 -3.15
CA LEU B 203 18.95 -23.69 -1.72
C LEU B 203 18.15 -24.76 -1.00
N ALA B 204 18.78 -25.42 -0.04
CA ALA B 204 18.05 -26.21 0.94
C ALA B 204 18.05 -25.39 2.23
N VAL B 205 16.86 -24.98 2.69
CA VAL B 205 16.86 -23.98 3.76
C VAL B 205 17.30 -24.58 5.09
N SER B 206 17.33 -25.91 5.21
CA SER B 206 17.93 -26.52 6.39
C SER B 206 19.42 -26.20 6.52
N GLY B 207 20.08 -25.84 5.42
CA GLY B 207 21.44 -25.33 5.51
C GLY B 207 22.42 -25.77 4.43
N ALA B 208 22.07 -25.57 3.16
CA ALA B 208 22.98 -25.91 2.07
C ALA B 208 22.57 -25.14 0.83
N CYS B 209 23.56 -24.75 0.04
CA CYS B 209 23.24 -24.12 -1.24
C CYS B 209 24.32 -24.48 -2.25
N PHE B 210 24.00 -24.24 -3.52
CA PHE B 210 24.94 -24.49 -4.59
C PHE B 210 24.68 -23.51 -5.72
N ASP B 211 25.71 -23.29 -6.55
CA ASP B 211 25.51 -22.69 -7.85
C ASP B 211 26.66 -23.08 -8.76
N SER B 212 26.46 -22.85 -10.06
CA SER B 212 27.51 -23.03 -11.04
C SER B 212 27.85 -21.69 -11.72
N TYR B 213 27.71 -20.59 -10.98
CA TYR B 213 27.90 -19.27 -11.57
C TYR B 213 29.35 -19.09 -12.04
N ASP B 214 30.29 -19.74 -11.38
CA ASP B 214 31.72 -19.64 -11.71
C ASP B 214 32.18 -20.81 -12.56
N GLU B 215 31.27 -21.42 -13.33
CA GLU B 215 31.61 -22.42 -14.33
C GLU B 215 32.25 -23.64 -13.68
N GLU B 216 31.77 -23.93 -12.47
CA GLU B 216 32.17 -25.04 -11.62
C GLU B 216 31.21 -24.99 -10.45
N ILE B 217 30.82 -26.15 -9.95
CA ILE B 217 29.79 -26.24 -8.92
C ILE B 217 30.44 -25.88 -7.60
N LYS B 218 29.91 -24.86 -6.94
CA LYS B 218 30.38 -24.41 -5.65
C LYS B 218 29.26 -24.63 -4.64
N ILE B 219 29.60 -25.23 -3.52
CA ILE B 219 28.61 -25.64 -2.52
C ILE B 219 28.98 -25.05 -1.17
N ARG B 220 27.98 -24.59 -0.43
CA ARG B 220 28.13 -24.09 0.93
C ARG B 220 27.11 -24.80 1.81
N SER B 221 27.42 -24.93 3.10
CA SER B 221 26.48 -25.54 4.03
C SER B 221 26.56 -24.80 5.37
N GLY B 222 25.51 -24.96 6.16
CA GLY B 222 25.48 -24.46 7.52
C GLY B 222 24.58 -23.24 7.68
N GLU B 223 24.87 -22.46 8.72
CA GLU B 223 23.99 -21.37 9.11
C GLU B 223 23.97 -20.21 8.12
N ASN B 224 24.92 -20.13 7.20
CA ASN B 224 25.01 -19.02 6.26
C ASN B 224 24.50 -19.38 4.86
N ALA B 225 23.82 -20.52 4.71
CA ALA B 225 23.32 -20.94 3.41
C ALA B 225 22.43 -19.89 2.76
N LEU B 226 21.49 -19.33 3.51
CA LEU B 226 20.58 -18.36 2.91
C LEU B 226 21.32 -17.11 2.44
N ILE B 227 22.18 -16.53 3.29
CA ILE B 227 22.86 -15.30 2.90
C ILE B 227 23.78 -15.57 1.70
N PHE B 228 24.42 -16.76 1.65
CA PHE B 228 25.25 -17.10 0.51
C PHE B 228 24.41 -17.20 -0.76
N PHE B 229 23.30 -17.93 -0.67
CA PHE B 229 22.46 -18.14 -1.84
C PHE B 229 21.98 -16.81 -2.41
N LEU B 230 21.56 -15.92 -1.52
CA LEU B 230 20.98 -14.65 -1.95
C LEU B 230 22.04 -13.73 -2.56
N PHE B 231 23.19 -13.59 -1.89
CA PHE B 231 24.24 -12.71 -2.41
C PHE B 231 24.87 -13.28 -3.69
N ARG B 232 25.05 -14.60 -3.77
CA ARG B 232 25.55 -15.16 -5.03
C ARG B 232 24.56 -14.93 -6.17
N LEU B 233 23.25 -15.15 -5.93
CA LEU B 233 22.25 -14.87 -6.97
C LEU B 233 22.25 -13.40 -7.36
N LEU B 234 22.37 -12.51 -6.39
CA LEU B 234 22.48 -11.08 -6.69
C LEU B 234 23.62 -10.81 -7.67
N GLY B 235 24.78 -11.39 -7.39
CA GLY B 235 25.93 -11.21 -8.25
C GLY B 235 25.70 -11.78 -9.64
N LYS B 236 25.05 -12.93 -9.73
CA LYS B 236 24.71 -13.47 -11.04
C LYS B 236 23.75 -12.53 -11.79
N LEU B 237 22.65 -12.14 -11.13
CA LEU B 237 21.72 -11.18 -11.76
C LEU B 237 22.46 -9.95 -12.21
N GLN B 238 23.35 -9.43 -11.36
CA GLN B 238 24.03 -8.19 -11.71
C GLN B 238 24.81 -8.37 -13.00
N SER B 239 25.41 -9.55 -13.20
CA SER B 239 26.22 -9.79 -14.38
C SER B 239 25.36 -9.82 -15.63
N LEU B 240 24.08 -10.14 -15.50
CA LEU B 240 23.21 -10.18 -16.68
C LEU B 240 22.87 -8.79 -17.19
N GLY B 241 22.88 -7.77 -16.32
CA GLY B 241 22.44 -6.44 -16.70
C GLY B 241 20.92 -6.38 -16.79
N THR B 242 20.45 -5.23 -17.25
CA THR B 242 19.01 -5.04 -17.41
C THR B 242 18.52 -5.80 -18.64
N VAL B 243 17.30 -6.32 -18.56
CA VAL B 243 16.69 -6.99 -19.70
C VAL B 243 16.75 -6.04 -20.90
N PRO B 244 16.95 -6.58 -22.09
CA PRO B 244 17.11 -5.71 -23.27
C PRO B 244 15.80 -5.01 -23.64
N ALA B 245 15.94 -3.78 -24.09
CA ALA B 245 14.75 -3.01 -24.44
C ALA B 245 14.31 -3.45 -25.83
N ILE B 246 13.11 -4.01 -25.91
CA ILE B 246 12.61 -4.52 -27.19
C ILE B 246 11.21 -3.99 -27.50
N ASP B 247 10.77 -4.27 -28.74
CA ASP B 247 9.52 -3.74 -29.26
C ASP B 247 8.34 -4.59 -28.81
N TRP B 248 7.65 -4.14 -27.77
CA TRP B 248 6.54 -4.93 -27.21
C TRP B 248 5.41 -5.14 -28.18
N ARG B 249 5.33 -4.35 -29.25
CA ARG B 249 4.23 -4.54 -30.18
C ARG B 249 4.29 -5.86 -30.93
N VAL B 250 5.39 -6.61 -30.84
CA VAL B 250 5.39 -7.96 -31.40
C VAL B 250 4.28 -8.79 -30.78
N TYR B 251 3.81 -8.40 -29.59
CA TYR B 251 2.75 -9.16 -28.92
C TYR B 251 1.39 -8.92 -29.57
N ILE B 252 1.22 -7.84 -30.33
CA ILE B 252 -0.06 -7.50 -30.95
C ILE B 252 -0.04 -7.71 -32.46
N ASP B 253 1.10 -8.11 -33.02
CA ASP B 253 1.25 -8.13 -34.47
C ASP B 253 0.31 -9.14 -35.12
N SER B 254 -0.06 -10.22 -34.43
CA SER B 254 -0.95 -11.22 -35.01
C SER B 254 -2.43 -10.93 -34.79
N LEU B 255 -2.78 -9.88 -34.04
CA LEU B 255 -4.17 -9.65 -33.69
C LEU B 255 -4.85 -8.79 -34.76
N GLU B 256 -6.15 -8.97 -34.89
CA GLU B 256 -6.92 -8.24 -35.88
C GLU B 256 -7.67 -7.10 -35.21
N ASN C 18 -28.27 2.36 -16.84
CA ASN C 18 -28.77 2.40 -15.47
C ASN C 18 -28.06 1.40 -14.54
N GLY C 19 -28.54 1.39 -13.29
CA GLY C 19 -27.78 0.82 -12.20
C GLY C 19 -27.80 -0.68 -12.13
N ARG C 20 -28.94 -1.30 -12.46
CA ARG C 20 -29.00 -2.75 -12.40
C ARG C 20 -28.09 -3.36 -13.45
N GLU C 21 -28.08 -2.80 -14.66
CA GLU C 21 -27.21 -3.35 -15.69
C GLU C 21 -25.74 -3.16 -15.32
N PHE C 22 -25.38 -1.98 -14.78
CA PHE C 22 -23.98 -1.81 -14.37
C PHE C 22 -23.63 -2.76 -13.22
N LEU C 23 -24.55 -2.97 -12.26
CA LEU C 23 -24.35 -3.99 -11.24
C LEU C 23 -24.04 -5.34 -11.87
N LYS C 24 -24.91 -5.80 -12.77
CA LYS C 24 -24.72 -7.11 -13.38
C LYS C 24 -23.38 -7.20 -14.10
N GLN C 25 -23.05 -6.16 -14.88
CA GLN C 25 -21.80 -6.12 -15.64
C GLN C 25 -20.58 -6.12 -14.73
N SER C 26 -20.63 -5.38 -13.62
CA SER C 26 -19.46 -5.30 -12.76
C SER C 26 -19.10 -6.67 -12.19
N PHE C 27 -20.10 -7.54 -11.97
CA PHE C 27 -19.79 -8.88 -11.51
C PHE C 27 -19.57 -9.84 -12.65
N ASN C 28 -20.39 -9.76 -13.70
CA ASN C 28 -20.27 -10.77 -14.75
C ASN C 28 -18.93 -10.65 -15.47
N LEU C 29 -18.45 -9.42 -15.70
CA LEU C 29 -17.16 -9.29 -16.35
C LEU C 29 -16.04 -9.82 -15.45
N GLN C 30 -16.20 -9.72 -14.13
CA GLN C 30 -15.22 -10.33 -13.23
C GLN C 30 -15.33 -11.87 -13.22
N GLN C 31 -16.54 -12.39 -13.38
CA GLN C 31 -16.72 -13.83 -13.53
C GLN C 31 -15.98 -14.32 -14.78
N GLN C 32 -16.13 -13.59 -15.87
CA GLN C 32 -15.45 -13.96 -17.11
C GLN C 32 -13.94 -13.85 -16.96
N LEU C 33 -13.45 -12.80 -16.28
CA LEU C 33 -12.02 -12.67 -16.04
C LEU C 33 -11.51 -13.85 -15.23
N LEU C 34 -12.26 -14.27 -14.20
CA LEU C 34 -11.85 -15.38 -13.37
C LEU C 34 -11.87 -16.70 -14.15
N ALA C 35 -12.89 -16.90 -14.97
CA ALA C 35 -12.97 -18.11 -15.79
C ALA C 35 -11.81 -18.19 -16.77
N SER C 36 -11.41 -17.04 -17.30
CA SER C 36 -10.31 -17.01 -18.24
C SER C 36 -9.01 -17.41 -17.55
N GLN C 37 -8.76 -16.86 -16.36
CA GLN C 37 -7.53 -17.14 -15.63
C GLN C 37 -7.50 -18.58 -15.12
N LEU C 38 -8.61 -19.03 -14.55
CA LEU C 38 -8.66 -20.42 -14.09
C LEU C 38 -8.57 -21.41 -15.25
N ASN C 39 -9.18 -21.09 -16.39
CA ASN C 39 -9.04 -21.94 -17.59
C ASN C 39 -7.60 -22.06 -18.01
N LEU C 40 -6.89 -20.92 -18.16
CA LEU C 40 -5.45 -20.97 -18.40
C LEU C 40 -4.75 -21.89 -17.39
N SER C 41 -4.97 -21.64 -16.09
CA SER C 41 -4.26 -22.39 -15.03
C SER C 41 -4.51 -23.89 -15.18
N ARG C 42 -5.73 -24.27 -15.58
CA ARG C 42 -6.04 -25.69 -15.74
C ARG C 42 -5.24 -26.31 -16.88
N THR C 43 -5.10 -25.63 -18.02
CA THR C 43 -4.31 -26.18 -19.12
C THR C 43 -2.82 -26.26 -18.74
N ILE C 44 -2.31 -25.27 -18.01
CA ILE C 44 -0.91 -25.25 -17.63
C ILE C 44 -0.57 -26.37 -16.65
N THR C 45 -1.56 -26.85 -15.91
CA THR C 45 -1.37 -27.87 -14.89
C THR C 45 -2.19 -29.12 -15.19
N GLY C 51 0.63 -29.38 -11.30
CA GLY C 51 0.25 -28.71 -10.06
C GLY C 51 -1.24 -28.45 -9.91
N GLU C 52 -1.61 -27.61 -8.93
CA GLU C 52 -3.00 -27.25 -8.68
C GLU C 52 -3.32 -25.91 -9.33
N VAL C 53 -4.61 -25.69 -9.61
CA VAL C 53 -5.02 -24.43 -10.25
C VAL C 53 -4.81 -23.28 -9.28
N ASN C 54 -4.44 -22.11 -9.82
CA ASN C 54 -3.96 -20.99 -9.02
C ASN C 54 -5.16 -20.22 -8.46
N GLU C 55 -5.24 -20.15 -7.12
CA GLU C 55 -6.37 -19.57 -6.39
C GLU C 55 -6.29 -18.04 -6.28
N SER C 56 -5.24 -17.40 -6.82
CA SER C 56 -4.95 -15.98 -6.57
C SER C 56 -6.05 -15.05 -7.05
N TYR C 57 -6.52 -15.21 -8.29
CA TYR C 57 -7.55 -14.32 -8.83
C TYR C 57 -8.82 -14.42 -8.02
N PHE C 58 -9.18 -15.65 -7.63
CA PHE C 58 -10.38 -15.82 -6.82
C PHE C 58 -10.24 -15.11 -5.49
N LEU C 59 -9.09 -15.29 -4.80
CA LEU C 59 -8.86 -14.60 -3.54
C LEU C 59 -9.00 -13.09 -3.67
N SER C 60 -8.38 -12.51 -4.71
CA SER C 60 -8.43 -11.07 -4.87
C SER C 60 -9.87 -10.58 -5.07
N ILE C 61 -10.69 -11.35 -5.79
CA ILE C 61 -12.08 -10.96 -6.04
C ILE C 61 -12.92 -11.08 -4.76
N ILE C 62 -12.83 -12.22 -4.07
CA ILE C 62 -13.68 -12.37 -2.89
C ILE C 62 -13.20 -11.43 -1.78
N ARG C 63 -11.89 -11.13 -1.73
CA ARG C 63 -11.39 -10.15 -0.78
C ARG C 63 -11.96 -8.76 -1.11
N GLN C 64 -11.96 -8.39 -2.39
CA GLN C 64 -12.53 -7.09 -2.77
C GLN C 64 -14.02 -7.01 -2.43
N TYR C 65 -14.74 -8.12 -2.61
CA TYR C 65 -16.19 -8.11 -2.38
C TYR C 65 -16.53 -8.01 -0.89
N LEU C 66 -15.91 -8.84 -0.08
CA LEU C 66 -16.42 -9.05 1.27
C LEU C 66 -16.34 -7.78 2.12
N PRO C 67 -17.34 -7.56 3.00
CA PRO C 67 -17.18 -6.55 4.05
C PRO C 67 -15.85 -6.72 4.78
N GLU C 68 -15.29 -5.59 5.23
CA GLU C 68 -13.96 -5.60 5.81
C GLU C 68 -13.91 -6.32 7.16
N ARG C 69 -15.07 -6.60 7.75
CA ARG C 69 -15.05 -7.44 8.95
C ARG C 69 -14.53 -8.83 8.67
N TYR C 70 -14.53 -9.26 7.41
CA TYR C 70 -14.03 -10.56 7.03
C TYR C 70 -12.68 -10.40 6.35
N SER C 71 -11.75 -11.28 6.70
CA SER C 71 -10.47 -11.38 6.01
C SER C 71 -10.49 -12.68 5.23
N VAL C 72 -9.69 -12.73 4.18
CA VAL C 72 -9.66 -13.96 3.38
C VAL C 72 -8.25 -14.17 2.83
N ASP C 73 -7.73 -15.38 3.01
CA ASP C 73 -6.40 -15.66 2.50
C ASP C 73 -6.17 -17.16 2.50
N ARG C 74 -5.13 -17.55 1.79
CA ARG C 74 -4.64 -18.92 1.79
C ARG C 74 -3.91 -19.23 3.08
N GLY C 75 -4.14 -20.42 3.61
CA GLY C 75 -3.30 -20.79 4.75
C GLY C 75 -3.74 -22.07 5.39
N VAL C 76 -3.47 -22.16 6.68
CA VAL C 76 -3.63 -23.37 7.48
C VAL C 76 -4.34 -22.95 8.77
N VAL C 77 -5.31 -23.75 9.21
CA VAL C 77 -5.99 -23.46 10.47
C VAL C 77 -5.35 -24.30 11.58
N VAL C 78 -5.21 -23.71 12.77
CA VAL C 78 -4.58 -24.37 13.91
C VAL C 78 -5.47 -24.23 15.13
N ASP C 79 -5.39 -25.19 16.03
CA ASP C 79 -6.19 -25.07 17.25
C ASP C 79 -5.26 -25.08 18.46
N SER C 80 -5.84 -24.77 19.62
CA SER C 80 -5.08 -24.59 20.86
C SER C 80 -4.48 -25.88 21.38
N GLU C 81 -4.92 -27.03 20.86
CA GLU C 81 -4.33 -28.32 21.21
C GLU C 81 -3.22 -28.73 20.25
N GLY C 82 -2.88 -27.87 19.29
CA GLY C 82 -1.76 -28.09 18.40
C GLY C 82 -2.09 -28.75 17.08
N GLN C 83 -3.35 -29.09 16.85
CA GLN C 83 -3.69 -29.76 15.61
C GLN C 83 -3.85 -28.74 14.48
N THR C 84 -3.55 -29.17 13.27
CA THR C 84 -3.69 -28.31 12.11
C THR C 84 -4.64 -28.93 11.11
N SER C 85 -5.24 -28.08 10.31
CA SER C 85 -5.99 -28.49 9.14
C SER C 85 -5.04 -28.84 7.99
N ASP C 86 -5.60 -29.23 6.85
CA ASP C 86 -4.83 -29.27 5.62
C ASP C 86 -4.66 -27.84 5.11
N GLN C 87 -3.86 -27.67 4.06
CA GLN C 87 -3.76 -26.34 3.44
C GLN C 87 -5.10 -26.00 2.79
N ILE C 88 -5.53 -24.76 2.96
CA ILE C 88 -6.83 -24.30 2.48
C ILE C 88 -6.59 -23.14 1.52
N ASP C 89 -7.21 -23.18 0.34
CA ASP C 89 -7.01 -22.11 -0.65
C ASP C 89 -7.56 -20.79 -0.16
N ALA C 90 -8.71 -20.80 0.52
CA ALA C 90 -9.30 -19.52 0.93
C ALA C 90 -10.01 -19.72 2.25
N VAL C 91 -9.40 -19.21 3.31
CA VAL C 91 -10.01 -19.18 4.63
C VAL C 91 -10.63 -17.79 4.80
N ILE C 92 -11.89 -17.74 5.18
CA ILE C 92 -12.55 -16.50 5.56
C ILE C 92 -12.55 -16.43 7.08
N PHE C 93 -11.95 -15.40 7.65
CA PHE C 93 -11.65 -15.39 9.08
C PHE C 93 -11.66 -13.97 9.62
N ASP C 94 -11.62 -13.87 10.93
CA ASP C 94 -11.60 -12.58 11.61
C ASP C 94 -10.20 -12.15 11.95
N ARG C 95 -9.92 -10.86 11.71
CA ARG C 95 -8.75 -10.19 12.24
C ARG C 95 -9.04 -8.94 13.09
N HIS C 96 -10.30 -8.52 13.22
CA HIS C 96 -10.59 -7.31 14.03
C HIS C 96 -10.41 -7.59 15.51
N TYR C 97 -10.81 -8.78 15.95
CA TYR C 97 -10.74 -9.16 17.36
C TYR C 97 -9.67 -10.20 17.65
N THR C 98 -9.20 -10.90 16.63
CA THR C 98 -8.30 -12.07 16.71
C THR C 98 -6.87 -11.64 16.48
N PRO C 99 -5.91 -12.14 17.28
CA PRO C 99 -4.51 -11.81 17.01
C PRO C 99 -4.01 -12.56 15.79
N THR C 100 -2.94 -12.05 15.23
CA THR C 100 -2.22 -12.68 14.12
C THR C 100 -1.03 -13.45 14.70
N LEU C 101 -0.87 -14.71 14.29
CA LEU C 101 0.24 -15.52 14.80
C LEU C 101 1.53 -15.27 14.04
N LEU C 102 1.81 -14.00 13.73
CA LEU C 102 3.04 -13.55 13.06
C LEU C 102 3.22 -14.21 11.70
N ASP C 103 2.15 -14.31 10.94
CA ASP C 103 2.19 -14.87 9.60
C ASP C 103 2.21 -13.72 8.58
N GLN C 104 2.06 -14.08 7.29
CA GLN C 104 2.02 -13.05 6.25
C GLN C 104 1.15 -13.51 5.10
N GLN C 105 0.89 -12.59 4.18
CA GLN C 105 -0.05 -12.85 3.11
C GLN C 105 0.33 -14.11 2.34
N GLY C 106 -0.67 -14.93 2.06
CA GLY C 106 -0.48 -16.11 1.26
C GLY C 106 -0.13 -17.36 2.05
N HIS C 107 0.15 -17.23 3.35
CA HIS C 107 0.55 -18.36 4.19
C HIS C 107 0.15 -18.06 5.64
N ARG C 108 -1.14 -17.91 5.85
CA ARG C 108 -1.71 -17.62 7.15
C ARG C 108 -1.72 -18.88 8.00
N PHE C 109 -1.70 -18.66 9.31
CA PHE C 109 -1.69 -19.70 10.35
C PHE C 109 -2.76 -19.22 11.33
N ILE C 110 -3.98 -19.68 11.14
CA ILE C 110 -5.19 -19.00 11.62
C ILE C 110 -5.78 -19.83 12.76
N PRO C 111 -6.03 -19.24 13.93
CA PRO C 111 -6.71 -20.00 15.00
C PRO C 111 -8.13 -20.42 14.60
N ALA C 112 -8.50 -21.66 14.95
CA ALA C 112 -9.80 -22.21 14.53
C ALA C 112 -10.99 -21.34 14.94
N GLU C 113 -10.93 -20.71 16.11
CA GLU C 113 -12.08 -19.94 16.60
C GLU C 113 -12.29 -18.65 15.82
N ALA C 114 -11.40 -18.31 14.92
CA ALA C 114 -11.58 -17.12 14.08
C ALA C 114 -12.16 -17.43 12.72
N VAL C 115 -12.38 -18.72 12.39
CA VAL C 115 -12.74 -19.10 11.02
C VAL C 115 -14.24 -19.09 10.83
N TYR C 116 -14.70 -18.43 9.76
CA TYR C 116 -16.08 -18.45 9.30
C TYR C 116 -16.34 -19.50 8.22
N ALA C 117 -15.43 -19.65 7.26
CA ALA C 117 -15.68 -20.44 6.07
C ALA C 117 -14.35 -20.85 5.44
N VAL C 118 -14.38 -21.96 4.71
CA VAL C 118 -13.25 -22.40 3.92
C VAL C 118 -13.75 -22.76 2.52
N LEU C 119 -12.94 -22.43 1.53
CA LEU C 119 -13.26 -22.67 0.14
C LEU C 119 -12.04 -23.25 -0.56
N GLU C 120 -12.26 -24.31 -1.31
CA GLU C 120 -11.21 -24.92 -2.11
C GLU C 120 -11.45 -24.62 -3.58
N VAL C 121 -10.40 -24.17 -4.26
CA VAL C 121 -10.41 -23.97 -5.71
C VAL C 121 -9.83 -25.21 -6.38
N LYS C 122 -10.62 -25.82 -7.25
CA LYS C 122 -10.27 -27.08 -7.92
C LYS C 122 -10.55 -26.94 -9.41
N PRO C 123 -10.10 -27.90 -10.22
CA PRO C 123 -10.30 -27.72 -11.67
C PRO C 123 -11.75 -27.77 -12.10
N THR C 124 -12.54 -28.64 -11.51
CA THR C 124 -13.89 -28.89 -12.00
C THR C 124 -14.70 -29.38 -10.82
N ILE C 125 -16.01 -29.23 -10.93
CA ILE C 125 -16.94 -29.80 -9.96
C ILE C 125 -17.27 -31.20 -10.47
N ASN C 126 -16.69 -32.19 -9.81
CA ASN C 126 -16.99 -33.59 -10.11
C ASN C 126 -16.87 -34.37 -8.82
N LYS C 127 -17.06 -35.69 -8.91
CA LYS C 127 -17.07 -36.49 -7.69
C LYS C 127 -15.71 -36.44 -7.01
N THR C 128 -14.64 -36.65 -7.77
CA THR C 128 -13.30 -36.62 -7.21
C THR C 128 -13.02 -35.32 -6.47
N TYR C 129 -13.28 -34.18 -7.10
CA TYR C 129 -12.93 -32.92 -6.45
C TYR C 129 -13.94 -32.49 -5.40
N LEU C 130 -15.20 -32.92 -5.50
CA LEU C 130 -16.10 -32.69 -4.38
C LEU C 130 -15.60 -33.46 -3.16
N GLU C 131 -15.19 -34.70 -3.35
CA GLU C 131 -14.71 -35.46 -2.19
C GLU C 131 -13.44 -34.84 -1.64
N TYR C 132 -12.57 -34.37 -2.52
CA TYR C 132 -11.36 -33.67 -2.10
C TYR C 132 -11.69 -32.41 -1.28
N ALA C 133 -12.62 -31.60 -1.75
CA ALA C 133 -12.98 -30.38 -1.02
C ALA C 133 -13.61 -30.72 0.32
N ALA C 134 -14.36 -31.80 0.36
CA ALA C 134 -15.00 -32.22 1.60
C ALA C 134 -13.97 -32.69 2.61
N ASP C 135 -12.94 -33.41 2.14
CA ASP C 135 -11.83 -33.80 3.01
C ASP C 135 -11.15 -32.56 3.60
N LYS C 136 -10.90 -31.53 2.76
CA LYS C 136 -10.31 -30.31 3.27
C LYS C 136 -11.20 -29.68 4.32
N ALA C 137 -12.52 -29.68 4.08
CA ALA C 137 -13.45 -29.08 5.03
C ALA C 137 -13.43 -29.82 6.36
N ALA C 138 -13.45 -31.15 6.32
CA ALA C 138 -13.40 -31.93 7.55
C ALA C 138 -12.11 -31.65 8.32
N SER C 139 -10.99 -31.42 7.63
CA SER C 139 -9.73 -31.19 8.32
C SER C 139 -9.78 -29.91 9.14
N VAL C 140 -10.64 -28.96 8.76
CA VAL C 140 -10.84 -27.75 9.53
C VAL C 140 -11.89 -27.97 10.60
N ARG C 141 -12.97 -28.68 10.26
CA ARG C 141 -14.06 -28.82 11.21
C ARG C 141 -13.72 -29.76 12.35
N LYS C 142 -12.75 -30.67 12.17
CA LYS C 142 -12.33 -31.54 13.25
C LYS C 142 -11.58 -30.78 14.35
N LEU C 143 -11.10 -29.58 14.08
CA LEU C 143 -10.28 -28.85 15.04
C LEU C 143 -11.10 -28.38 16.24
N TYR C 144 -10.46 -28.35 17.39
CA TYR C 144 -11.11 -27.96 18.63
C TYR C 144 -11.22 -26.44 18.73
N ARG C 145 -12.41 -25.95 19.06
CA ARG C 145 -12.65 -24.52 19.28
C ARG C 145 -13.06 -24.30 20.73
N THR C 146 -12.28 -23.47 21.44
CA THR C 146 -12.48 -23.34 22.88
C THR C 146 -13.75 -22.58 23.18
N SER C 147 -14.29 -22.81 24.36
CA SER C 147 -15.37 -22.00 24.87
C SER C 147 -14.92 -21.13 26.04
N THR C 148 -13.66 -21.19 26.42
CA THR C 148 -13.17 -20.43 27.56
C THR C 148 -13.15 -18.95 27.26
N VAL C 149 -13.50 -18.14 28.26
CA VAL C 149 -13.51 -16.68 28.13
C VAL C 149 -12.98 -15.99 29.37
N GLU C 161 -20.98 -20.60 22.57
CA GLU C 161 -21.50 -21.51 21.56
C GLU C 161 -21.01 -21.19 20.13
N HIS C 162 -20.61 -22.23 19.41
CA HIS C 162 -19.94 -22.07 18.13
C HIS C 162 -20.87 -22.40 16.98
N PHE C 163 -20.66 -21.72 15.86
CA PHE C 163 -21.48 -21.97 14.69
C PHE C 163 -20.75 -22.96 13.80
N PRO C 164 -21.47 -23.67 12.92
CA PRO C 164 -20.78 -24.58 12.00
C PRO C 164 -20.04 -23.78 10.94
N ILE C 165 -18.79 -24.17 10.70
CA ILE C 165 -18.00 -23.52 9.67
C ILE C 165 -18.61 -23.83 8.32
N VAL C 166 -18.67 -22.81 7.46
CA VAL C 166 -19.13 -22.99 6.08
C VAL C 166 -17.99 -23.52 5.22
N ALA C 167 -18.29 -24.45 4.31
CA ALA C 167 -17.25 -24.96 3.42
C ALA C 167 -17.79 -25.07 2.01
N GLY C 168 -16.91 -24.87 1.03
CA GLY C 168 -17.32 -24.87 -0.36
C GLY C 168 -16.20 -25.14 -1.35
N ILE C 169 -16.59 -25.19 -2.63
CA ILE C 169 -15.72 -25.52 -3.73
C ILE C 169 -15.89 -24.48 -4.82
N VAL C 170 -14.78 -24.04 -5.41
CA VAL C 170 -14.78 -23.11 -6.55
C VAL C 170 -14.01 -23.79 -7.69
N ALA C 171 -14.57 -23.79 -8.89
CA ALA C 171 -13.92 -24.48 -9.98
C ALA C 171 -14.30 -23.78 -11.28
N ILE C 172 -13.70 -24.23 -12.37
CA ILE C 172 -13.96 -23.62 -13.66
C ILE C 172 -15.33 -24.01 -14.18
N ASP C 173 -15.62 -25.31 -14.20
CA ASP C 173 -16.85 -25.80 -14.83
C ASP C 173 -17.34 -27.00 -14.05
N VAL C 174 -18.36 -27.66 -14.60
CA VAL C 174 -19.01 -28.82 -14.02
C VAL C 174 -18.83 -29.97 -15.01
N GLU C 175 -18.29 -31.08 -14.53
CA GLU C 175 -17.83 -32.13 -15.44
C GLU C 175 -19.01 -32.85 -16.11
N TRP C 176 -20.08 -33.10 -15.35
CA TRP C 176 -21.24 -33.75 -15.93
C TRP C 176 -21.85 -32.88 -17.02
N GLN C 177 -22.09 -33.48 -18.19
CA GLN C 177 -22.84 -32.79 -19.23
C GLN C 177 -24.23 -32.41 -18.74
N ASP C 178 -24.70 -33.04 -17.67
CA ASP C 178 -25.95 -32.66 -17.00
C ASP C 178 -25.82 -31.36 -16.22
N GLY C 179 -24.59 -30.94 -15.87
CA GLY C 179 -24.41 -29.81 -14.99
C GLY C 179 -24.61 -30.21 -13.54
N LEU C 180 -25.10 -29.27 -12.74
CA LEU C 180 -25.47 -29.54 -11.35
C LEU C 180 -26.84 -30.22 -11.36
N GLY C 181 -26.82 -31.47 -11.83
CA GLY C 181 -28.04 -32.24 -12.01
C GLY C 181 -28.10 -33.44 -11.09
N LYS C 182 -28.64 -34.55 -11.60
CA LYS C 182 -28.91 -35.72 -10.76
C LYS C 182 -27.62 -36.26 -10.15
N ALA C 183 -26.63 -36.55 -10.98
CA ALA C 183 -25.39 -37.12 -10.47
C ALA C 183 -24.72 -36.18 -9.48
N PHE C 184 -24.78 -34.86 -9.74
CA PHE C 184 -24.21 -33.92 -8.79
C PHE C 184 -24.93 -33.96 -7.45
N THR C 185 -26.27 -33.86 -7.48
CA THR C 185 -27.07 -33.89 -6.25
C THR C 185 -26.81 -35.15 -5.42
N GLU C 186 -26.75 -36.31 -6.07
CA GLU C 186 -26.45 -37.53 -5.34
C GLU C 186 -25.06 -37.46 -4.70
N ASN C 187 -24.09 -36.88 -5.40
CA ASN C 187 -22.73 -36.84 -4.87
C ASN C 187 -22.59 -35.83 -3.76
N LEU C 188 -23.21 -34.65 -3.92
CA LEU C 188 -23.23 -33.69 -2.83
C LEU C 188 -23.93 -34.28 -1.61
N GLN C 189 -25.14 -34.78 -1.80
CA GLN C 189 -25.87 -35.47 -0.74
C GLN C 189 -24.97 -36.50 -0.07
N ALA C 190 -24.18 -37.22 -0.85
CA ALA C 190 -23.33 -38.27 -0.32
C ALA C 190 -22.25 -37.70 0.61
N VAL C 191 -21.46 -36.74 0.14
CA VAL C 191 -20.41 -36.20 1.00
C VAL C 191 -21.02 -35.53 2.22
N SER C 192 -22.19 -34.91 2.05
CA SER C 192 -22.78 -34.09 3.09
C SER C 192 -23.55 -34.91 4.12
N SER C 193 -23.32 -36.23 4.18
CA SER C 193 -23.92 -37.07 5.22
C SER C 193 -23.05 -37.17 6.47
N ASP C 194 -21.78 -36.78 6.36
CA ASP C 194 -20.90 -36.57 7.49
C ASP C 194 -20.79 -35.05 7.69
N GLU C 195 -21.23 -34.55 8.86
CA GLU C 195 -21.31 -33.10 9.02
C GLU C 195 -19.93 -32.43 8.92
N ASN C 196 -18.86 -33.13 9.26
CA ASN C 196 -17.52 -32.59 9.08
C ASN C 196 -17.20 -32.40 7.60
N ARG C 197 -17.84 -33.14 6.71
CA ARG C 197 -17.51 -33.11 5.28
C ARG C 197 -18.50 -32.32 4.45
N LYS C 198 -19.53 -31.75 5.04
CA LYS C 198 -20.56 -31.06 4.28
C LYS C 198 -19.98 -29.91 3.48
N LEU C 199 -20.32 -29.85 2.20
CA LEU C 199 -20.03 -28.68 1.38
C LEU C 199 -21.31 -27.88 1.25
N ASP C 200 -21.32 -26.70 1.85
CA ASP C 200 -22.48 -25.83 1.86
C ASP C 200 -22.75 -25.15 0.53
N CYS C 201 -21.74 -24.99 -0.31
CA CYS C 201 -21.85 -24.06 -1.43
C CYS C 201 -20.75 -24.34 -2.43
N GLY C 202 -20.99 -23.89 -3.66
CA GLY C 202 -19.94 -23.92 -4.67
C GLY C 202 -20.27 -23.03 -5.84
N LEU C 203 -19.24 -22.82 -6.64
CA LEU C 203 -19.30 -21.95 -7.79
C LEU C 203 -18.48 -22.57 -8.91
N ALA C 204 -19.09 -22.67 -10.10
CA ALA C 204 -18.40 -22.93 -11.35
C ALA C 204 -18.40 -21.63 -12.14
N VAL C 205 -17.21 -21.08 -12.41
CA VAL C 205 -17.18 -19.72 -12.96
C VAL C 205 -17.58 -19.72 -14.42
N SER C 206 -17.62 -20.90 -15.05
CA SER C 206 -18.25 -21.03 -16.35
C SER C 206 -19.71 -20.61 -16.33
N GLY C 207 -20.36 -20.63 -15.15
CA GLY C 207 -21.77 -20.29 -15.05
C GLY C 207 -22.69 -21.21 -14.24
N ALA C 208 -22.28 -21.62 -13.04
CA ALA C 208 -23.17 -22.39 -12.19
C ALA C 208 -22.80 -22.12 -10.74
N CYS C 209 -23.82 -22.11 -9.87
CA CYS C 209 -23.54 -22.12 -8.43
C CYS C 209 -24.65 -22.86 -7.71
N PHE C 210 -24.30 -23.29 -6.50
CA PHE C 210 -25.24 -23.98 -5.63
C PHE C 210 -24.97 -23.61 -4.18
N ASP C 211 -26.01 -23.82 -3.35
CA ASP C 211 -25.81 -23.82 -1.92
C ASP C 211 -26.99 -24.52 -1.25
N SER C 212 -26.77 -24.90 0.01
CA SER C 212 -27.79 -25.52 0.85
C SER C 212 -28.15 -24.63 2.04
N TYR C 213 -27.95 -23.31 1.87
CA TYR C 213 -28.21 -22.37 2.96
C TYR C 213 -29.66 -22.41 3.42
N ASP C 214 -30.59 -22.66 2.49
CA ASP C 214 -32.00 -22.75 2.83
C ASP C 214 -32.47 -24.20 2.94
N GLU C 215 -31.56 -25.10 3.31
CA GLU C 215 -31.84 -26.53 3.42
C GLU C 215 -31.96 -27.16 2.04
N GLU C 216 -33.01 -26.84 1.28
CA GLU C 216 -33.11 -27.33 -0.08
C GLU C 216 -31.90 -26.86 -0.87
N ILE C 217 -31.34 -27.73 -1.70
CA ILE C 217 -30.25 -27.32 -2.59
C ILE C 217 -30.83 -26.38 -3.64
N LYS C 218 -30.26 -25.19 -3.75
CA LYS C 218 -30.68 -24.21 -4.74
C LYS C 218 -29.58 -24.02 -5.76
N ILE C 219 -29.93 -24.16 -7.03
CA ILE C 219 -28.99 -24.11 -8.15
C ILE C 219 -29.31 -22.90 -9.00
N ARG C 220 -28.27 -22.18 -9.44
CA ARG C 220 -28.41 -21.10 -10.40
C ARG C 220 -27.41 -21.33 -11.52
N SER C 221 -27.76 -20.86 -12.72
CA SER C 221 -26.88 -20.96 -13.86
C SER C 221 -26.79 -19.61 -14.56
N GLY C 222 -25.67 -19.40 -15.24
CA GLY C 222 -25.56 -18.33 -16.22
C GLY C 222 -24.66 -17.19 -15.76
N GLU C 223 -24.87 -16.05 -16.41
CA GLU C 223 -23.95 -14.91 -16.28
C GLU C 223 -23.88 -14.34 -14.89
N ASN C 224 -24.88 -14.61 -14.05
CA ASN C 224 -24.94 -14.05 -12.71
C ASN C 224 -24.56 -15.07 -11.63
N ALA C 225 -23.89 -16.16 -12.01
CA ALA C 225 -23.46 -17.14 -11.01
C ALA C 225 -22.51 -16.53 -9.97
N LEU C 226 -21.56 -15.69 -10.37
CA LEU C 226 -20.65 -15.12 -9.39
C LEU C 226 -21.38 -14.20 -8.41
N ILE C 227 -22.20 -13.29 -8.94
CA ILE C 227 -22.90 -12.38 -8.02
C ILE C 227 -23.83 -13.15 -7.09
N PHE C 228 -24.48 -14.22 -7.59
CA PHE C 228 -25.34 -15.02 -6.72
C PHE C 228 -24.51 -15.72 -5.65
N PHE C 229 -23.42 -16.37 -6.06
CA PHE C 229 -22.57 -17.05 -5.09
C PHE C 229 -22.12 -16.10 -3.99
N LEU C 230 -21.65 -14.90 -4.39
CA LEU C 230 -21.07 -13.99 -3.44
C LEU C 230 -22.11 -13.40 -2.50
N PHE C 231 -23.25 -12.95 -3.02
CA PHE C 231 -24.25 -12.40 -2.12
C PHE C 231 -24.87 -13.48 -1.24
N ARG C 232 -25.10 -14.67 -1.78
CA ARG C 232 -25.66 -15.73 -0.95
C ARG C 232 -24.68 -16.10 0.17
N LEU C 233 -23.39 -16.22 -0.17
CA LEU C 233 -22.38 -16.48 0.85
C LEU C 233 -22.36 -15.41 1.91
N LEU C 234 -22.48 -14.14 1.50
CA LEU C 234 -22.52 -13.05 2.47
C LEU C 234 -23.73 -13.18 3.39
N GLY C 235 -24.88 -13.55 2.83
CA GLY C 235 -26.05 -13.72 3.67
C GLY C 235 -25.87 -14.84 4.68
N LYS C 236 -25.21 -15.92 4.26
CA LYS C 236 -24.94 -17.01 5.18
C LYS C 236 -23.97 -16.56 6.27
N LEU C 237 -22.86 -15.92 5.87
CA LEU C 237 -21.94 -15.34 6.86
C LEU C 237 -22.65 -14.39 7.82
N GLN C 238 -23.52 -13.52 7.31
CA GLN C 238 -24.22 -12.56 8.18
C GLN C 238 -24.97 -13.30 9.29
N SER C 239 -25.65 -14.37 8.93
CA SER C 239 -26.44 -15.13 9.89
C SER C 239 -25.57 -15.77 10.97
N LEU C 240 -24.30 -16.03 10.66
CA LEU C 240 -23.43 -16.65 11.66
C LEU C 240 -23.06 -15.66 12.77
N GLY C 241 -23.08 -14.38 12.48
CA GLY C 241 -22.66 -13.40 13.46
C GLY C 241 -21.15 -13.31 13.50
N THR C 242 -20.66 -12.52 14.44
CA THR C 242 -19.23 -12.37 14.61
C THR C 242 -18.70 -13.56 15.41
N VAL C 243 -17.47 -13.98 15.10
CA VAL C 243 -16.86 -15.06 15.87
C VAL C 243 -16.93 -14.68 17.34
N PRO C 244 -17.21 -15.62 18.24
CA PRO C 244 -17.36 -15.24 19.64
C PRO C 244 -16.00 -14.95 20.26
N ALA C 245 -15.99 -13.96 21.16
CA ALA C 245 -14.76 -13.55 21.84
C ALA C 245 -14.36 -14.62 22.84
N ILE C 246 -13.23 -15.27 22.58
CA ILE C 246 -12.75 -16.33 23.45
C ILE C 246 -11.45 -15.83 24.09
N ASP C 247 -11.01 -16.55 25.12
CA ASP C 247 -9.76 -16.24 25.82
C ASP C 247 -8.61 -16.87 25.05
N TRP C 248 -7.91 -16.04 24.26
CA TRP C 248 -6.81 -16.53 23.41
C TRP C 248 -5.67 -17.13 24.20
N ARG C 249 -5.62 -16.90 25.50
CA ARG C 249 -4.52 -17.47 26.28
C ARG C 249 -4.60 -18.99 26.37
N VAL C 250 -5.68 -19.61 25.89
CA VAL C 250 -5.71 -21.06 25.77
C VAL C 250 -4.61 -21.57 24.83
N TYR C 251 -4.13 -20.71 23.92
CA TYR C 251 -3.07 -21.09 22.98
C TYR C 251 -1.68 -21.11 23.63
N ILE C 252 -1.51 -20.48 24.79
CA ILE C 252 -0.23 -20.49 25.51
C ILE C 252 -0.29 -21.28 26.81
N ASP C 253 -1.45 -21.85 27.17
CA ASP C 253 -1.58 -22.49 28.47
C ASP C 253 -0.69 -23.72 28.63
N SER C 254 -0.28 -24.37 27.55
CA SER C 254 0.54 -25.55 27.68
C SER C 254 2.01 -25.31 27.35
N LEU C 255 2.39 -24.07 27.02
CA LEU C 255 3.79 -23.72 26.86
C LEU C 255 4.44 -23.46 28.23
N GLU C 256 5.75 -23.66 28.29
CA GLU C 256 6.45 -23.57 29.56
C GLU C 256 7.38 -22.37 29.58
N ASN D 18 -0.63 32.56 -10.34
CA ASN D 18 0.66 32.24 -10.93
C ASN D 18 1.24 30.95 -10.37
N GLY D 19 1.90 30.19 -11.24
CA GLY D 19 2.42 28.89 -10.83
C GLY D 19 3.52 29.01 -9.79
N ARG D 20 4.38 30.02 -9.94
CA ARG D 20 5.43 30.16 -8.94
C ARG D 20 4.86 30.48 -7.57
N GLU D 21 3.74 31.20 -7.50
CA GLU D 21 3.12 31.48 -6.21
C GLU D 21 2.55 30.21 -5.60
N PHE D 22 1.88 29.37 -6.40
CA PHE D 22 1.43 28.09 -5.88
C PHE D 22 2.61 27.23 -5.41
N LEU D 23 3.70 27.21 -6.18
CA LEU D 23 4.89 26.45 -5.81
C LEU D 23 5.41 26.92 -4.46
N LYS D 24 5.58 28.23 -4.32
CA LYS D 24 6.08 28.83 -3.09
C LYS D 24 5.17 28.51 -1.92
N GLN D 25 3.85 28.63 -2.13
CA GLN D 25 2.89 28.47 -1.05
C GLN D 25 2.87 27.03 -0.56
N SER D 26 2.90 26.07 -1.49
CA SER D 26 2.92 24.67 -1.11
C SER D 26 4.11 24.35 -0.22
N PHE D 27 5.30 24.80 -0.60
CA PHE D 27 6.49 24.46 0.19
C PHE D 27 6.51 25.25 1.49
N ASN D 28 6.11 26.51 1.47
CA ASN D 28 6.21 27.28 2.69
C ASN D 28 5.22 26.78 3.73
N LEU D 29 4.03 26.41 3.28
CA LEU D 29 3.05 25.85 4.23
C LEU D 29 3.57 24.55 4.84
N GLN D 30 4.27 23.72 4.05
CA GLN D 30 4.87 22.51 4.62
C GLN D 30 6.03 22.86 5.57
N GLN D 31 6.81 23.89 5.24
CA GLN D 31 7.82 24.41 6.17
C GLN D 31 7.17 24.79 7.49
N GLN D 32 6.03 25.48 7.44
CA GLN D 32 5.38 25.90 8.68
C GLN D 32 4.87 24.70 9.47
N LEU D 33 4.33 23.70 8.77
CA LEU D 33 3.84 22.49 9.43
C LEU D 33 4.98 21.72 10.09
N LEU D 34 6.11 21.61 9.39
CA LEU D 34 7.28 20.98 9.97
C LEU D 34 7.76 21.73 11.20
N ALA D 35 7.80 23.06 11.13
CA ALA D 35 8.20 23.83 12.29
C ALA D 35 7.26 23.53 13.46
N SER D 36 5.95 23.48 13.20
CA SER D 36 5.00 23.28 14.29
C SER D 36 5.18 21.90 14.92
N GLN D 37 5.39 20.89 14.07
CA GLN D 37 5.56 19.50 14.52
C GLN D 37 6.86 19.31 15.31
N LEU D 38 7.99 19.75 14.74
CA LEU D 38 9.26 19.61 15.44
C LEU D 38 9.28 20.43 16.72
N ASN D 39 8.55 21.54 16.75
CA ASN D 39 8.51 22.38 17.93
C ASN D 39 7.77 21.71 19.07
N LEU D 40 6.74 20.91 18.75
CA LEU D 40 6.01 20.21 19.81
C LEU D 40 6.85 19.10 20.43
N SER D 41 7.61 18.37 19.62
CA SER D 41 8.48 17.34 20.21
C SER D 41 9.69 17.95 20.90
N ARG D 42 10.00 19.24 20.69
CA ARG D 42 11.05 19.87 21.48
C ARG D 42 10.52 20.29 22.85
N THR D 43 9.43 21.06 22.87
CA THR D 43 8.84 21.49 24.14
C THR D 43 8.70 20.31 25.10
N ILE D 44 8.41 19.13 24.56
CA ILE D 44 8.22 17.94 25.39
C ILE D 44 9.55 17.38 25.87
N THR D 45 10.59 17.48 25.07
CA THR D 45 11.93 17.06 25.48
C THR D 45 12.82 18.27 25.79
N VAL D 53 14.32 15.56 19.19
CA VAL D 53 13.07 15.77 18.47
C VAL D 53 12.77 14.58 17.57
N ASN D 54 11.51 14.46 17.15
CA ASN D 54 11.07 13.29 16.37
C ASN D 54 11.36 13.55 14.90
N GLU D 55 12.27 12.78 14.33
CA GLU D 55 12.64 12.98 12.92
C GLU D 55 11.59 12.48 11.93
N SER D 56 10.59 11.70 12.35
CA SER D 56 9.74 11.06 11.34
C SER D 56 8.93 12.09 10.55
N TYR D 57 8.63 13.23 11.18
CA TYR D 57 7.99 14.36 10.50
C TYR D 57 8.80 14.78 9.27
N PHE D 58 10.09 15.04 9.48
CA PHE D 58 10.99 15.40 8.38
C PHE D 58 11.12 14.28 7.35
N LEU D 59 11.32 13.03 7.81
CA LEU D 59 11.46 11.91 6.89
C LEU D 59 10.31 11.85 5.89
N SER D 60 9.08 12.02 6.37
CA SER D 60 7.91 11.95 5.52
C SER D 60 7.97 12.98 4.40
N ILE D 61 8.37 14.22 4.73
CA ILE D 61 8.40 15.29 3.74
C ILE D 61 9.52 15.06 2.73
N ILE D 62 10.73 14.76 3.21
CA ILE D 62 11.83 14.61 2.26
C ILE D 62 11.58 13.38 1.39
N ARG D 63 10.99 12.31 1.97
CA ARG D 63 10.64 11.15 1.14
C ARG D 63 9.62 11.53 0.08
N GLN D 64 8.60 12.29 0.46
CA GLN D 64 7.59 12.70 -0.51
C GLN D 64 8.21 13.54 -1.62
N TYR D 65 9.20 14.39 -1.29
CA TYR D 65 9.81 15.30 -2.26
C TYR D 65 10.76 14.59 -3.22
N LEU D 66 11.61 13.71 -2.71
CA LEU D 66 12.74 13.21 -3.49
C LEU D 66 12.26 12.31 -4.62
N PRO D 67 12.93 12.36 -5.77
CA PRO D 67 12.69 11.36 -6.82
C PRO D 67 12.78 9.94 -6.27
N GLU D 68 12.03 9.03 -6.91
CA GLU D 68 11.91 7.66 -6.42
C GLU D 68 13.21 6.87 -6.53
N ARG D 69 14.21 7.35 -7.28
CA ARG D 69 15.50 6.69 -7.26
C ARG D 69 16.16 6.79 -5.88
N TYR D 70 15.73 7.75 -5.04
CA TYR D 70 16.24 7.87 -3.67
C TYR D 70 15.27 7.23 -2.69
N SER D 71 15.83 6.55 -1.70
CA SER D 71 15.11 6.09 -0.52
C SER D 71 15.64 6.91 0.63
N VAL D 72 14.83 7.06 1.65
CA VAL D 72 15.27 7.79 2.82
C VAL D 72 14.64 7.17 4.06
N ASP D 73 15.46 6.95 5.07
CA ASP D 73 14.93 6.34 6.29
C ASP D 73 15.92 6.50 7.40
N ARG D 74 15.41 6.30 8.60
CA ARG D 74 16.25 6.16 9.78
C ARG D 74 16.94 4.80 9.79
N GLY D 75 18.17 4.76 10.29
CA GLY D 75 18.84 3.49 10.40
C GLY D 75 20.31 3.63 10.72
N VAL D 76 21.03 2.57 10.41
CA VAL D 76 22.45 2.39 10.72
C VAL D 76 23.13 2.02 9.42
N VAL D 77 24.26 2.62 9.16
CA VAL D 77 25.05 2.27 7.99
C VAL D 77 26.11 1.23 8.40
N VAL D 78 26.36 0.24 7.53
CA VAL D 78 27.33 -0.81 7.80
C VAL D 78 28.23 -0.99 6.59
N ASP D 79 29.45 -1.49 6.82
CA ASP D 79 30.35 -1.78 5.71
C ASP D 79 30.72 -3.26 5.70
N SER D 80 31.40 -3.66 4.62
CA SER D 80 31.75 -5.06 4.39
C SER D 80 32.77 -5.59 5.40
N GLU D 81 33.41 -4.72 6.17
CA GLU D 81 34.32 -5.13 7.22
C GLU D 81 33.63 -5.23 8.57
N GLY D 82 32.30 -5.05 8.62
CA GLY D 82 31.54 -5.25 9.83
C GLY D 82 31.41 -4.05 10.73
N GLN D 83 31.97 -2.91 10.33
CA GLN D 83 31.87 -1.73 11.17
C GLN D 83 30.55 -1.05 10.90
N THR D 84 30.06 -0.28 11.88
CA THR D 84 28.78 0.43 11.71
C THR D 84 28.94 1.89 12.07
N SER D 85 28.06 2.70 11.50
CA SER D 85 27.92 4.08 11.90
C SER D 85 27.18 4.15 13.24
N ASP D 86 27.05 5.35 13.77
CA ASP D 86 26.05 5.69 14.77
C ASP D 86 24.66 5.59 14.14
N GLN D 87 23.61 5.65 14.96
CA GLN D 87 22.27 5.74 14.38
C GLN D 87 22.08 7.11 13.71
N ILE D 88 21.51 7.07 12.51
CA ILE D 88 21.34 8.25 11.66
C ILE D 88 19.84 8.52 11.57
N ASP D 89 19.46 9.78 11.72
CA ASP D 89 18.05 10.14 11.63
C ASP D 89 17.50 9.93 10.22
N ALA D 90 18.27 10.33 9.21
CA ALA D 90 17.79 10.30 7.83
C ALA D 90 18.94 9.94 6.90
N VAL D 91 18.96 8.71 6.41
CA VAL D 91 19.91 8.28 5.40
C VAL D 91 19.21 8.32 4.05
N ILE D 92 19.85 8.98 3.08
CA ILE D 92 19.41 8.96 1.69
C ILE D 92 20.28 7.96 0.97
N PHE D 93 19.65 6.96 0.35
CA PHE D 93 20.36 5.78 -0.11
C PHE D 93 19.63 5.12 -1.26
N ASP D 94 20.33 4.20 -1.93
CA ASP D 94 19.77 3.48 -3.06
C ASP D 94 19.15 2.15 -2.62
N ARG D 95 17.99 1.86 -3.19
CA ARG D 95 17.40 0.55 -3.16
C ARG D 95 17.06 -0.04 -4.52
N HIS D 96 17.30 0.70 -5.61
CA HIS D 96 16.99 0.17 -6.94
C HIS D 96 18.03 -0.85 -7.42
N TYR D 97 19.30 -0.67 -7.04
CA TYR D 97 20.40 -1.54 -7.44
C TYR D 97 20.99 -2.34 -6.29
N THR D 98 20.67 -1.99 -5.09
CA THR D 98 21.25 -2.41 -3.83
C THR D 98 20.31 -3.35 -3.12
N PRO D 99 20.84 -4.44 -2.55
CA PRO D 99 19.97 -5.34 -1.79
C PRO D 99 19.55 -4.70 -0.48
N THR D 100 18.50 -5.27 0.09
CA THR D 100 18.04 -4.94 1.43
C THR D 100 18.55 -6.04 2.35
N LEU D 101 19.16 -5.66 3.46
CA LEU D 101 19.65 -6.63 4.41
C LEU D 101 18.51 -7.04 5.34
N LEU D 102 17.35 -7.32 4.76
CA LEU D 102 16.19 -7.87 5.47
C LEU D 102 15.83 -7.03 6.69
N ASP D 103 15.81 -5.72 6.49
CA ASP D 103 15.43 -4.75 7.51
C ASP D 103 13.99 -4.30 7.26
N GLN D 104 13.55 -3.27 7.99
CA GLN D 104 12.20 -2.76 7.84
C GLN D 104 12.19 -1.25 8.06
N GLN D 105 11.07 -0.62 7.62
CA GLN D 105 10.94 0.83 7.71
C GLN D 105 11.17 1.28 9.14
N GLY D 106 11.93 2.36 9.28
CA GLY D 106 12.23 2.92 10.58
C GLY D 106 13.48 2.39 11.24
N HIS D 107 14.06 1.28 10.76
CA HIS D 107 15.42 0.95 11.19
C HIS D 107 16.08 0.13 10.09
N ARG D 108 16.68 0.85 9.17
CA ARG D 108 17.40 0.25 8.08
C ARG D 108 18.81 -0.10 8.49
N PHE D 109 19.38 -1.07 7.77
CA PHE D 109 20.74 -1.55 7.99
C PHE D 109 21.36 -1.49 6.60
N ILE D 110 22.05 -0.39 6.32
CA ILE D 110 22.30 0.06 4.96
C ILE D 110 23.77 -0.14 4.61
N PRO D 111 24.09 -0.84 3.54
CA PRO D 111 25.49 -0.91 3.10
C PRO D 111 26.01 0.48 2.76
N ALA D 112 27.26 0.73 3.15
CA ALA D 112 27.86 2.04 2.97
C ALA D 112 27.90 2.46 1.51
N GLU D 113 28.10 1.51 0.59
CA GLU D 113 28.20 1.83 -0.83
C GLU D 113 26.86 2.28 -1.41
N ALA D 114 25.76 2.18 -0.66
CA ALA D 114 24.44 2.58 -1.12
C ALA D 114 24.10 4.00 -0.70
N VAL D 115 24.97 4.67 0.05
CA VAL D 115 24.62 5.91 0.75
C VAL D 115 24.99 7.13 -0.07
N TYR D 116 24.01 8.04 -0.25
CA TYR D 116 24.24 9.34 -0.85
C TYR D 116 24.48 10.44 0.20
N ALA D 117 23.69 10.47 1.27
CA ALA D 117 23.68 11.60 2.18
C ALA D 117 23.16 11.13 3.53
N VAL D 118 23.58 11.85 4.58
CA VAL D 118 23.01 11.64 5.90
C VAL D 118 22.67 12.98 6.51
N LEU D 119 21.58 13.00 7.29
CA LEU D 119 21.07 14.21 7.89
C LEU D 119 20.64 13.87 9.30
N GLU D 120 21.05 14.69 10.25
CA GLU D 120 20.72 14.55 11.65
C GLU D 120 19.73 15.65 12.00
N VAL D 121 18.64 15.30 12.69
CA VAL D 121 17.60 16.24 13.08
C VAL D 121 17.80 16.60 14.56
N LYS D 122 17.93 17.91 14.85
CA LYS D 122 18.27 18.34 16.20
C LYS D 122 17.42 19.54 16.57
N PRO D 123 17.39 19.94 17.84
CA PRO D 123 16.52 21.05 18.24
C PRO D 123 16.88 22.36 17.57
N THR D 124 18.17 22.66 17.48
CA THR D 124 18.62 23.98 17.05
C THR D 124 19.94 23.83 16.30
N ILE D 125 20.22 24.81 15.44
CA ILE D 125 21.55 24.98 14.88
C ILE D 125 22.34 25.84 15.86
N ASN D 126 23.28 25.21 16.55
CA ASN D 126 24.24 25.89 17.40
C ASN D 126 25.52 25.04 17.42
N LYS D 127 26.55 25.53 18.10
CA LYS D 127 27.83 24.81 18.13
C LYS D 127 27.63 23.37 18.58
N THR D 128 26.92 23.16 19.69
CA THR D 128 26.79 21.81 20.23
C THR D 128 26.17 20.84 19.22
N TYR D 129 25.03 21.22 18.62
CA TYR D 129 24.37 20.27 17.74
C TYR D 129 25.02 20.22 16.37
N LEU D 130 25.72 21.27 15.94
CA LEU D 130 26.56 21.13 14.75
C LEU D 130 27.66 20.10 14.98
N GLU D 131 28.27 20.12 16.18
CA GLU D 131 29.31 19.14 16.48
C GLU D 131 28.73 17.74 16.54
N TYR D 132 27.53 17.60 17.11
CA TYR D 132 26.88 16.30 17.20
C TYR D 132 26.53 15.75 15.82
N ALA D 133 26.05 16.61 14.94
CA ALA D 133 25.73 16.18 13.59
C ALA D 133 26.99 15.86 12.81
N ALA D 134 28.06 16.62 13.05
CA ALA D 134 29.34 16.33 12.43
C ALA D 134 29.88 14.98 12.90
N ASP D 135 29.70 14.68 14.18
CA ASP D 135 30.11 13.40 14.72
C ASP D 135 29.38 12.26 14.04
N LYS D 136 28.05 12.38 13.92
CA LYS D 136 27.28 11.37 13.21
C LYS D 136 27.81 11.18 11.80
N ALA D 137 28.09 12.28 11.10
CA ALA D 137 28.54 12.20 9.71
C ALA D 137 29.87 11.46 9.61
N ALA D 138 30.81 11.78 10.50
CA ALA D 138 32.09 11.09 10.53
C ALA D 138 31.91 9.58 10.73
N SER D 139 30.93 9.19 11.55
CA SER D 139 30.75 7.76 11.82
C SER D 139 30.29 7.01 10.58
N VAL D 140 29.70 7.72 9.62
CA VAL D 140 29.35 7.14 8.32
C VAL D 140 30.50 7.24 7.34
N ARG D 141 31.15 8.40 7.28
CA ARG D 141 32.24 8.60 6.32
C ARG D 141 33.47 7.75 6.62
N LYS D 142 33.69 7.38 7.88
CA LYS D 142 34.83 6.53 8.19
C LYS D 142 34.67 5.11 7.65
N LEU D 143 33.45 4.69 7.33
CA LEU D 143 33.21 3.33 6.86
C LEU D 143 33.88 3.05 5.50
N TYR D 144 34.28 1.80 5.34
CA TYR D 144 34.93 1.35 4.11
C TYR D 144 33.91 1.09 3.03
N ARG D 145 34.17 1.63 1.84
CA ARG D 145 33.31 1.42 0.66
C ARG D 145 34.17 0.72 -0.39
N THR D 146 33.75 -0.47 -0.80
CA THR D 146 34.57 -1.25 -1.70
C THR D 146 34.57 -0.64 -3.09
N SER D 147 35.66 -0.87 -3.82
CA SER D 147 35.78 -0.50 -5.23
C SER D 147 35.84 -1.72 -6.14
N THR D 148 35.73 -2.93 -5.57
CA THR D 148 35.65 -4.15 -6.36
C THR D 148 34.33 -4.25 -7.12
N VAL D 149 34.40 -4.68 -8.37
CA VAL D 149 33.22 -4.77 -9.24
C VAL D 149 33.11 -6.11 -9.98
N GLU D 161 35.27 5.16 -8.89
CA GLU D 161 35.78 5.98 -7.80
C GLU D 161 34.63 6.66 -7.04
N HIS D 162 34.82 6.85 -5.73
CA HIS D 162 33.71 7.10 -4.81
C HIS D 162 33.49 8.58 -4.57
N PHE D 163 32.20 8.98 -4.53
CA PHE D 163 31.93 10.38 -4.23
C PHE D 163 31.88 10.60 -2.73
N PRO D 164 32.17 11.82 -2.27
CA PRO D 164 32.01 12.11 -0.84
C PRO D 164 30.54 12.09 -0.45
N ILE D 165 30.24 11.45 0.68
CA ILE D 165 28.87 11.43 1.19
C ILE D 165 28.51 12.83 1.67
N VAL D 166 27.27 13.24 1.39
CA VAL D 166 26.77 14.55 1.81
C VAL D 166 26.24 14.42 3.24
N ALA D 167 26.52 15.41 4.08
CA ALA D 167 26.05 15.36 5.47
C ALA D 167 25.45 16.71 5.87
N GLY D 168 24.39 16.67 6.68
CA GLY D 168 23.74 17.90 7.04
C GLY D 168 23.07 17.83 8.39
N ILE D 169 22.46 18.97 8.76
CA ILE D 169 21.70 19.12 9.99
C ILE D 169 20.37 19.76 9.64
N VAL D 170 19.30 19.29 10.26
CA VAL D 170 17.96 19.86 10.13
C VAL D 170 17.50 20.22 11.52
N ALA D 171 16.95 21.43 11.69
CA ALA D 171 16.59 21.85 13.05
C ALA D 171 15.37 22.77 13.00
N ILE D 172 14.87 23.12 14.19
CA ILE D 172 13.73 24.03 14.27
C ILE D 172 14.19 25.45 14.00
N ASP D 173 15.19 25.93 14.74
CA ASP D 173 15.56 27.34 14.69
C ASP D 173 17.07 27.45 14.78
N VAL D 174 17.54 28.70 14.83
CA VAL D 174 18.96 29.01 14.88
C VAL D 174 19.21 29.77 16.18
N GLU D 175 20.19 29.32 16.95
CA GLU D 175 20.44 29.90 18.27
C GLU D 175 20.89 31.36 18.18
N TRP D 176 21.75 31.68 17.22
CA TRP D 176 22.33 33.02 17.15
C TRP D 176 21.27 34.06 16.78
N GLN D 177 21.35 35.23 17.43
CA GLN D 177 20.55 36.35 16.96
C GLN D 177 20.99 36.80 15.58
N ASP D 178 22.29 36.63 15.27
CA ASP D 178 22.81 36.84 13.91
C ASP D 178 22.14 35.94 12.88
N GLY D 179 21.44 34.90 13.32
CA GLY D 179 21.02 33.88 12.38
C GLY D 179 22.22 33.04 11.98
N LEU D 180 22.24 32.62 10.72
CA LEU D 180 23.42 31.99 10.13
C LEU D 180 24.39 33.12 9.77
N GLY D 181 25.02 33.66 10.82
CA GLY D 181 25.87 34.82 10.72
C GLY D 181 27.34 34.50 10.66
N LYS D 182 28.16 35.48 11.05
CA LYS D 182 29.61 35.30 10.99
C LYS D 182 30.08 34.27 12.01
N ALA D 183 29.47 34.26 13.19
CA ALA D 183 29.75 33.20 14.15
C ALA D 183 29.50 31.84 13.52
N PHE D 184 28.34 31.69 12.87
CA PHE D 184 27.99 30.41 12.28
C PHE D 184 29.04 29.95 11.29
N THR D 185 29.40 30.80 10.33
CA THR D 185 30.34 30.37 9.31
C THR D 185 31.69 30.02 9.92
N GLU D 186 32.12 30.77 10.94
CA GLU D 186 33.34 30.41 11.65
C GLU D 186 33.22 29.02 12.28
N ASN D 187 32.09 28.73 12.93
CA ASN D 187 31.92 27.44 13.57
C ASN D 187 31.83 26.32 12.53
N LEU D 188 31.16 26.58 11.41
CA LEU D 188 30.97 25.56 10.38
C LEU D 188 32.29 25.22 9.70
N GLN D 189 33.11 26.24 9.41
CA GLN D 189 34.40 25.99 8.77
C GLN D 189 35.41 25.39 9.75
N ALA D 190 35.21 25.57 11.05
CA ALA D 190 35.99 24.82 12.03
C ALA D 190 35.65 23.33 11.97
N VAL D 191 34.36 23.00 11.97
CA VAL D 191 33.95 21.60 11.86
C VAL D 191 34.44 21.00 10.55
N SER D 192 34.46 21.79 9.47
CA SER D 192 34.79 21.30 8.14
C SER D 192 36.29 21.28 7.86
N SER D 193 37.13 21.39 8.89
CA SER D 193 38.56 21.17 8.71
C SER D 193 38.88 19.69 8.51
N ASP D 194 38.04 18.82 9.06
CA ASP D 194 38.12 17.38 8.87
C ASP D 194 37.05 16.99 7.87
N GLU D 195 37.45 16.42 6.74
CA GLU D 195 36.47 16.07 5.70
C GLU D 195 35.49 15.02 6.23
N ASN D 196 35.91 14.17 7.17
CA ASN D 196 34.99 13.22 7.75
C ASN D 196 33.83 13.92 8.44
N ARG D 197 34.07 15.12 8.96
CA ARG D 197 33.10 15.83 9.78
C ARG D 197 32.41 16.97 9.03
N LYS D 198 32.73 17.17 7.76
CA LYS D 198 32.14 18.26 6.99
C LYS D 198 30.61 18.20 7.02
N LEU D 199 29.99 19.33 7.29
CA LEU D 199 28.55 19.48 7.13
C LEU D 199 28.33 20.31 5.87
N ASP D 200 27.87 19.66 4.80
CA ASP D 200 27.64 20.31 3.52
C ASP D 200 26.47 21.26 3.57
N CYS D 201 25.48 20.99 4.43
CA CYS D 201 24.22 21.69 4.29
C CYS D 201 23.41 21.61 5.58
N GLY D 202 22.39 22.45 5.65
CA GLY D 202 21.52 22.44 6.81
C GLY D 202 20.31 23.31 6.61
N LEU D 203 19.31 23.06 7.45
CA LEU D 203 18.02 23.70 7.36
C LEU D 203 17.49 23.95 8.76
N ALA D 204 17.01 25.15 9.01
CA ALA D 204 16.19 25.47 10.18
C ALA D 204 14.81 25.84 9.66
N VAL D 205 13.79 25.10 10.08
CA VAL D 205 12.48 25.30 9.45
C VAL D 205 11.80 26.57 9.93
N SER D 206 12.36 27.23 10.93
CA SER D 206 11.97 28.61 11.22
C SER D 206 12.27 29.55 10.06
N GLY D 207 13.20 29.18 9.16
CA GLY D 207 13.53 30.00 8.02
C GLY D 207 15.00 30.30 7.80
N ALA D 208 15.82 29.26 7.69
CA ALA D 208 17.23 29.43 7.37
C ALA D 208 17.73 28.16 6.68
N CYS D 209 18.62 28.32 5.70
CA CYS D 209 19.32 27.17 5.16
C CYS D 209 20.66 27.61 4.61
N PHE D 210 21.58 26.63 4.54
CA PHE D 210 22.93 26.88 4.06
C PHE D 210 23.40 25.66 3.30
N ASP D 211 24.40 25.86 2.43
CA ASP D 211 25.18 24.77 1.88
C ASP D 211 26.50 25.31 1.38
N SER D 212 27.45 24.40 1.20
CA SER D 212 28.74 24.72 0.58
C SER D 212 28.88 24.03 -0.78
N TYR D 213 27.76 23.69 -1.42
CA TYR D 213 27.84 22.93 -2.66
C TYR D 213 28.68 23.63 -3.69
N ASP D 214 28.68 24.97 -3.67
CA ASP D 214 29.48 25.76 -4.60
C ASP D 214 30.77 26.29 -3.98
N GLU D 215 31.31 25.57 -2.99
CA GLU D 215 32.53 25.96 -2.26
C GLU D 215 32.25 27.10 -1.29
N GLU D 216 31.92 28.27 -1.82
CA GLU D 216 31.43 29.35 -0.97
C GLU D 216 30.20 28.88 -0.19
N ILE D 217 30.10 29.29 1.06
CA ILE D 217 28.92 29.01 1.86
C ILE D 217 27.80 29.95 1.41
N LYS D 218 26.69 29.38 0.99
CA LYS D 218 25.52 30.12 0.54
C LYS D 218 24.39 29.97 1.55
N ILE D 219 23.81 31.09 1.94
CA ILE D 219 22.83 31.16 3.01
C ILE D 219 21.56 31.82 2.48
N ARG D 220 20.42 31.26 2.87
CA ARG D 220 19.13 31.89 2.61
C ARG D 220 18.35 31.93 3.92
N SER D 221 17.40 32.85 3.97
CA SER D 221 16.53 33.01 5.12
C SER D 221 15.11 33.29 4.65
N GLY D 222 14.17 33.01 5.53
CA GLY D 222 12.78 33.35 5.31
C GLY D 222 11.94 32.19 4.84
N GLU D 223 10.81 32.54 4.22
CA GLU D 223 9.74 31.57 3.96
C GLU D 223 10.10 30.52 2.91
N ASN D 224 11.13 30.74 2.09
CA ASN D 224 11.55 29.76 1.08
C ASN D 224 12.72 28.88 1.54
N ALA D 225 13.00 28.83 2.83
CA ALA D 225 14.14 28.03 3.30
C ALA D 225 13.98 26.56 2.91
N LEU D 226 12.78 26.00 3.10
CA LEU D 226 12.58 24.59 2.79
C LEU D 226 12.77 24.30 1.30
N ILE D 227 12.13 25.11 0.42
CA ILE D 227 12.22 24.83 -1.00
C ILE D 227 13.66 25.01 -1.50
N PHE D 228 14.38 26.00 -0.97
CA PHE D 228 15.79 26.13 -1.33
C PHE D 228 16.59 24.92 -0.88
N PHE D 229 16.44 24.55 0.39
CA PHE D 229 17.20 23.43 0.92
C PHE D 229 16.97 22.18 0.08
N LEU D 230 15.71 21.90 -0.26
CA LEU D 230 15.39 20.65 -0.93
C LEU D 230 15.87 20.65 -2.38
N PHE D 231 15.65 21.75 -3.11
CA PHE D 231 16.11 21.80 -4.50
C PHE D 231 17.64 21.87 -4.61
N ARG D 232 18.32 22.58 -3.69
CA ARG D 232 19.79 22.58 -3.71
C ARG D 232 20.33 21.19 -3.39
N LEU D 233 19.79 20.55 -2.36
CA LEU D 233 20.16 19.17 -2.07
C LEU D 233 19.92 18.28 -3.29
N LEU D 234 18.75 18.41 -3.93
CA LEU D 234 18.46 17.61 -5.12
C LEU D 234 19.52 17.82 -6.19
N GLY D 235 19.94 19.08 -6.39
CA GLY D 235 20.96 19.35 -7.39
C GLY D 235 22.29 18.71 -7.02
N LYS D 236 22.63 18.73 -5.73
CA LYS D 236 23.87 18.11 -5.27
C LYS D 236 23.82 16.60 -5.46
N LEU D 237 22.72 15.97 -5.05
CA LEU D 237 22.53 14.55 -5.32
C LEU D 237 22.67 14.25 -6.81
N GLN D 238 22.06 15.08 -7.68
CA GLN D 238 22.09 14.80 -9.11
C GLN D 238 23.54 14.73 -9.57
N SER D 239 24.39 15.58 -8.99
CA SER D 239 25.80 15.66 -9.38
C SER D 239 26.58 14.42 -8.94
N LEU D 240 26.12 13.73 -7.91
CA LEU D 240 26.81 12.51 -7.50
C LEU D 240 26.58 11.39 -8.48
N GLY D 241 25.46 11.42 -9.20
CA GLY D 241 25.06 10.28 -10.02
C GLY D 241 24.57 9.13 -9.15
N THR D 242 24.25 8.02 -9.82
CA THR D 242 23.83 6.84 -9.09
C THR D 242 25.01 6.20 -8.36
N VAL D 243 24.78 5.69 -7.16
CA VAL D 243 25.84 4.95 -6.46
C VAL D 243 26.46 3.96 -7.45
N PRO D 244 27.78 3.84 -7.48
CA PRO D 244 28.39 2.93 -8.45
C PRO D 244 28.09 1.47 -8.15
N ALA D 245 27.97 0.68 -9.20
CA ALA D 245 27.80 -0.75 -9.04
C ALA D 245 29.07 -1.36 -8.44
N ILE D 246 28.89 -2.29 -7.48
CA ILE D 246 29.97 -2.97 -6.80
C ILE D 246 29.70 -4.48 -6.75
N ASP D 247 30.73 -5.23 -6.36
CA ASP D 247 30.63 -6.69 -6.20
C ASP D 247 30.21 -6.95 -4.75
N TRP D 248 28.94 -7.28 -4.57
CA TRP D 248 28.40 -7.44 -3.23
C TRP D 248 28.95 -8.64 -2.50
N ARG D 249 29.67 -9.52 -3.19
CA ARG D 249 30.27 -10.69 -2.55
C ARG D 249 31.24 -10.31 -1.44
N VAL D 250 31.67 -9.05 -1.38
CA VAL D 250 32.55 -8.63 -0.31
C VAL D 250 31.85 -8.68 1.05
N TYR D 251 30.51 -8.62 1.07
CA TYR D 251 29.75 -8.70 2.32
C TYR D 251 29.68 -10.13 2.85
N ILE D 252 29.96 -11.14 2.03
CA ILE D 252 29.91 -12.53 2.44
C ILE D 252 31.27 -13.21 2.41
N ASP D 253 32.34 -12.51 1.97
CA ASP D 253 33.63 -13.16 1.73
C ASP D 253 34.21 -13.80 2.99
N SER D 254 33.96 -13.24 4.17
CA SER D 254 34.63 -13.75 5.37
C SER D 254 33.76 -14.70 6.16
N LEU D 255 32.48 -14.78 5.86
CA LEU D 255 31.59 -15.74 6.48
C LEU D 255 31.97 -17.16 6.08
N GLU D 256 31.74 -18.10 6.98
CA GLU D 256 32.13 -19.47 6.73
C GLU D 256 30.91 -20.33 6.39
N ASN E 18 2.54 23.97 23.02
CA ASN E 18 1.31 23.67 23.76
C ASN E 18 0.39 22.78 22.90
N GLY E 19 -0.37 21.90 23.58
CA GLY E 19 -1.19 20.94 22.86
C GLY E 19 -2.32 21.58 22.08
N ARG E 20 -3.00 22.57 22.69
CA ARG E 20 -4.10 23.24 22.00
C ARG E 20 -3.59 24.02 20.78
N GLU E 21 -2.47 24.73 20.93
CA GLU E 21 -1.96 25.47 19.78
C GLU E 21 -1.55 24.52 18.66
N PHE E 22 -0.92 23.40 19.02
CA PHE E 22 -0.55 22.47 17.96
C PHE E 22 -1.77 21.91 17.25
N LEU E 23 -2.84 21.66 18.01
CA LEU E 23 -4.08 21.21 17.40
C LEU E 23 -4.62 22.27 16.43
N LYS E 24 -4.69 23.51 16.88
CA LYS E 24 -5.15 24.60 16.03
C LYS E 24 -4.30 24.69 14.76
N GLN E 25 -2.98 24.70 14.93
CA GLN E 25 -2.07 24.88 13.81
C GLN E 25 -2.16 23.72 12.83
N SER E 26 -2.15 22.49 13.33
CA SER E 26 -2.30 21.36 12.44
C SER E 26 -3.45 21.59 11.47
N PHE E 27 -4.64 21.92 12.00
CA PHE E 27 -5.80 22.00 11.14
C PHE E 27 -5.78 23.28 10.32
N ASN E 28 -5.33 24.39 10.89
CA ASN E 28 -5.37 25.61 10.10
C ASN E 28 -4.37 25.56 8.95
N LEU E 29 -3.19 24.99 9.16
CA LEU E 29 -2.24 24.87 8.06
C LEU E 29 -2.78 23.95 6.97
N GLN E 30 -3.51 22.90 7.36
CA GLN E 30 -4.19 22.05 6.37
C GLN E 30 -5.27 22.82 5.63
N GLN E 31 -6.02 23.66 6.35
CA GLN E 31 -7.04 24.51 5.73
C GLN E 31 -6.43 25.39 4.64
N GLN E 32 -5.31 26.01 4.96
CA GLN E 32 -4.58 26.82 3.99
C GLN E 32 -4.03 26.00 2.83
N LEU E 33 -3.54 24.78 3.11
CA LEU E 33 -3.06 23.92 2.04
C LEU E 33 -4.21 23.57 1.10
N LEU E 34 -5.37 23.29 1.67
CA LEU E 34 -6.49 22.88 0.83
C LEU E 34 -6.98 24.04 -0.04
N ALA E 35 -7.06 25.23 0.55
CA ALA E 35 -7.41 26.43 -0.21
C ALA E 35 -6.48 26.63 -1.40
N SER E 36 -5.19 26.46 -1.17
CA SER E 36 -4.21 26.66 -2.24
C SER E 36 -4.37 25.61 -3.33
N GLN E 37 -4.51 24.34 -2.94
CA GLN E 37 -4.70 23.28 -3.91
C GLN E 37 -6.01 23.43 -4.69
N LEU E 38 -7.10 23.78 -4.02
CA LEU E 38 -8.36 23.92 -4.74
C LEU E 38 -8.27 25.04 -5.77
N ASN E 39 -7.63 26.15 -5.40
CA ASN E 39 -7.36 27.22 -6.37
C ASN E 39 -6.47 26.75 -7.52
N LEU E 40 -5.38 26.04 -7.22
CA LEU E 40 -4.50 25.52 -8.25
C LEU E 40 -5.27 24.61 -9.22
N SER E 41 -6.34 23.96 -8.76
CA SER E 41 -7.05 22.95 -9.54
C SER E 41 -8.16 23.53 -10.41
N ARG E 42 -8.43 24.82 -10.33
CA ARG E 42 -9.54 25.38 -11.08
C ARG E 42 -9.37 25.22 -12.57
N THR E 43 -10.43 24.80 -13.25
CA THR E 43 -10.39 24.71 -14.70
C THR E 43 -10.32 26.10 -15.28
N ILE E 44 -9.75 26.18 -16.47
CA ILE E 44 -9.66 27.45 -17.18
C ILE E 44 -10.95 27.64 -17.97
N THR E 45 -11.61 28.78 -17.74
CA THR E 45 -12.89 29.07 -18.38
C THR E 45 -12.66 29.99 -19.58
N HIS E 46 -13.64 30.02 -20.47
CA HIS E 46 -13.61 30.98 -21.57
C HIS E 46 -14.42 32.23 -21.25
N ASP E 47 -14.97 32.35 -20.05
CA ASP E 47 -15.79 33.49 -19.70
C ASP E 47 -15.23 34.28 -18.53
N GLY E 48 -13.99 33.99 -18.11
CA GLY E 48 -13.33 34.75 -17.07
C GLY E 48 -13.75 34.44 -15.66
N THR E 49 -14.53 33.37 -15.46
CA THR E 49 -15.00 33.02 -14.13
C THR E 49 -14.05 32.00 -13.50
N MET E 50 -14.39 31.53 -12.31
CA MET E 50 -13.34 30.89 -11.53
C MET E 50 -13.08 29.44 -11.91
N GLY E 51 -14.05 28.73 -12.50
CA GLY E 51 -13.85 27.36 -12.94
C GLY E 51 -14.13 26.33 -11.86
N GLU E 52 -14.16 25.05 -12.28
CA GLU E 52 -14.46 23.95 -11.38
C GLU E 52 -13.20 23.36 -10.77
N VAL E 53 -13.37 22.64 -9.66
CA VAL E 53 -12.26 22.24 -8.81
C VAL E 53 -12.14 20.72 -8.68
N ASN E 54 -10.94 20.31 -8.28
CA ASN E 54 -10.58 18.90 -8.09
C ASN E 54 -10.75 18.52 -6.62
N GLU E 55 -11.58 17.49 -6.36
CA GLU E 55 -11.99 17.06 -5.02
C GLU E 55 -10.96 16.18 -4.30
N SER E 56 -9.94 15.70 -5.00
CA SER E 56 -9.15 14.59 -4.49
C SER E 56 -8.35 14.95 -3.23
N TYR E 57 -7.88 16.19 -3.07
CA TYR E 57 -7.09 16.51 -1.89
C TYR E 57 -8.00 16.66 -0.67
N PHE E 58 -9.18 17.25 -0.88
CA PHE E 58 -10.19 17.21 0.17
C PHE E 58 -10.48 15.77 0.60
N LEU E 59 -10.61 14.86 -0.37
CA LEU E 59 -10.86 13.47 0.00
C LEU E 59 -9.74 12.93 0.89
N SER E 60 -8.48 13.17 0.51
CA SER E 60 -7.38 12.61 1.31
C SER E 60 -7.39 13.18 2.73
N ILE E 61 -7.74 14.45 2.89
CA ILE E 61 -7.80 15.06 4.23
C ILE E 61 -8.94 14.48 5.06
N ILE E 62 -10.15 14.40 4.50
CA ILE E 62 -11.26 13.95 5.32
C ILE E 62 -11.14 12.44 5.58
N ARG E 63 -10.54 11.71 4.64
CA ARG E 63 -10.23 10.30 4.85
C ARG E 63 -9.22 10.12 5.99
N GLN E 64 -8.14 10.91 5.98
CA GLN E 64 -7.17 10.88 7.08
C GLN E 64 -7.85 11.16 8.42
N TYR E 65 -8.76 12.15 8.45
CA TYR E 65 -9.36 12.58 9.69
C TYR E 65 -10.36 11.57 10.26
N LEU E 66 -11.22 11.03 9.40
CA LEU E 66 -12.39 10.30 9.89
C LEU E 66 -11.96 9.02 10.60
N PRO E 67 -12.65 8.64 11.69
CA PRO E 67 -12.47 7.29 12.22
C PRO E 67 -12.60 6.24 11.12
N GLU E 68 -11.87 5.13 11.30
CA GLU E 68 -11.79 4.10 10.26
C GLU E 68 -13.10 3.37 10.06
N ARG E 69 -14.07 3.51 10.95
CA ARG E 69 -15.38 2.95 10.68
C ARG E 69 -16.03 3.61 9.47
N TYR E 70 -15.56 4.79 9.08
CA TYR E 70 -16.09 5.48 7.91
C TYR E 70 -15.11 5.31 6.74
N SER E 71 -15.67 5.10 5.57
CA SER E 71 -14.90 5.14 4.33
C SER E 71 -15.42 6.38 3.61
N VAL E 72 -14.59 6.90 2.70
CA VAL E 72 -15.02 8.07 1.96
C VAL E 72 -14.31 8.05 0.62
N ASP E 73 -15.09 8.30 -0.43
CA ASP E 73 -14.54 8.30 -1.78
C ASP E 73 -15.58 8.92 -2.70
N ARG E 74 -15.12 9.27 -3.89
CA ARG E 74 -15.97 9.72 -4.96
C ARG E 74 -16.72 8.56 -5.58
N GLY E 75 -17.98 8.77 -5.91
CA GLY E 75 -18.68 7.71 -6.64
C GLY E 75 -20.15 8.00 -6.85
N VAL E 76 -20.86 6.92 -7.15
CA VAL E 76 -22.29 6.93 -7.44
C VAL E 76 -22.95 6.01 -6.41
N VAL E 77 -24.09 6.44 -5.90
CA VAL E 77 -24.88 5.61 -4.98
C VAL E 77 -25.95 4.88 -5.79
N VAL E 78 -26.20 3.62 -5.44
CA VAL E 78 -27.17 2.80 -6.16
C VAL E 78 -28.06 2.14 -5.14
N ASP E 79 -29.27 1.80 -5.56
CA ASP E 79 -30.18 1.08 -4.67
C ASP E 79 -30.59 -0.23 -5.32
N SER E 80 -31.29 -1.05 -4.52
CA SER E 80 -31.64 -2.39 -4.94
C SER E 80 -32.71 -2.42 -6.04
N GLU E 81 -33.36 -1.31 -6.35
CA GLU E 81 -34.28 -1.23 -7.49
C GLU E 81 -33.60 -0.78 -8.77
N GLY E 82 -32.29 -0.56 -8.74
CA GLY E 82 -31.55 -0.18 -9.93
C GLY E 82 -31.39 1.31 -10.16
N GLN E 83 -31.94 2.15 -9.29
CA GLN E 83 -31.75 3.59 -9.47
C GLN E 83 -30.39 4.02 -8.96
N THR E 84 -29.85 5.07 -9.58
CA THR E 84 -28.58 5.63 -9.15
C THR E 84 -28.75 7.10 -8.83
N SER E 85 -27.84 7.57 -7.97
CA SER E 85 -27.66 8.98 -7.71
C SER E 85 -26.84 9.62 -8.82
N ASP E 86 -26.62 10.91 -8.68
CA ASP E 86 -25.64 11.57 -9.52
C ASP E 86 -24.26 11.24 -9.00
N GLN E 87 -23.20 11.71 -9.67
CA GLN E 87 -21.88 11.48 -9.09
C GLN E 87 -21.66 12.41 -7.90
N ILE E 88 -21.14 11.84 -6.82
CA ILE E 88 -20.88 12.56 -5.58
C ILE E 88 -19.37 12.63 -5.34
N ASP E 89 -18.87 13.81 -4.99
CA ASP E 89 -17.42 13.96 -4.79
C ASP E 89 -16.93 13.17 -3.59
N ALA E 90 -17.70 13.13 -2.52
CA ALA E 90 -17.23 12.54 -1.26
C ALA E 90 -18.44 11.87 -0.59
N VAL E 91 -18.56 10.55 -0.78
CA VAL E 91 -19.58 9.76 -0.13
C VAL E 91 -18.92 9.19 1.09
N ILE E 92 -19.53 9.41 2.26
CA ILE E 92 -19.09 8.82 3.52
C ILE E 92 -19.99 7.63 3.78
N PHE E 93 -19.39 6.45 3.91
CA PHE E 93 -20.13 5.20 3.83
C PHE E 93 -19.43 4.10 4.62
N ASP E 94 -20.19 3.04 4.90
CA ASP E 94 -19.65 1.86 5.58
C ASP E 94 -19.05 0.84 4.62
N ARG E 95 -17.92 0.29 5.02
CA ARG E 95 -17.33 -0.89 4.42
C ARG E 95 -17.06 -2.01 5.40
N HIS E 96 -17.27 -1.79 6.71
CA HIS E 96 -17.01 -2.84 7.68
C HIS E 96 -18.04 -3.97 7.58
N TYR E 97 -19.31 -3.60 7.37
CA TYR E 97 -20.42 -4.55 7.31
C TYR E 97 -20.98 -4.73 5.91
N THR E 98 -20.62 -3.88 4.99
CA THR E 98 -21.21 -3.72 3.68
C THR E 98 -20.30 -4.30 2.61
N PRO E 99 -20.83 -5.04 1.63
CA PRO E 99 -20.00 -5.55 0.55
C PRO E 99 -19.59 -4.41 -0.36
N THR E 100 -18.58 -4.69 -1.17
CA THR E 100 -18.20 -3.80 -2.26
C THR E 100 -18.79 -4.36 -3.55
N LEU E 101 -19.22 -3.47 -4.45
CA LEU E 101 -19.71 -3.96 -5.74
C LEU E 101 -18.61 -3.98 -6.78
N LEU E 102 -17.40 -4.43 -6.39
CA LEU E 102 -16.28 -4.65 -7.30
C LEU E 102 -15.94 -3.35 -8.04
N ASP E 103 -15.90 -2.26 -7.30
CA ASP E 103 -15.62 -0.93 -7.85
C ASP E 103 -14.17 -0.57 -7.58
N GLN E 104 -13.82 0.71 -7.74
CA GLN E 104 -12.44 1.14 -7.65
C GLN E 104 -12.32 2.50 -7.00
N GLN E 105 -11.12 2.77 -6.48
CA GLN E 105 -10.78 4.10 -5.97
C GLN E 105 -11.11 5.17 -7.01
N GLY E 106 -11.80 6.19 -6.56
CA GLY E 106 -12.19 7.31 -7.41
C GLY E 106 -13.51 7.12 -8.13
N HIS E 107 -14.03 5.87 -8.18
CA HIS E 107 -15.36 5.64 -8.77
C HIS E 107 -15.99 4.45 -8.07
N ARG E 108 -16.51 4.74 -6.89
CA ARG E 108 -17.19 3.73 -6.11
C ARG E 108 -18.64 3.63 -6.59
N PHE E 109 -19.22 2.46 -6.36
CA PHE E 109 -20.62 2.19 -6.74
C PHE E 109 -21.24 1.60 -5.48
N ILE E 110 -21.94 2.44 -4.72
CA ILE E 110 -22.14 2.26 -3.28
C ILE E 110 -23.62 1.99 -3.01
N PRO E 111 -23.97 0.89 -2.33
CA PRO E 111 -25.37 0.68 -2.00
C PRO E 111 -25.86 1.76 -1.04
N ALA E 112 -27.08 2.22 -1.30
CA ALA E 112 -27.67 3.32 -0.56
C ALA E 112 -27.72 3.06 0.94
N GLU E 113 -27.94 1.81 1.35
CA GLU E 113 -28.05 1.52 2.77
C GLU E 113 -26.74 1.68 3.53
N ALA E 114 -25.63 1.90 2.84
CA ALA E 114 -24.32 2.06 3.47
C ALA E 114 -23.92 3.51 3.65
N VAL E 115 -24.75 4.46 3.21
CA VAL E 115 -24.36 5.87 3.11
C VAL E 115 -24.72 6.63 4.38
N TYR E 116 -23.72 7.32 4.93
CA TYR E 116 -23.89 8.22 6.06
C TYR E 116 -24.10 9.65 5.57
N ALA E 117 -23.29 10.09 4.62
CA ALA E 117 -23.25 11.50 4.26
C ALA E 117 -22.70 11.65 2.85
N VAL E 118 -23.03 12.79 2.23
CA VAL E 118 -22.54 13.09 0.90
C VAL E 118 -22.11 14.55 0.89
N LEU E 119 -20.93 14.79 0.34
CA LEU E 119 -20.38 16.14 0.27
C LEU E 119 -19.96 16.42 -1.15
N GLU E 120 -20.32 17.60 -1.65
CA GLU E 120 -19.89 18.07 -2.95
C GLU E 120 -18.84 19.18 -2.82
N VAL E 121 -17.78 19.08 -3.60
CA VAL E 121 -16.71 20.06 -3.59
C VAL E 121 -16.90 20.96 -4.82
N LYS E 122 -17.10 22.23 -4.59
CA LYS E 122 -17.43 23.18 -5.63
C LYS E 122 -16.57 24.42 -5.50
N PRO E 123 -16.58 25.30 -6.49
CA PRO E 123 -15.66 26.46 -6.44
C PRO E 123 -15.98 27.45 -5.33
N THR E 124 -17.25 27.75 -5.13
CA THR E 124 -17.64 28.85 -4.24
C THR E 124 -19.01 28.54 -3.66
N ILE E 125 -19.30 29.12 -2.50
CA ILE E 125 -20.64 29.03 -1.93
C ILE E 125 -21.42 30.22 -2.47
N ASN E 126 -22.35 29.95 -3.37
CA ASN E 126 -23.25 30.94 -3.91
C ASN E 126 -24.57 30.21 -4.21
N LYS E 127 -25.51 30.91 -4.84
CA LYS E 127 -26.81 30.29 -5.10
C LYS E 127 -26.69 29.12 -6.07
N THR E 128 -25.92 29.29 -7.14
CA THR E 128 -25.77 28.21 -8.12
C THR E 128 -25.28 26.93 -7.47
N TYR E 129 -24.18 27.00 -6.72
CA TYR E 129 -23.59 25.76 -6.20
C TYR E 129 -24.31 25.21 -4.98
N LEU E 130 -24.96 26.06 -4.18
CA LEU E 130 -25.87 25.53 -3.17
C LEU E 130 -26.98 24.71 -3.80
N GLU E 131 -27.61 25.23 -4.87
CA GLU E 131 -28.66 24.48 -5.54
C GLU E 131 -28.10 23.20 -6.15
N TYR E 132 -26.89 23.28 -6.73
CA TYR E 132 -26.26 22.09 -7.33
C TYR E 132 -25.99 21.03 -6.28
N ALA E 133 -25.43 21.43 -5.14
CA ALA E 133 -25.14 20.45 -4.09
C ALA E 133 -26.43 19.85 -3.54
N ALA E 134 -27.46 20.68 -3.43
CA ALA E 134 -28.76 20.20 -3.02
C ALA E 134 -29.33 19.20 -4.03
N ASP E 135 -29.20 19.49 -5.33
CA ASP E 135 -29.68 18.53 -6.32
C ASP E 135 -28.94 17.20 -6.19
N LYS E 136 -27.62 17.24 -5.97
CA LYS E 136 -26.86 16.02 -5.75
C LYS E 136 -27.40 15.30 -4.52
N ALA E 137 -27.60 16.04 -3.43
CA ALA E 137 -28.08 15.39 -2.20
C ALA E 137 -29.44 14.72 -2.42
N ALA E 138 -30.34 15.40 -3.14
CA ALA E 138 -31.66 14.81 -3.41
C ALA E 138 -31.55 13.55 -4.24
N SER E 139 -30.56 13.47 -5.13
CA SER E 139 -30.44 12.31 -6.00
C SER E 139 -30.00 11.08 -5.21
N VAL E 140 -29.36 11.27 -4.06
CA VAL E 140 -29.04 10.17 -3.12
C VAL E 140 -30.20 9.89 -2.17
N ARG E 141 -30.80 10.95 -1.58
CA ARG E 141 -31.87 10.75 -0.60
C ARG E 141 -33.15 10.17 -1.20
N LYS E 142 -33.36 10.29 -2.50
CA LYS E 142 -34.53 9.69 -3.13
C LYS E 142 -34.38 8.18 -3.33
N LEU E 143 -33.18 7.63 -3.19
CA LEU E 143 -32.96 6.22 -3.41
C LEU E 143 -33.64 5.40 -2.31
N TYR E 144 -34.05 4.19 -2.69
CA TYR E 144 -34.78 3.33 -1.77
C TYR E 144 -33.78 2.58 -0.90
N ARG E 145 -34.00 2.60 0.40
CA ARG E 145 -33.19 1.84 1.35
C ARG E 145 -34.06 0.74 1.94
N THR E 146 -33.66 -0.52 1.76
CA THR E 146 -34.48 -1.64 2.27
C THR E 146 -34.50 -1.65 3.78
N SER E 147 -35.59 -2.17 4.34
CA SER E 147 -35.69 -2.49 5.75
C SER E 147 -35.68 -3.98 5.99
N THR E 148 -35.53 -4.79 4.94
CA THR E 148 -35.41 -6.24 5.09
C THR E 148 -34.13 -6.59 5.80
N VAL E 149 -34.21 -7.56 6.72
CA VAL E 149 -33.06 -8.03 7.48
C VAL E 149 -33.05 -9.55 7.41
N ILE E 150 -31.93 -10.15 7.80
CA ILE E 150 -31.81 -11.58 7.63
C ILE E 150 -32.59 -12.26 8.75
N LYS E 151 -32.99 -13.51 8.51
CA LYS E 151 -33.71 -14.26 9.51
C LYS E 151 -32.96 -14.23 10.83
N ASN E 152 -33.66 -13.87 11.89
CA ASN E 152 -33.12 -13.86 13.24
C ASN E 152 -33.95 -14.88 14.01
N ILE E 153 -33.33 -16.01 14.36
CA ILE E 153 -34.08 -17.23 14.67
C ILE E 153 -34.55 -17.20 16.11
N TYR E 154 -33.61 -17.11 17.04
CA TYR E 154 -33.88 -16.99 18.46
C TYR E 154 -33.48 -15.63 18.98
N GLY E 155 -33.11 -14.71 18.10
CA GLY E 155 -32.62 -13.42 18.53
C GLY E 155 -33.71 -12.37 18.63
N THR E 156 -33.40 -11.35 19.41
CA THR E 156 -34.31 -10.23 19.58
C THR E 156 -34.21 -9.36 18.34
N ALA E 157 -35.33 -9.16 17.65
CA ALA E 157 -35.32 -8.43 16.40
C ALA E 157 -35.05 -6.95 16.66
N LYS E 158 -34.19 -6.37 15.86
CA LYS E 158 -33.92 -4.94 15.93
C LYS E 158 -34.62 -4.29 14.74
N PRO E 159 -35.72 -3.57 14.92
CA PRO E 159 -36.39 -2.94 13.77
C PRO E 159 -35.49 -1.90 13.12
N VAL E 160 -35.28 -2.06 11.82
CA VAL E 160 -34.46 -1.11 11.05
C VAL E 160 -35.12 0.26 11.11
N GLU E 161 -34.37 1.24 11.61
CA GLU E 161 -34.80 2.65 11.64
C GLU E 161 -33.78 3.45 10.85
N HIS E 162 -34.14 3.87 9.65
CA HIS E 162 -33.19 4.57 8.81
C HIS E 162 -33.03 6.00 9.30
N PHE E 163 -31.79 6.49 9.25
CA PHE E 163 -31.56 7.87 9.62
C PHE E 163 -31.47 8.71 8.36
N PRO E 164 -31.69 10.02 8.48
CA PRO E 164 -31.50 10.89 7.30
C PRO E 164 -30.03 11.02 6.95
N ILE E 165 -29.74 10.91 5.66
CA ILE E 165 -28.39 11.12 5.13
C ILE E 165 -28.01 12.59 5.27
N VAL E 166 -26.80 12.83 5.73
CA VAL E 166 -26.22 14.17 5.87
C VAL E 166 -25.69 14.63 4.52
N ALA E 167 -25.89 15.92 4.19
CA ALA E 167 -25.38 16.44 2.93
C ALA E 167 -24.76 17.82 3.14
N GLY E 168 -23.74 18.11 2.32
CA GLY E 168 -23.08 19.39 2.48
C GLY E 168 -22.25 19.78 1.28
N ILE E 169 -21.64 20.95 1.42
CA ILE E 169 -20.86 21.59 0.36
C ILE E 169 -19.54 22.05 0.94
N VAL E 170 -18.48 21.87 0.16
CA VAL E 170 -17.13 22.31 0.48
C VAL E 170 -16.67 23.19 -0.68
N ALA E 171 -16.12 24.36 -0.36
CA ALA E 171 -15.76 25.25 -1.45
C ALA E 171 -14.54 26.09 -1.08
N ILE E 172 -14.03 26.83 -2.06
CA ILE E 172 -12.90 27.71 -1.81
C ILE E 172 -13.33 28.91 -0.97
N ASP E 173 -14.38 29.59 -1.40
CA ASP E 173 -14.73 30.84 -0.74
C ASP E 173 -16.24 31.01 -0.82
N VAL E 174 -16.71 32.21 -0.47
CA VAL E 174 -18.13 32.51 -0.38
C VAL E 174 -18.38 33.74 -1.25
N GLU E 175 -19.32 33.63 -2.18
CA GLU E 175 -19.47 34.76 -3.11
C GLU E 175 -20.11 35.98 -2.44
N TRP E 176 -20.96 35.78 -1.44
CA TRP E 176 -21.51 36.93 -0.71
C TRP E 176 -20.38 37.73 -0.07
N GLN E 177 -20.38 39.04 -0.34
CA GLN E 177 -19.39 39.93 0.24
C GLN E 177 -19.36 39.84 1.76
N ASP E 178 -20.51 39.65 2.40
CA ASP E 178 -20.53 39.52 3.86
C ASP E 178 -20.47 38.08 4.32
N GLY E 179 -20.01 37.18 3.45
CA GLY E 179 -19.80 35.80 3.86
C GLY E 179 -21.11 35.06 4.14
N LEU E 180 -21.10 34.24 5.19
CA LEU E 180 -22.28 33.45 5.52
C LEU E 180 -23.20 34.30 6.39
N GLY E 181 -23.77 35.31 5.75
CA GLY E 181 -24.64 36.28 6.39
C GLY E 181 -26.11 36.02 6.12
N LYS E 182 -26.90 37.09 6.18
CA LYS E 182 -28.35 36.93 6.13
C LYS E 182 -28.83 36.43 4.78
N ALA E 183 -28.26 36.97 3.69
CA ALA E 183 -28.67 36.53 2.37
C ALA E 183 -28.31 35.07 2.14
N PHE E 184 -27.10 34.66 2.55
CA PHE E 184 -26.74 33.25 2.49
C PHE E 184 -27.75 32.40 3.27
N THR E 185 -28.04 32.79 4.51
CA THR E 185 -28.94 31.97 5.33
C THR E 185 -30.33 31.86 4.71
N GLU E 186 -30.85 32.95 4.13
CA GLU E 186 -32.13 32.87 3.44
C GLU E 186 -32.07 31.92 2.25
N ASN E 187 -30.95 31.90 1.54
CA ASN E 187 -30.80 30.95 0.44
C ASN E 187 -30.74 29.52 0.95
N LEU E 188 -29.95 29.27 1.99
CA LEU E 188 -29.87 27.92 2.53
C LEU E 188 -31.24 27.41 2.93
N GLN E 189 -32.06 28.25 3.58
CA GLN E 189 -33.38 27.82 4.00
C GLN E 189 -34.28 27.54 2.80
N ALA E 190 -34.25 28.42 1.80
CA ALA E 190 -34.99 28.17 0.57
C ALA E 190 -34.63 26.81 -0.01
N VAL E 191 -33.33 26.57 -0.22
CA VAL E 191 -32.85 25.29 -0.74
C VAL E 191 -33.39 24.15 0.10
N SER E 192 -33.27 24.27 1.42
CA SER E 192 -33.50 23.18 2.35
C SER E 192 -34.95 23.09 2.82
N SER E 193 -35.88 23.71 2.10
CA SER E 193 -37.31 23.61 2.40
C SER E 193 -37.92 22.33 1.84
N ASP E 194 -37.13 21.47 1.21
CA ASP E 194 -37.51 20.09 0.93
C ASP E 194 -36.47 19.21 1.60
N GLU E 195 -36.92 18.19 2.35
CA GLU E 195 -35.97 17.37 3.09
C GLU E 195 -34.99 16.65 2.18
N ASN E 196 -35.41 16.32 0.94
CA ASN E 196 -34.49 15.60 0.06
C ASN E 196 -33.33 16.51 -0.35
N ARG E 197 -33.56 17.83 -0.37
CA ARG E 197 -32.56 18.77 -0.84
C ARG E 197 -31.81 19.46 0.29
N LYS E 198 -32.11 19.14 1.54
CA LYS E 198 -31.53 19.86 2.67
C LYS E 198 -30.01 19.78 2.66
N LEU E 199 -29.35 20.92 2.87
CA LEU E 199 -27.89 20.95 3.05
C LEU E 199 -27.62 21.17 4.52
N ASP E 200 -27.18 20.12 5.20
CA ASP E 200 -26.94 20.18 6.63
C ASP E 200 -25.70 21.01 7.00
N CYS E 201 -24.71 21.11 6.11
CA CYS E 201 -23.41 21.64 6.51
C CYS E 201 -22.60 22.12 5.30
N GLY E 202 -21.58 22.91 5.58
CA GLY E 202 -20.72 23.41 4.53
C GLY E 202 -19.48 24.08 5.07
N LEU E 203 -18.48 24.17 4.20
CA LEU E 203 -17.17 24.69 4.56
C LEU E 203 -16.66 25.51 3.38
N ALA E 204 -16.22 26.71 3.67
CA ALA E 204 -15.39 27.48 2.74
C ALA E 204 -13.99 27.54 3.34
N VAL E 205 -13.00 26.98 2.64
CA VAL E 205 -11.66 26.93 3.23
C VAL E 205 -11.01 28.31 3.31
N SER E 206 -11.57 29.30 2.64
CA SER E 206 -11.17 30.69 2.86
C SER E 206 -11.36 31.10 4.33
N GLY E 207 -12.32 30.50 5.01
CA GLY E 207 -12.51 30.72 6.41
C GLY E 207 -13.96 30.82 6.87
N ALA E 208 -14.83 29.88 6.49
CA ALA E 208 -16.18 29.89 7.02
C ALA E 208 -16.76 28.49 7.02
N CYS E 209 -17.61 28.21 8.03
CA CYS E 209 -18.37 26.97 7.97
C CYS E 209 -19.72 27.16 8.63
N PHE E 210 -20.65 26.25 8.27
CA PHE E 210 -21.99 26.30 8.84
C PHE E 210 -22.51 24.88 9.02
N ASP E 211 -23.48 24.73 9.90
CA ASP E 211 -24.27 23.52 9.97
C ASP E 211 -25.57 23.83 10.70
N SER E 212 -26.57 22.99 10.44
CA SER E 212 -27.85 23.01 11.15
C SER E 212 -28.02 21.77 12.02
N TYR E 213 -26.92 21.18 12.50
CA TYR E 213 -27.01 19.95 13.31
C TYR E 213 -27.86 20.16 14.56
N ASP E 214 -27.85 21.37 15.12
CA ASP E 214 -28.60 21.70 16.33
C ASP E 214 -29.88 22.46 16.01
N GLU E 215 -30.38 22.36 14.77
CA GLU E 215 -31.57 23.04 14.26
C GLU E 215 -31.27 24.49 13.86
N GLU E 216 -30.88 25.33 14.82
CA GLU E 216 -30.43 26.67 14.46
C GLU E 216 -29.17 26.58 13.61
N ILE E 217 -29.08 27.46 12.62
CA ILE E 217 -27.86 27.53 11.83
C ILE E 217 -26.76 28.09 12.73
N LYS E 218 -25.67 27.34 12.86
CA LYS E 218 -24.48 27.81 13.56
C LYS E 218 -23.38 28.03 12.54
N ILE E 219 -22.79 29.21 12.61
CA ILE E 219 -21.81 29.66 11.63
C ILE E 219 -20.53 29.97 12.37
N ARG E 220 -19.40 29.65 11.75
CA ARG E 220 -18.09 30.06 12.25
C ARG E 220 -17.29 30.69 11.12
N SER E 221 -16.34 31.53 11.50
CA SER E 221 -15.46 32.14 10.51
C SER E 221 -14.04 32.14 11.03
N GLY E 222 -13.11 32.16 10.10
CA GLY E 222 -11.72 32.32 10.40
C GLY E 222 -10.92 31.06 10.32
N GLU E 223 -9.83 31.07 11.08
CA GLU E 223 -8.76 30.10 10.94
C GLU E 223 -9.19 28.71 11.36
N ASN E 224 -10.24 28.59 12.17
CA ASN E 224 -10.64 27.30 12.70
C ASN E 224 -11.82 26.69 11.93
N ALA E 225 -12.13 27.22 10.75
CA ALA E 225 -13.28 26.74 9.99
C ALA E 225 -13.14 25.24 9.68
N LEU E 226 -11.96 24.80 9.24
CA LEU E 226 -11.79 23.38 8.92
C LEU E 226 -11.96 22.49 10.17
N ILE E 227 -11.33 22.88 11.28
CA ILE E 227 -11.39 22.02 12.46
C ILE E 227 -12.83 21.98 12.99
N PHE E 228 -13.54 23.11 12.98
CA PHE E 228 -14.94 23.08 13.42
C PHE E 228 -15.78 22.22 12.49
N PHE E 229 -15.63 22.41 11.18
CA PHE E 229 -16.42 21.62 10.22
C PHE E 229 -16.22 20.12 10.42
N LEU E 230 -14.96 19.70 10.58
CA LEU E 230 -14.70 18.27 10.71
C LEU E 230 -15.23 17.71 12.03
N PHE E 231 -14.96 18.39 13.15
CA PHE E 231 -15.41 17.86 14.44
C PHE E 231 -16.94 17.92 14.56
N ARG E 232 -17.56 18.98 14.04
CA ARG E 232 -19.02 19.04 14.02
C ARG E 232 -19.61 17.90 13.17
N LEU E 233 -19.05 17.68 11.97
CA LEU E 233 -19.51 16.53 11.17
C LEU E 233 -19.30 15.21 11.92
N LEU E 234 -18.16 15.06 12.56
CA LEU E 234 -17.91 13.82 13.31
C LEU E 234 -18.98 13.60 14.38
N GLY E 235 -19.35 14.67 15.08
CA GLY E 235 -20.37 14.54 16.12
C GLY E 235 -21.73 14.18 15.56
N LYS E 236 -22.08 14.76 14.40
CA LYS E 236 -23.31 14.37 13.73
C LYS E 236 -23.28 12.91 13.30
N LEU E 237 -22.20 12.49 12.62
CA LEU E 237 -22.07 11.08 12.24
C LEU E 237 -22.22 10.18 13.47
N GLN E 238 -21.56 10.55 14.56
CA GLN E 238 -21.61 9.73 15.76
C GLN E 238 -23.06 9.53 16.21
N SER E 239 -23.89 10.58 16.10
CA SER E 239 -25.28 10.50 16.54
C SER E 239 -26.12 9.58 15.64
N LEU E 240 -25.67 9.30 14.42
CA LEU E 240 -26.41 8.42 13.53
C LEU E 240 -26.26 6.95 13.86
N GLY E 241 -25.19 6.58 14.53
CA GLY E 241 -24.91 5.18 14.79
C GLY E 241 -24.40 4.51 13.54
N THR E 242 -24.22 3.22 13.64
CA THR E 242 -23.79 2.42 12.49
C THR E 242 -25.01 2.16 11.60
N VAL E 243 -24.79 2.21 10.28
CA VAL E 243 -25.88 1.90 9.35
C VAL E 243 -26.52 0.61 9.83
N PRO E 244 -27.84 0.45 9.69
CA PRO E 244 -28.47 -0.80 10.17
C PRO E 244 -28.16 -1.95 9.25
N ALA E 245 -27.91 -3.10 9.86
CA ALA E 245 -27.71 -4.31 9.09
C ALA E 245 -28.94 -4.59 8.26
N ILE E 246 -28.72 -4.94 7.00
CA ILE E 246 -29.81 -5.28 6.10
C ILE E 246 -29.39 -6.55 5.37
N ASP E 247 -30.39 -7.22 4.81
CA ASP E 247 -30.21 -8.38 3.95
C ASP E 247 -29.80 -7.93 2.55
N TRP E 248 -28.51 -8.05 2.24
CA TRP E 248 -27.96 -7.57 0.98
C TRP E 248 -28.51 -8.32 -0.22
N ARG E 249 -29.18 -9.44 0.00
CA ARG E 249 -29.68 -10.20 -1.11
C ARG E 249 -30.86 -9.54 -1.82
N VAL E 250 -31.41 -8.44 -1.26
CA VAL E 250 -32.34 -7.63 -2.04
C VAL E 250 -31.69 -7.16 -3.33
N TYR E 251 -30.36 -7.04 -3.34
CA TYR E 251 -29.67 -6.62 -4.57
C TYR E 251 -29.62 -7.71 -5.65
N ILE E 252 -29.86 -8.98 -5.32
CA ILE E 252 -29.83 -10.03 -6.33
C ILE E 252 -31.20 -10.61 -6.61
N ASP E 253 -32.23 -10.15 -5.89
CA ASP E 253 -33.53 -10.79 -6.01
C ASP E 253 -34.11 -10.67 -7.41
N SER E 254 -33.74 -9.64 -8.16
CA SER E 254 -34.37 -9.39 -9.45
C SER E 254 -33.63 -10.01 -10.63
N LEU E 255 -32.48 -10.65 -10.41
CA LEU E 255 -31.58 -10.97 -11.50
C LEU E 255 -31.84 -12.37 -12.06
N GLU E 256 -31.67 -12.52 -13.38
CA GLU E 256 -31.92 -13.77 -14.09
C GLU E 256 -30.85 -14.84 -13.80
N ALA F 11 24.68 -28.69 7.94
CA ALA F 11 23.28 -28.64 7.49
C ALA F 11 22.35 -29.32 8.47
N LYS F 12 21.45 -28.54 9.07
CA LYS F 12 20.59 -29.05 10.13
C LYS F 12 19.74 -30.22 9.66
N LYS F 13 19.60 -31.23 10.51
CA LYS F 13 18.55 -32.24 10.36
C LYS F 13 17.31 -31.67 11.03
N LEU F 14 16.31 -31.29 10.24
CA LEU F 14 15.05 -30.76 10.76
C LEU F 14 14.06 -31.92 10.90
N SER F 15 13.59 -32.13 12.14
CA SER F 15 12.55 -33.12 12.40
C SER F 15 11.19 -32.59 11.99
N ARG F 16 10.20 -33.47 11.98
CA ARG F 16 8.87 -33.07 11.53
C ARG F 16 8.21 -32.21 12.59
N ILE F 17 7.52 -31.18 12.13
CA ILE F 17 6.93 -30.15 12.97
C ILE F 17 5.42 -30.36 13.01
N ASN F 18 4.80 -29.85 14.06
CA ASN F 18 3.34 -29.83 14.20
C ASN F 18 2.91 -28.41 14.52
N GLY F 19 1.61 -28.21 14.70
CA GLY F 19 1.10 -26.87 14.92
C GLY F 19 1.65 -26.21 16.18
N ARG F 20 1.81 -26.98 17.26
CA ARG F 20 2.29 -26.36 18.49
C ARG F 20 3.74 -25.89 18.35
N GLU F 21 4.60 -26.72 17.74
CA GLU F 21 5.99 -26.32 17.58
C GLU F 21 6.11 -25.15 16.60
N PHE F 22 5.26 -25.13 15.56
CA PHE F 22 5.31 -23.99 14.64
C PHE F 22 4.86 -22.71 15.34
N LEU F 23 3.82 -22.78 16.17
CA LEU F 23 3.43 -21.63 16.96
C LEU F 23 4.61 -21.12 17.79
N LYS F 24 5.23 -22.02 18.56
CA LYS F 24 6.38 -21.66 19.39
C LYS F 24 7.51 -21.05 18.57
N GLN F 25 7.87 -21.67 17.46
CA GLN F 25 8.97 -21.15 16.66
C GLN F 25 8.60 -19.83 16.01
N SER F 26 7.34 -19.66 15.63
CA SER F 26 6.95 -18.41 14.98
C SER F 26 7.15 -17.23 15.90
N PHE F 27 6.95 -17.41 17.19
CA PHE F 27 7.13 -16.31 18.12
C PHE F 27 8.55 -16.26 18.66
N ASN F 28 9.13 -17.42 18.98
CA ASN F 28 10.47 -17.38 19.55
C ASN F 28 11.49 -16.89 18.54
N LEU F 29 11.31 -17.21 17.26
CA LEU F 29 12.29 -16.73 16.28
C LEU F 29 12.18 -15.21 16.14
N GLN F 30 10.96 -14.68 16.23
CA GLN F 30 10.79 -13.23 16.24
C GLN F 30 11.35 -12.61 17.51
N GLN F 31 11.22 -13.31 18.65
CA GLN F 31 11.87 -12.86 19.88
C GLN F 31 13.38 -12.72 19.69
N GLN F 32 14.01 -13.72 19.07
CA GLN F 32 15.44 -13.65 18.81
C GLN F 32 15.77 -12.50 17.87
N LEU F 33 14.98 -12.34 16.82
CA LEU F 33 15.18 -11.24 15.88
C LEU F 33 15.14 -9.90 16.61
N LEU F 34 14.11 -9.69 17.43
CA LEU F 34 13.99 -8.43 18.16
C LEU F 34 15.20 -8.22 19.08
N ALA F 35 15.68 -9.28 19.73
CA ALA F 35 16.83 -9.11 20.61
C ALA F 35 18.08 -8.72 19.84
N SER F 36 18.30 -9.34 18.67
CA SER F 36 19.41 -8.99 17.81
C SER F 36 19.31 -7.53 17.38
N GLN F 37 18.10 -7.14 16.97
CA GLN F 37 17.87 -5.78 16.50
C GLN F 37 18.09 -4.76 17.62
N LEU F 38 17.54 -5.02 18.80
CA LEU F 38 17.70 -4.08 19.89
C LEU F 38 19.13 -4.06 20.41
N ASN F 39 19.79 -5.22 20.53
CA ASN F 39 21.19 -5.24 20.96
C ASN F 39 22.09 -4.42 20.06
N LEU F 40 21.70 -4.25 18.79
CA LEU F 40 22.48 -3.43 17.88
C LEU F 40 22.27 -1.94 18.14
N SER F 41 21.01 -1.51 18.18
CA SER F 41 20.67 -0.09 18.23
C SER F 41 21.10 0.58 19.54
N ARG F 42 21.67 -0.16 20.48
CA ARG F 42 22.22 0.44 21.68
C ARG F 42 23.16 1.61 21.33
N VAL F 53 17.36 3.14 22.38
CA VAL F 53 17.30 2.06 21.40
C VAL F 53 16.20 2.39 20.45
N ASN F 54 16.24 1.76 19.29
CA ASN F 54 15.27 2.05 18.24
C ASN F 54 14.05 1.16 18.45
N GLU F 55 12.93 1.78 18.81
CA GLU F 55 11.66 1.09 19.05
C GLU F 55 10.98 0.56 17.79
N SER F 56 11.45 0.95 16.59
CA SER F 56 10.78 0.56 15.36
C SER F 56 10.59 -0.95 15.26
N TYR F 57 11.64 -1.71 15.62
CA TYR F 57 11.58 -3.16 15.59
C TYR F 57 10.41 -3.68 16.42
N PHE F 58 10.31 -3.21 17.65
CA PHE F 58 9.21 -3.66 18.49
C PHE F 58 7.87 -3.24 17.90
N LEU F 59 7.77 -2.02 17.39
CA LEU F 59 6.49 -1.54 16.86
C LEU F 59 6.00 -2.46 15.76
N SER F 60 6.88 -2.82 14.80
CA SER F 60 6.51 -3.74 13.73
C SER F 60 5.85 -5.00 14.27
N ILE F 61 6.48 -5.61 15.28
CA ILE F 61 6.05 -6.92 15.73
C ILE F 61 4.72 -6.83 16.47
N ILE F 62 4.59 -5.87 17.40
CA ILE F 62 3.34 -5.82 18.14
C ILE F 62 2.19 -5.36 17.24
N ARG F 63 2.47 -4.47 16.27
CA ARG F 63 1.44 -4.10 15.30
C ARG F 63 1.00 -5.31 14.49
N GLN F 64 1.94 -6.15 14.05
CA GLN F 64 1.58 -7.33 13.26
C GLN F 64 0.71 -8.29 14.09
N TYR F 65 0.98 -8.36 15.39
CA TYR F 65 0.30 -9.32 16.28
C TYR F 65 -1.11 -8.89 16.67
N LEU F 66 -1.29 -7.64 17.06
CA LEU F 66 -2.52 -7.18 17.68
C LEU F 66 -3.71 -7.28 16.73
N PRO F 67 -4.88 -7.59 17.27
CA PRO F 67 -6.11 -7.47 16.49
C PRO F 67 -6.23 -6.07 15.87
N GLU F 68 -6.86 -6.00 14.70
CA GLU F 68 -6.93 -4.73 13.97
C GLU F 68 -7.78 -3.69 14.68
N ARG F 69 -8.57 -4.09 15.68
CA ARG F 69 -9.24 -3.07 16.49
C ARG F 69 -8.23 -2.19 17.23
N TYR F 70 -6.98 -2.65 17.35
CA TYR F 70 -5.94 -1.87 18.00
C TYR F 70 -5.01 -1.28 16.93
N SER F 71 -4.60 -0.05 17.16
CA SER F 71 -3.52 0.57 16.42
C SER F 71 -2.37 0.78 17.38
N VAL F 72 -1.14 0.81 16.87
CA VAL F 72 -0.01 1.08 17.76
C VAL F 72 1.02 1.92 17.01
N ASP F 73 1.53 2.97 17.67
CA ASP F 73 2.54 3.79 17.04
C ASP F 73 3.23 4.65 18.09
N ARG F 74 4.37 5.19 17.68
CA ARG F 74 5.07 6.20 18.47
C ARG F 74 4.34 7.53 18.38
N GLY F 75 4.30 8.29 19.47
CA GLY F 75 3.66 9.59 19.40
C GLY F 75 3.51 10.23 20.76
N VAL F 76 2.60 11.21 20.80
CA VAL F 76 2.29 12.04 21.96
C VAL F 76 0.79 11.97 22.20
N VAL F 77 0.41 11.83 23.45
CA VAL F 77 -1.00 11.85 23.84
C VAL F 77 -1.37 13.27 24.27
N VAL F 78 -2.55 13.72 23.83
CA VAL F 78 -3.06 15.05 24.13
C VAL F 78 -4.44 14.92 24.74
N ASP F 79 -4.84 15.92 25.54
CA ASP F 79 -6.21 15.96 26.04
C ASP F 79 -6.91 17.23 25.57
N SER F 80 -8.21 17.28 25.87
CA SER F 80 -9.07 18.37 25.41
C SER F 80 -8.80 19.67 26.16
N GLU F 81 -8.02 19.63 27.23
CA GLU F 81 -7.55 20.82 27.90
C GLU F 81 -6.22 21.33 27.35
N GLY F 82 -5.65 20.62 26.37
CA GLY F 82 -4.44 21.06 25.72
C GLY F 82 -3.15 20.58 26.35
N GLN F 83 -3.24 19.77 27.39
CA GLN F 83 -2.04 19.19 27.99
C GLN F 83 -1.60 17.98 27.19
N THR F 84 -0.29 17.72 27.23
CA THR F 84 0.30 16.63 26.46
C THR F 84 1.13 15.74 27.37
N SER F 85 1.20 14.46 27.00
CA SER F 85 2.13 13.53 27.62
C SER F 85 3.55 13.86 27.20
N ASP F 86 4.51 13.11 27.75
CA ASP F 86 5.82 13.05 27.11
C ASP F 86 5.71 12.25 25.81
N GLN F 87 6.82 12.16 25.07
CA GLN F 87 6.84 11.32 23.88
C GLN F 87 6.83 9.84 24.28
N ILE F 88 5.97 9.07 23.64
CA ILE F 88 5.76 7.67 24.01
C ILE F 88 6.22 6.80 22.85
N ASP F 89 7.02 5.78 23.17
CA ASP F 89 7.55 4.87 22.17
C ASP F 89 6.46 4.08 21.47
N ALA F 90 5.53 3.51 22.25
CA ALA F 90 4.49 2.68 21.65
C ALA F 90 3.19 2.98 22.39
N VAL F 91 2.28 3.68 21.71
CA VAL F 91 0.94 3.91 22.21
C VAL F 91 0.01 2.94 21.52
N ILE F 92 -0.74 2.17 22.30
CA ILE F 92 -1.78 1.31 21.76
C ILE F 92 -3.11 2.03 21.93
N PHE F 93 -3.78 2.27 20.81
CA PHE F 93 -4.93 3.17 20.80
C PHE F 93 -5.96 2.75 19.76
N ASP F 94 -7.11 3.41 19.82
CA ASP F 94 -8.18 3.19 18.88
C ASP F 94 -8.12 4.14 17.70
N ARG F 95 -8.37 3.61 16.50
CA ARG F 95 -8.66 4.42 15.33
C ARG F 95 -10.01 4.11 14.70
N HIS F 96 -10.74 3.10 15.18
CA HIS F 96 -11.99 2.71 14.53
C HIS F 96 -13.09 3.73 14.80
N TYR F 97 -13.08 4.30 16.00
CA TYR F 97 -14.13 5.19 16.48
C TYR F 97 -13.63 6.62 16.68
N THR F 98 -12.31 6.82 16.59
CA THR F 98 -11.60 7.98 17.06
C THR F 98 -11.04 8.70 15.86
N PRO F 99 -11.18 10.03 15.76
CA PRO F 99 -10.56 10.76 14.66
C PRO F 99 -9.05 10.78 14.77
N THR F 100 -8.42 11.06 13.64
CA THR F 100 -6.99 11.29 13.54
C THR F 100 -6.78 12.79 13.45
N LEU F 101 -5.88 13.32 14.28
CA LEU F 101 -5.63 14.76 14.31
C LEU F 101 -4.62 15.13 13.23
N LEU F 102 -4.85 14.66 12.01
CA LEU F 102 -4.02 14.99 10.84
C LEU F 102 -2.54 14.71 11.12
N ASP F 103 -2.25 13.56 11.74
CA ASP F 103 -0.89 13.10 11.95
C ASP F 103 -0.51 12.04 10.90
N GLN F 104 0.68 11.44 11.04
CA GLN F 104 1.07 10.35 10.13
C GLN F 104 1.96 9.38 10.90
N GLN F 105 2.18 8.19 10.29
CA GLN F 105 2.89 7.13 10.98
C GLN F 105 4.24 7.61 11.52
N GLY F 106 4.55 7.17 12.73
CA GLY F 106 5.79 7.51 13.37
C GLY F 106 5.74 8.73 14.24
N HIS F 107 4.69 9.55 14.11
CA HIS F 107 4.57 10.81 14.86
C HIS F 107 3.09 11.11 15.14
N ARG F 108 2.46 10.30 16.00
CA ARG F 108 1.03 10.43 16.22
C ARG F 108 0.77 11.47 17.30
N PHE F 109 -0.42 12.04 17.25
CA PHE F 109 -0.90 13.04 18.21
C PHE F 109 -2.29 12.54 18.63
N ILE F 110 -2.36 11.82 19.74
CA ILE F 110 -3.46 10.88 20.01
C ILE F 110 -4.32 11.43 21.14
N PRO F 111 -5.65 11.53 20.95
CA PRO F 111 -6.52 11.93 22.07
C PRO F 111 -6.45 10.93 23.21
N ALA F 112 -6.41 11.46 24.44
CA ALA F 112 -6.22 10.60 25.60
C ALA F 112 -7.33 9.56 25.75
N GLU F 113 -8.57 9.89 25.38
CA GLU F 113 -9.69 8.97 25.48
C GLU F 113 -9.58 7.78 24.54
N ALA F 114 -8.63 7.81 23.60
CA ALA F 114 -8.43 6.71 22.66
C ALA F 114 -7.40 5.70 23.13
N VAL F 115 -6.75 5.93 24.27
CA VAL F 115 -5.53 5.22 24.59
C VAL F 115 -5.88 4.00 25.43
N TYR F 116 -5.34 2.83 25.05
CA TYR F 116 -5.45 1.58 25.81
C TYR F 116 -4.23 1.33 26.68
N ALA F 117 -3.04 1.58 26.14
CA ALA F 117 -1.80 1.25 26.83
C ALA F 117 -0.65 2.03 26.24
N VAL F 118 0.41 2.15 27.04
CA VAL F 118 1.63 2.84 26.64
C VAL F 118 2.82 1.97 27.05
N LEU F 119 3.76 1.79 26.11
CA LEU F 119 4.95 0.99 26.36
C LEU F 119 6.18 1.81 26.01
N GLU F 120 7.20 1.69 26.84
CA GLU F 120 8.46 2.40 26.69
C GLU F 120 9.56 1.39 26.41
N VAL F 121 10.36 1.63 25.37
CA VAL F 121 11.42 0.71 24.98
C VAL F 121 12.74 1.27 25.47
N LYS F 122 13.48 0.46 26.21
CA LYS F 122 14.71 0.85 26.88
C LYS F 122 15.76 -0.23 26.70
N PRO F 123 17.03 0.07 26.97
CA PRO F 123 18.06 -0.96 26.80
C PRO F 123 17.94 -2.09 27.80
N THR F 124 17.59 -1.78 29.05
CA THR F 124 17.51 -2.81 30.05
C THR F 124 16.44 -2.45 31.09
N ILE F 125 16.04 -3.44 31.86
CA ILE F 125 15.15 -3.24 32.99
C ILE F 125 16.03 -3.12 34.23
N ASN F 126 16.24 -1.89 34.69
CA ASN F 126 16.80 -1.62 36.00
C ASN F 126 15.93 -0.58 36.67
N LYS F 127 16.39 -0.04 37.80
CA LYS F 127 15.60 0.92 38.56
C LYS F 127 15.49 2.25 37.83
N THR F 128 16.57 2.68 37.18
CA THR F 128 16.56 3.96 36.47
C THR F 128 15.55 3.94 35.33
N TYR F 129 15.52 2.84 34.55
CA TYR F 129 14.64 2.78 33.39
C TYR F 129 13.20 2.46 33.77
N LEU F 130 12.98 1.70 34.85
CA LEU F 130 11.62 1.54 35.37
C LEU F 130 11.05 2.87 35.83
N GLU F 131 11.86 3.68 36.52
CA GLU F 131 11.39 5.00 36.94
C GLU F 131 11.09 5.88 35.72
N TYR F 132 11.96 5.83 34.71
CA TYR F 132 11.73 6.62 33.50
C TYR F 132 10.48 6.16 32.77
N ALA F 133 10.28 4.83 32.67
CA ALA F 133 9.06 4.33 32.06
C ALA F 133 7.83 4.72 32.87
N ALA F 134 7.97 4.78 34.20
CA ALA F 134 6.85 5.21 35.02
C ALA F 134 6.57 6.70 34.87
N ASP F 135 7.63 7.52 34.78
CA ASP F 135 7.46 8.93 34.43
C ASP F 135 6.62 9.08 33.17
N LYS F 136 6.97 8.33 32.12
CA LYS F 136 6.24 8.40 30.86
C LYS F 136 4.77 8.02 31.06
N ALA F 137 4.54 6.92 31.77
CA ALA F 137 3.19 6.46 32.01
C ALA F 137 2.39 7.52 32.77
N ALA F 138 3.02 8.20 33.74
CA ALA F 138 2.30 9.18 34.52
C ALA F 138 1.93 10.39 33.67
N SER F 139 2.79 10.76 32.71
CA SER F 139 2.48 11.90 31.85
C SER F 139 1.25 11.62 30.97
N VAL F 140 0.95 10.36 30.73
CA VAL F 140 -0.25 9.99 29.99
C VAL F 140 -1.44 9.85 30.94
N ARG F 141 -1.25 9.21 32.08
CA ARG F 141 -2.37 8.94 32.97
C ARG F 141 -2.89 10.20 33.65
N LYS F 142 -2.05 11.23 33.79
CA LYS F 142 -2.51 12.50 34.38
C LYS F 142 -3.43 13.28 33.45
N LEU F 143 -3.38 13.03 32.15
CA LEU F 143 -4.21 13.77 31.20
C LEU F 143 -5.70 13.56 31.48
N TYR F 144 -6.50 14.57 31.12
CA TYR F 144 -7.94 14.54 31.36
C TYR F 144 -8.68 13.78 30.28
N ARG F 145 -9.52 12.84 30.70
CA ARG F 145 -10.32 12.03 29.80
C ARG F 145 -11.79 12.36 30.03
N THR F 146 -12.46 12.88 29.00
CA THR F 146 -13.84 13.34 29.15
C THR F 146 -14.81 12.17 29.27
N SER F 147 -15.95 12.45 29.89
CA SER F 147 -17.07 11.54 29.98
C SER F 147 -18.30 12.09 29.27
N THR F 148 -18.20 13.24 28.61
CA THR F 148 -19.29 13.74 27.79
C THR F 148 -19.58 12.80 26.63
N VAL F 149 -20.86 12.53 26.37
CA VAL F 149 -21.24 11.62 25.29
C VAL F 149 -21.97 12.31 24.11
N VAL F 160 -20.36 6.80 30.52
CA VAL F 160 -18.98 6.41 30.27
C VAL F 160 -18.35 5.81 31.52
N GLU F 161 -17.55 4.76 31.32
CA GLU F 161 -16.75 4.17 32.39
C GLU F 161 -15.32 4.02 31.88
N HIS F 162 -14.46 4.98 32.21
CA HIS F 162 -13.08 4.91 31.79
C HIS F 162 -12.34 3.83 32.59
N PHE F 163 -11.40 3.17 31.93
CA PHE F 163 -10.59 2.16 32.61
C PHE F 163 -9.16 2.67 32.74
N PRO F 164 -8.38 2.09 33.65
CA PRO F 164 -6.99 2.54 33.81
C PRO F 164 -6.15 2.18 32.59
N ILE F 165 -5.32 3.13 32.17
CA ILE F 165 -4.42 2.90 31.06
C ILE F 165 -3.36 1.89 31.49
N VAL F 166 -3.07 0.90 30.62
CA VAL F 166 -2.03 -0.09 30.90
C VAL F 166 -0.68 0.50 30.49
N ALA F 167 0.35 0.29 31.31
CA ALA F 167 1.67 0.82 31.02
C ALA F 167 2.73 -0.24 31.27
N GLY F 168 3.81 -0.18 30.49
CA GLY F 168 4.84 -1.20 30.60
C GLY F 168 6.17 -0.78 30.02
N ILE F 169 7.13 -1.70 30.11
CA ILE F 169 8.51 -1.45 29.69
C ILE F 169 8.97 -2.62 28.84
N VAL F 170 9.72 -2.30 27.79
CA VAL F 170 10.26 -3.30 26.87
C VAL F 170 11.76 -3.05 26.76
N ALA F 171 12.54 -4.08 26.99
CA ALA F 171 14.00 -3.92 26.96
C ALA F 171 14.62 -5.21 26.47
N ILE F 172 15.94 -5.19 26.34
CA ILE F 172 16.68 -6.38 25.93
C ILE F 172 16.86 -7.32 27.11
N ASP F 173 17.46 -6.83 28.19
CA ASP F 173 17.76 -7.69 29.32
C ASP F 173 17.37 -7.03 30.64
N VAL F 174 17.70 -7.68 31.75
CA VAL F 174 17.42 -7.20 33.09
C VAL F 174 18.75 -7.10 33.83
N GLU F 175 19.01 -5.94 34.44
CA GLU F 175 20.33 -5.66 34.98
C GLU F 175 20.62 -6.46 36.25
N TRP F 176 19.60 -6.90 36.97
CA TRP F 176 19.82 -7.58 38.25
C TRP F 176 20.30 -9.02 38.05
N GLN F 177 21.31 -9.41 38.82
CA GLN F 177 21.70 -10.82 38.95
C GLN F 177 20.48 -11.69 39.13
N ASP F 178 19.53 -11.20 39.93
CA ASP F 178 18.30 -11.89 40.26
C ASP F 178 17.38 -12.07 39.06
N GLY F 179 17.64 -11.37 37.96
CA GLY F 179 16.63 -11.28 36.92
C GLY F 179 15.48 -10.41 37.41
N LEU F 180 14.25 -10.86 37.11
CA LEU F 180 13.04 -10.22 37.63
C LEU F 180 12.74 -10.85 39.00
N GLY F 181 13.64 -10.58 39.94
CA GLY F 181 13.63 -11.30 41.20
C GLY F 181 13.29 -10.44 42.39
N LYS F 182 13.93 -10.75 43.52
CA LYS F 182 13.67 -10.03 44.77
C LYS F 182 13.71 -8.51 44.58
N ALA F 183 14.83 -7.99 44.09
CA ALA F 183 14.99 -6.54 44.03
C ALA F 183 14.01 -5.92 43.05
N PHE F 184 13.73 -6.60 41.94
CA PHE F 184 12.76 -6.07 40.99
C PHE F 184 11.37 -5.95 41.61
N THR F 185 10.86 -7.04 42.17
CA THR F 185 9.56 -6.99 42.84
C THR F 185 9.54 -5.90 43.91
N GLU F 186 10.63 -5.76 44.66
CA GLU F 186 10.72 -4.69 45.66
C GLU F 186 10.59 -3.31 45.02
N ASN F 187 11.08 -3.16 43.78
CA ASN F 187 11.03 -1.86 43.12
C ASN F 187 9.61 -1.46 42.72
N LEU F 188 8.79 -2.43 42.28
CA LEU F 188 7.39 -2.12 42.00
C LEU F 188 6.63 -1.78 43.28
N GLN F 189 6.88 -2.53 44.36
CA GLN F 189 6.15 -2.30 45.60
C GLN F 189 6.30 -0.87 46.08
N ALA F 190 7.52 -0.32 46.02
CA ALA F 190 7.74 1.05 46.47
C ALA F 190 7.09 2.07 45.56
N VAL F 191 6.82 1.69 44.31
CA VAL F 191 6.06 2.52 43.37
C VAL F 191 4.61 2.06 43.28
N SER F 192 4.20 1.13 44.14
CA SER F 192 2.82 0.68 44.17
C SER F 192 1.87 1.79 44.57
N SER F 193 2.35 2.73 45.40
CA SER F 193 1.49 3.72 46.01
C SER F 193 0.79 4.59 44.96
N ASP F 194 1.50 4.96 43.90
CA ASP F 194 1.01 5.92 42.92
C ASP F 194 0.46 5.17 41.71
N GLU F 195 -0.86 5.13 41.59
CA GLU F 195 -1.49 4.44 40.47
C GLU F 195 -1.10 5.06 39.13
N ASN F 196 -0.60 6.30 39.10
CA ASN F 196 -0.23 6.90 37.82
C ASN F 196 1.15 6.44 37.33
N ARG F 197 2.00 5.97 38.22
CA ARG F 197 3.32 5.47 37.88
C ARG F 197 3.36 3.95 37.74
N LYS F 198 2.22 3.29 37.93
CA LYS F 198 2.17 1.83 37.89
C LYS F 198 2.65 1.30 36.55
N LEU F 199 3.53 0.30 36.60
CA LEU F 199 3.93 -0.43 35.39
C LEU F 199 3.30 -1.81 35.46
N ASP F 200 2.30 -2.05 34.59
CA ASP F 200 1.52 -3.28 34.62
C ASP F 200 2.30 -4.47 34.07
N CYS F 201 3.23 -4.23 33.16
CA CYS F 201 3.80 -5.36 32.43
C CYS F 201 5.18 -4.99 31.90
N GLY F 202 5.92 -6.02 31.51
CA GLY F 202 7.22 -5.77 30.93
C GLY F 202 7.77 -6.97 30.20
N LEU F 203 8.68 -6.68 29.28
CA LEU F 203 9.33 -7.72 28.48
C LEU F 203 10.80 -7.42 28.38
N ALA F 204 11.63 -8.40 28.72
CA ALA F 204 13.03 -8.43 28.32
C ALA F 204 13.16 -9.49 27.24
N VAL F 205 13.43 -9.08 26.00
CA VAL F 205 13.40 -10.05 24.90
C VAL F 205 14.54 -11.06 24.97
N SER F 206 15.55 -10.84 25.81
CA SER F 206 16.51 -11.90 26.12
C SER F 206 15.83 -13.13 26.70
N GLY F 207 14.64 -12.97 27.31
CA GLY F 207 13.89 -14.11 27.79
C GLY F 207 13.23 -13.93 29.14
N ALA F 208 12.51 -12.84 29.36
CA ALA F 208 11.78 -12.70 30.62
C ALA F 208 10.62 -11.75 30.43
N CYS F 209 9.55 -11.97 31.17
CA CYS F 209 8.44 -11.01 31.15
C CYS F 209 7.76 -11.05 32.50
N PHE F 210 6.95 -10.03 32.74
CA PHE F 210 6.15 -9.95 33.96
C PHE F 210 4.86 -9.22 33.65
N ASP F 211 3.87 -9.45 34.50
CA ASP F 211 2.71 -8.57 34.56
C ASP F 211 2.06 -8.74 35.92
N SER F 212 1.12 -7.84 36.21
CA SER F 212 0.30 -7.91 37.41
C SER F 212 -1.18 -7.91 37.05
N TYR F 213 -1.52 -8.44 35.86
CA TYR F 213 -2.90 -8.46 35.44
C TYR F 213 -3.78 -9.23 36.43
N ASP F 214 -3.22 -10.22 37.10
CA ASP F 214 -3.97 -11.04 38.06
C ASP F 214 -3.72 -10.62 39.52
N GLU F 215 -3.42 -9.35 39.76
CA GLU F 215 -3.09 -8.82 41.08
C GLU F 215 -1.68 -9.25 41.51
N GLU F 216 -1.49 -10.55 41.72
CA GLU F 216 -0.15 -11.06 41.97
C GLU F 216 0.74 -10.80 40.76
N ILE F 217 2.02 -10.53 41.01
CA ILE F 217 2.98 -10.36 39.91
C ILE F 217 3.34 -11.75 39.39
N LYS F 218 3.09 -11.99 38.12
CA LYS F 218 3.42 -13.26 37.48
C LYS F 218 4.63 -13.03 36.59
N ILE F 219 5.62 -13.90 36.71
CA ILE F 219 6.88 -13.80 35.99
C ILE F 219 7.11 -15.06 35.17
N ARG F 220 7.61 -14.91 33.94
CA ARG F 220 8.03 -16.04 33.12
C ARG F 220 9.43 -15.81 32.58
N SER F 221 10.07 -16.91 32.21
CA SER F 221 11.41 -16.87 31.67
C SER F 221 11.45 -17.73 30.41
N GLY F 222 12.43 -17.46 29.56
CA GLY F 222 12.80 -18.39 28.52
C GLY F 222 12.30 -18.02 27.14
N GLU F 223 12.30 -19.05 26.28
CA GLU F 223 12.07 -18.88 24.84
C GLU F 223 10.65 -18.43 24.53
N ASN F 224 9.72 -18.53 25.48
CA ASN F 224 8.35 -18.15 25.21
C ASN F 224 7.98 -16.79 25.81
N ALA F 225 8.97 -16.01 26.24
CA ALA F 225 8.69 -14.75 26.90
C ALA F 225 7.88 -13.83 25.98
N LEU F 226 8.24 -13.78 24.71
CA LEU F 226 7.51 -12.86 23.82
C LEU F 226 6.07 -13.32 23.64
N ILE F 227 5.84 -14.61 23.34
CA ILE F 227 4.45 -15.05 23.12
C ILE F 227 3.65 -14.88 24.41
N PHE F 228 4.28 -15.09 25.55
CA PHE F 228 3.61 -14.87 26.83
C PHE F 228 3.24 -13.40 27.01
N PHE F 229 4.21 -12.51 26.79
CA PHE F 229 3.95 -11.08 26.96
C PHE F 229 2.80 -10.64 26.05
N LEU F 230 2.85 -11.06 24.80
CA LEU F 230 1.86 -10.60 23.82
C LEU F 230 0.47 -11.14 24.14
N PHE F 231 0.34 -12.46 24.38
CA PHE F 231 -0.97 -13.01 24.68
C PHE F 231 -1.51 -12.51 26.02
N ARG F 232 -0.65 -12.32 27.04
CA ARG F 232 -1.14 -11.79 28.30
C ARG F 232 -1.64 -10.36 28.12
N LEU F 233 -0.91 -9.56 27.33
CA LEU F 233 -1.34 -8.19 27.06
C LEU F 233 -2.66 -8.17 26.31
N LEU F 234 -2.78 -9.03 25.30
CA LEU F 234 -4.06 -9.13 24.59
C LEU F 234 -5.19 -9.52 25.54
N GLY F 235 -4.93 -10.47 26.44
CA GLY F 235 -5.93 -10.80 27.44
C GLY F 235 -6.32 -9.61 28.32
N LYS F 236 -5.33 -8.82 28.76
CA LYS F 236 -5.66 -7.64 29.54
C LYS F 236 -6.44 -6.62 28.69
N LEU F 237 -5.96 -6.31 27.48
CA LEU F 237 -6.72 -5.39 26.63
C LEU F 237 -8.15 -5.87 26.43
N GLN F 238 -8.33 -7.17 26.18
CA GLN F 238 -9.65 -7.73 25.96
C GLN F 238 -10.56 -7.46 27.13
N SER F 239 -10.04 -7.67 28.35
CA SER F 239 -10.83 -7.44 29.55
C SER F 239 -11.28 -5.98 29.65
N LEU F 240 -10.54 -5.06 29.07
CA LEU F 240 -10.94 -3.65 29.17
C LEU F 240 -12.05 -3.29 28.20
N GLY F 241 -12.14 -4.00 27.07
CA GLY F 241 -13.09 -3.67 26.02
C GLY F 241 -12.70 -2.40 25.25
N THR F 242 -13.66 -1.95 24.46
CA THR F 242 -13.41 -0.79 23.59
C THR F 242 -13.41 0.49 24.42
N VAL F 243 -12.53 1.42 24.07
CA VAL F 243 -12.51 2.72 24.75
C VAL F 243 -13.91 3.29 24.67
N PRO F 244 -14.42 3.90 25.75
CA PRO F 244 -15.80 4.40 25.72
C PRO F 244 -15.99 5.52 24.72
N ALA F 245 -17.15 5.54 24.09
CA ALA F 245 -17.46 6.54 23.07
C ALA F 245 -17.76 7.87 23.72
N ILE F 246 -17.14 8.94 23.24
CA ILE F 246 -17.26 10.24 23.88
C ILE F 246 -17.53 11.31 22.82
N ASP F 247 -17.94 12.47 23.31
CA ASP F 247 -18.25 13.62 22.44
C ASP F 247 -16.95 14.35 22.13
N TRP F 248 -16.40 14.10 20.94
CA TRP F 248 -15.10 14.65 20.53
C TRP F 248 -15.10 16.17 20.43
N ARG F 249 -16.26 16.79 20.45
CA ARG F 249 -16.30 18.25 20.30
C ARG F 249 -15.82 18.97 21.55
N VAL F 250 -15.55 18.26 22.65
CA VAL F 250 -14.83 18.88 23.74
C VAL F 250 -13.47 19.40 23.27
N TYR F 251 -12.90 18.82 22.20
CA TYR F 251 -11.59 19.26 21.71
C TYR F 251 -11.65 20.62 21.01
N ILE F 252 -12.83 21.07 20.59
CA ILE F 252 -12.98 22.35 19.90
C ILE F 252 -13.71 23.39 20.73
N ASP F 253 -14.07 23.07 21.99
CA ASP F 253 -14.98 23.93 22.72
C ASP F 253 -14.37 25.28 23.08
N SER F 254 -13.07 25.36 23.25
CA SER F 254 -12.42 26.60 23.66
C SER F 254 -11.87 27.39 22.47
N LEU F 255 -12.01 26.88 21.26
CA LEU F 255 -11.56 27.58 20.08
C LEU F 255 -12.58 28.62 19.63
N GLU F 256 -12.10 29.58 18.86
CA GLU F 256 -12.97 30.57 18.26
C GLU F 256 -12.89 30.51 16.73
#